data_1FE3
# 
_entry.id   1FE3 
# 
_audit_conform.dict_name       mmcif_pdbx.dic 
_audit_conform.dict_version    5.385 
_audit_conform.dict_location   http://mmcif.pdb.org/dictionaries/ascii/mmcif_pdbx.dic 
# 
loop_
_database_2.database_id 
_database_2.database_code 
_database_2.pdbx_database_accession 
_database_2.pdbx_DOI 
PDB   1FE3         pdb_00001fe3 10.2210/pdb1fe3/pdb 
RCSB  RCSB011505   ?            ?                   
WWPDB D_1000011505 ?            ?                   
# 
loop_
_pdbx_audit_revision_history.ordinal 
_pdbx_audit_revision_history.data_content_type 
_pdbx_audit_revision_history.major_revision 
_pdbx_audit_revision_history.minor_revision 
_pdbx_audit_revision_history.revision_date 
1 'Structure model' 1 0 2001-07-25 
2 'Structure model' 1 1 2008-04-27 
3 'Structure model' 1 2 2011-07-13 
4 'Structure model' 1 3 2017-10-04 
5 'Structure model' 1 4 2024-02-07 
# 
_pdbx_audit_revision_details.ordinal             1 
_pdbx_audit_revision_details.revision_ordinal    1 
_pdbx_audit_revision_details.data_content_type   'Structure model' 
_pdbx_audit_revision_details.provider            repository 
_pdbx_audit_revision_details.type                'Initial release' 
_pdbx_audit_revision_details.description         ? 
_pdbx_audit_revision_details.details             ? 
# 
loop_
_pdbx_audit_revision_group.ordinal 
_pdbx_audit_revision_group.revision_ordinal 
_pdbx_audit_revision_group.data_content_type 
_pdbx_audit_revision_group.group 
1 2 'Structure model' 'Version format compliance' 
2 3 'Structure model' 'Version format compliance' 
3 4 'Structure model' 'Refinement description'    
4 5 'Structure model' 'Data collection'           
5 5 'Structure model' 'Database references'       
6 5 'Structure model' 'Derived calculations'      
# 
loop_
_pdbx_audit_revision_category.ordinal 
_pdbx_audit_revision_category.revision_ordinal 
_pdbx_audit_revision_category.data_content_type 
_pdbx_audit_revision_category.category 
1 4 'Structure model' software       
2 5 'Structure model' chem_comp_atom 
3 5 'Structure model' chem_comp_bond 
4 5 'Structure model' database_2     
5 5 'Structure model' struct_site    
# 
loop_
_pdbx_audit_revision_item.ordinal 
_pdbx_audit_revision_item.revision_ordinal 
_pdbx_audit_revision_item.data_content_type 
_pdbx_audit_revision_item.item 
1 4 'Structure model' '_software.name'                      
2 5 'Structure model' '_database_2.pdbx_DOI'                
3 5 'Structure model' '_database_2.pdbx_database_accession' 
4 5 'Structure model' '_struct_site.pdbx_auth_asym_id'      
5 5 'Structure model' '_struct_site.pdbx_auth_comp_id'      
6 5 'Structure model' '_struct_site.pdbx_auth_seq_id'       
# 
_pdbx_database_status.status_code                     REL 
_pdbx_database_status.entry_id                        1FE3 
_pdbx_database_status.recvd_initial_deposition_date   2000-07-20 
_pdbx_database_status.deposit_site                    RCSB 
_pdbx_database_status.process_site                    RCSB 
_pdbx_database_status.SG_entry                        . 
_pdbx_database_status.pdb_format_compatible           Y 
_pdbx_database_status.status_code_mr                  ? 
_pdbx_database_status.status_code_sf                  ? 
_pdbx_database_status.status_code_cs                  ? 
_pdbx_database_status.methods_development_category    ? 
_pdbx_database_status.status_code_nmr_data            ? 
# 
_pdbx_database_related.db_name        PDB 
_pdbx_database_related.db_id          1FDQ 
_pdbx_database_related.details        
;HUMAN BRAIN FATTY ACID BINDING PROTEIN  
DHA
;
_pdbx_database_related.content_type   unspecified 
# 
_audit_author.name           'Balendiran, G.K.' 
_audit_author.pdbx_ordinal   1 
# 
_citation.id                        primary 
_citation.title                     'Crystal structure and thermodynamic analysis of human brain fatty acid-binding protein.' 
_citation.journal_abbrev            J.Biol.Chem. 
_citation.journal_volume            275 
_citation.page_first                27045 
_citation.page_last                 27054 
_citation.year                      2000 
_citation.journal_id_ASTM           JBCHA3 
_citation.country                   US 
_citation.journal_id_ISSN           0021-9258 
_citation.journal_id_CSD            0071 
_citation.book_publisher            ? 
_citation.pdbx_database_id_PubMed   10854433 
_citation.pdbx_database_id_DOI      ? 
# 
loop_
_citation_author.citation_id 
_citation_author.name 
_citation_author.ordinal 
_citation_author.identifier_ORCID 
primary 'Balendiran, G.K.'  1 ? 
primary 'Schnutgen, F.'     2 ? 
primary 'Scapin, G.'        3 ? 
primary 'Borchers, T.'      4 ? 
primary 'Xhong, N.'         5 ? 
primary 'Lim, K.'           6 ? 
primary 'Godbout, R.'       7 ? 
primary 'Spener, F.'        8 ? 
primary 'Sacchettini, J.C.' 9 ? 
# 
loop_
_entity.id 
_entity.type 
_entity.src_method 
_entity.pdbx_description 
_entity.formula_weight 
_entity.pdbx_number_of_molecules 
_entity.pdbx_ec 
_entity.pdbx_mutation 
_entity.pdbx_fragment 
_entity.details 
1 polymer     nat 'FATTY ACID-BINDING PROTEIN, BRAIN' 14776.702 1 ? ? ? ? 
2 non-polymer syn 'OLEIC ACID'                        282.461   1 ? ? ? ? 
# 
_entity_name_com.entity_id   1 
_entity_name_com.name        'BRAIN LIPID-BINDING PROTEIN' 
# 
_entity_poly.entity_id                      1 
_entity_poly.type                           'polypeptide(L)' 
_entity_poly.nstd_linkage                   no 
_entity_poly.nstd_monomer                   no 
_entity_poly.pdbx_seq_one_letter_code       
;VEAFCATWKLTNSQNFDEYMKALGVGFATRQVGNVTKPTVIISQEGDKVVIRTLSTFKNTEISFQLGEEFDETTADDRNC
KSVVSLDGDKLVHIQKWDGKETNFVREIKDGKMVMTLTFGDVVAVRHYEKA
;
_entity_poly.pdbx_seq_one_letter_code_can   
;VEAFCATWKLTNSQNFDEYMKALGVGFATRQVGNVTKPTVIISQEGDKVVIRTLSTFKNTEISFQLGEEFDETTADDRNC
KSVVSLDGDKLVHIQKWDGKETNFVREIKDGKMVMTLTFGDVVAVRHYEKA
;
_entity_poly.pdbx_strand_id                 A 
_entity_poly.pdbx_target_identifier         ? 
# 
_pdbx_entity_nonpoly.entity_id   2 
_pdbx_entity_nonpoly.name        'OLEIC ACID' 
_pdbx_entity_nonpoly.comp_id     OLA 
# 
loop_
_entity_poly_seq.entity_id 
_entity_poly_seq.num 
_entity_poly_seq.mon_id 
_entity_poly_seq.hetero 
1 1   VAL n 
1 2   GLU n 
1 3   ALA n 
1 4   PHE n 
1 5   CYS n 
1 6   ALA n 
1 7   THR n 
1 8   TRP n 
1 9   LYS n 
1 10  LEU n 
1 11  THR n 
1 12  ASN n 
1 13  SER n 
1 14  GLN n 
1 15  ASN n 
1 16  PHE n 
1 17  ASP n 
1 18  GLU n 
1 19  TYR n 
1 20  MET n 
1 21  LYS n 
1 22  ALA n 
1 23  LEU n 
1 24  GLY n 
1 25  VAL n 
1 26  GLY n 
1 27  PHE n 
1 28  ALA n 
1 29  THR n 
1 30  ARG n 
1 31  GLN n 
1 32  VAL n 
1 33  GLY n 
1 34  ASN n 
1 35  VAL n 
1 36  THR n 
1 37  LYS n 
1 38  PRO n 
1 39  THR n 
1 40  VAL n 
1 41  ILE n 
1 42  ILE n 
1 43  SER n 
1 44  GLN n 
1 45  GLU n 
1 46  GLY n 
1 47  ASP n 
1 48  LYS n 
1 49  VAL n 
1 50  VAL n 
1 51  ILE n 
1 52  ARG n 
1 53  THR n 
1 54  LEU n 
1 55  SER n 
1 56  THR n 
1 57  PHE n 
1 58  LYS n 
1 59  ASN n 
1 60  THR n 
1 61  GLU n 
1 62  ILE n 
1 63  SER n 
1 64  PHE n 
1 65  GLN n 
1 66  LEU n 
1 67  GLY n 
1 68  GLU n 
1 69  GLU n 
1 70  PHE n 
1 71  ASP n 
1 72  GLU n 
1 73  THR n 
1 74  THR n 
1 75  ALA n 
1 76  ASP n 
1 77  ASP n 
1 78  ARG n 
1 79  ASN n 
1 80  CYS n 
1 81  LYS n 
1 82  SER n 
1 83  VAL n 
1 84  VAL n 
1 85  SER n 
1 86  LEU n 
1 87  ASP n 
1 88  GLY n 
1 89  ASP n 
1 90  LYS n 
1 91  LEU n 
1 92  VAL n 
1 93  HIS n 
1 94  ILE n 
1 95  GLN n 
1 96  LYS n 
1 97  TRP n 
1 98  ASP n 
1 99  GLY n 
1 100 LYS n 
1 101 GLU n 
1 102 THR n 
1 103 ASN n 
1 104 PHE n 
1 105 VAL n 
1 106 ARG n 
1 107 GLU n 
1 108 ILE n 
1 109 LYS n 
1 110 ASP n 
1 111 GLY n 
1 112 LYS n 
1 113 MET n 
1 114 VAL n 
1 115 MET n 
1 116 THR n 
1 117 LEU n 
1 118 THR n 
1 119 PHE n 
1 120 GLY n 
1 121 ASP n 
1 122 VAL n 
1 123 VAL n 
1 124 ALA n 
1 125 VAL n 
1 126 ARG n 
1 127 HIS n 
1 128 TYR n 
1 129 GLU n 
1 130 LYS n 
1 131 ALA n 
# 
_entity_src_nat.entity_id                  1 
_entity_src_nat.pdbx_src_id                1 
_entity_src_nat.pdbx_alt_source_flag       sample 
_entity_src_nat.pdbx_beg_seq_num           ? 
_entity_src_nat.pdbx_end_seq_num           ? 
_entity_src_nat.common_name                human 
_entity_src_nat.pdbx_organism_scientific   'Homo sapiens' 
_entity_src_nat.pdbx_ncbi_taxonomy_id      9606 
_entity_src_nat.genus                      Homo 
_entity_src_nat.species                    ? 
_entity_src_nat.strain                     ? 
_entity_src_nat.tissue                     ? 
_entity_src_nat.tissue_fraction            ? 
_entity_src_nat.pdbx_secretion             ? 
_entity_src_nat.pdbx_fragment              ? 
_entity_src_nat.pdbx_variant               ? 
_entity_src_nat.pdbx_cell_line             ? 
_entity_src_nat.pdbx_atcc                  ? 
_entity_src_nat.pdbx_cellular_location     ? 
_entity_src_nat.pdbx_organ                 ? 
_entity_src_nat.pdbx_organelle             ? 
_entity_src_nat.pdbx_cell                  ? 
_entity_src_nat.pdbx_plasmid_name          ? 
_entity_src_nat.pdbx_plasmid_details       ? 
_entity_src_nat.details                    ? 
# 
loop_
_chem_comp.id 
_chem_comp.type 
_chem_comp.mon_nstd_flag 
_chem_comp.name 
_chem_comp.pdbx_synonyms 
_chem_comp.formula 
_chem_comp.formula_weight 
ALA 'L-peptide linking' y ALANINE         ? 'C3 H7 N O2'     89.093  
ARG 'L-peptide linking' y ARGININE        ? 'C6 H15 N4 O2 1' 175.209 
ASN 'L-peptide linking' y ASPARAGINE      ? 'C4 H8 N2 O3'    132.118 
ASP 'L-peptide linking' y 'ASPARTIC ACID' ? 'C4 H7 N O4'     133.103 
CYS 'L-peptide linking' y CYSTEINE        ? 'C3 H7 N O2 S'   121.158 
GLN 'L-peptide linking' y GLUTAMINE       ? 'C5 H10 N2 O3'   146.144 
GLU 'L-peptide linking' y 'GLUTAMIC ACID' ? 'C5 H9 N O4'     147.129 
GLY 'peptide linking'   y GLYCINE         ? 'C2 H5 N O2'     75.067  
HIS 'L-peptide linking' y HISTIDINE       ? 'C6 H10 N3 O2 1' 156.162 
ILE 'L-peptide linking' y ISOLEUCINE      ? 'C6 H13 N O2'    131.173 
LEU 'L-peptide linking' y LEUCINE         ? 'C6 H13 N O2'    131.173 
LYS 'L-peptide linking' y LYSINE          ? 'C6 H15 N2 O2 1' 147.195 
MET 'L-peptide linking' y METHIONINE      ? 'C5 H11 N O2 S'  149.211 
OLA non-polymer         . 'OLEIC ACID'    ? 'C18 H34 O2'     282.461 
PHE 'L-peptide linking' y PHENYLALANINE   ? 'C9 H11 N O2'    165.189 
PRO 'L-peptide linking' y PROLINE         ? 'C5 H9 N O2'     115.130 
SER 'L-peptide linking' y SERINE          ? 'C3 H7 N O3'     105.093 
THR 'L-peptide linking' y THREONINE       ? 'C4 H9 N O3'     119.119 
TRP 'L-peptide linking' y TRYPTOPHAN      ? 'C11 H12 N2 O2'  204.225 
TYR 'L-peptide linking' y TYROSINE        ? 'C9 H11 N O3'    181.189 
VAL 'L-peptide linking' y VALINE          ? 'C5 H11 N O2'    117.146 
# 
loop_
_pdbx_poly_seq_scheme.asym_id 
_pdbx_poly_seq_scheme.entity_id 
_pdbx_poly_seq_scheme.seq_id 
_pdbx_poly_seq_scheme.mon_id 
_pdbx_poly_seq_scheme.ndb_seq_num 
_pdbx_poly_seq_scheme.pdb_seq_num 
_pdbx_poly_seq_scheme.auth_seq_num 
_pdbx_poly_seq_scheme.pdb_mon_id 
_pdbx_poly_seq_scheme.auth_mon_id 
_pdbx_poly_seq_scheme.pdb_strand_id 
_pdbx_poly_seq_scheme.pdb_ins_code 
_pdbx_poly_seq_scheme.hetero 
A 1 1   VAL 1   1   1   VAL VAL A . n 
A 1 2   GLU 2   2   2   GLU GLU A . n 
A 1 3   ALA 3   3   3   ALA ALA A . n 
A 1 4   PHE 4   4   4   PHE PHE A . n 
A 1 5   CYS 5   5   5   CYS CYS A . n 
A 1 6   ALA 6   6   6   ALA ALA A . n 
A 1 7   THR 7   7   7   THR THR A . n 
A 1 8   TRP 8   8   8   TRP TRP A . n 
A 1 9   LYS 9   9   9   LYS LYS A . n 
A 1 10  LEU 10  10  10  LEU LEU A . n 
A 1 11  THR 11  11  11  THR THR A . n 
A 1 12  ASN 12  12  12  ASN ASN A . n 
A 1 13  SER 13  13  13  SER SER A . n 
A 1 14  GLN 14  14  14  GLN GLN A . n 
A 1 15  ASN 15  15  15  ASN ASN A . n 
A 1 16  PHE 16  16  16  PHE PHE A . n 
A 1 17  ASP 17  17  17  ASP ASP A . n 
A 1 18  GLU 18  18  18  GLU GLU A . n 
A 1 19  TYR 19  19  19  TYR TYR A . n 
A 1 20  MET 20  20  20  MET MET A . n 
A 1 21  LYS 21  21  21  LYS LYS A . n 
A 1 22  ALA 22  22  22  ALA ALA A . n 
A 1 23  LEU 23  23  23  LEU LEU A . n 
A 1 24  GLY 24  24  24  GLY GLY A . n 
A 1 25  VAL 25  25  25  VAL VAL A . n 
A 1 26  GLY 26  26  26  GLY GLY A . n 
A 1 27  PHE 27  27  27  PHE PHE A . n 
A 1 28  ALA 28  28  28  ALA ALA A . n 
A 1 29  THR 29  29  29  THR THR A . n 
A 1 30  ARG 30  30  30  ARG ARG A . n 
A 1 31  GLN 31  31  31  GLN GLN A . n 
A 1 32  VAL 32  32  32  VAL VAL A . n 
A 1 33  GLY 33  33  33  GLY GLY A . n 
A 1 34  ASN 34  34  34  ASN ASN A . n 
A 1 35  VAL 35  35  35  VAL VAL A . n 
A 1 36  THR 36  36  36  THR THR A . n 
A 1 37  LYS 37  37  37  LYS LYS A . n 
A 1 38  PRO 38  38  38  PRO PRO A . n 
A 1 39  THR 39  39  39  THR THR A . n 
A 1 40  VAL 40  40  40  VAL VAL A . n 
A 1 41  ILE 41  41  41  ILE ILE A . n 
A 1 42  ILE 42  42  42  ILE ILE A . n 
A 1 43  SER 43  43  43  SER SER A . n 
A 1 44  GLN 44  44  44  GLN GLN A . n 
A 1 45  GLU 45  45  45  GLU GLU A . n 
A 1 46  GLY 46  46  46  GLY GLY A . n 
A 1 47  ASP 47  47  47  ASP ASP A . n 
A 1 48  LYS 48  48  48  LYS LYS A . n 
A 1 49  VAL 49  49  49  VAL VAL A . n 
A 1 50  VAL 50  50  50  VAL VAL A . n 
A 1 51  ILE 51  51  51  ILE ILE A . n 
A 1 52  ARG 52  52  52  ARG ARG A . n 
A 1 53  THR 53  53  53  THR THR A . n 
A 1 54  LEU 54  54  54  LEU LEU A . n 
A 1 55  SER 55  55  55  SER SER A . n 
A 1 56  THR 56  56  56  THR THR A . n 
A 1 57  PHE 57  57  57  PHE PHE A . n 
A 1 58  LYS 58  58  58  LYS LYS A . n 
A 1 59  ASN 59  59  59  ASN ASN A . n 
A 1 60  THR 60  60  60  THR THR A . n 
A 1 61  GLU 61  61  61  GLU GLU A . n 
A 1 62  ILE 62  62  62  ILE ILE A . n 
A 1 63  SER 63  63  63  SER SER A . n 
A 1 64  PHE 64  64  64  PHE PHE A . n 
A 1 65  GLN 65  65  65  GLN GLN A . n 
A 1 66  LEU 66  66  66  LEU LEU A . n 
A 1 67  GLY 67  67  67  GLY GLY A . n 
A 1 68  GLU 68  68  68  GLU GLU A . n 
A 1 69  GLU 69  69  69  GLU GLU A . n 
A 1 70  PHE 70  70  70  PHE PHE A . n 
A 1 71  ASP 71  71  71  ASP ASP A . n 
A 1 72  GLU 72  72  72  GLU GLU A . n 
A 1 73  THR 73  73  73  THR THR A . n 
A 1 74  THR 74  74  74  THR THR A . n 
A 1 75  ALA 75  75  75  ALA ALA A . n 
A 1 76  ASP 76  76  76  ASP ASP A . n 
A 1 77  ASP 77  77  77  ASP ASP A . n 
A 1 78  ARG 78  78  78  ARG ARG A . n 
A 1 79  ASN 79  79  79  ASN ASN A . n 
A 1 80  CYS 80  80  80  CYS CYS A . n 
A 1 81  LYS 81  81  81  LYS LYS A . n 
A 1 82  SER 82  82  82  SER SER A . n 
A 1 83  VAL 83  83  83  VAL VAL A . n 
A 1 84  VAL 84  84  84  VAL VAL A . n 
A 1 85  SER 85  85  85  SER SER A . n 
A 1 86  LEU 86  86  86  LEU LEU A . n 
A 1 87  ASP 87  87  87  ASP ASP A . n 
A 1 88  GLY 88  88  88  GLY GLY A . n 
A 1 89  ASP 89  89  89  ASP ASP A . n 
A 1 90  LYS 90  90  90  LYS LYS A . n 
A 1 91  LEU 91  91  91  LEU LEU A . n 
A 1 92  VAL 92  92  92  VAL VAL A . n 
A 1 93  HIS 93  93  93  HIS HIS A . n 
A 1 94  ILE 94  94  94  ILE ILE A . n 
A 1 95  GLN 95  95  95  GLN GLN A . n 
A 1 96  LYS 96  96  96  LYS LYS A . n 
A 1 97  TRP 97  97  97  TRP TRP A . n 
A 1 98  ASP 98  98  98  ASP ASP A . n 
A 1 99  GLY 99  99  99  GLY GLY A . n 
A 1 100 LYS 100 100 100 LYS LYS A . n 
A 1 101 GLU 101 101 101 GLU GLU A . n 
A 1 102 THR 102 102 102 THR THR A . n 
A 1 103 ASN 103 103 103 ASN ASN A . n 
A 1 104 PHE 104 104 104 PHE PHE A . n 
A 1 105 VAL 105 105 105 VAL VAL A . n 
A 1 106 ARG 106 106 106 ARG ARG A . n 
A 1 107 GLU 107 107 107 GLU GLU A . n 
A 1 108 ILE 108 108 108 ILE ILE A . n 
A 1 109 LYS 109 109 109 LYS LYS A . n 
A 1 110 ASP 110 110 110 ASP ASP A . n 
A 1 111 GLY 111 111 111 GLY GLY A . n 
A 1 112 LYS 112 112 112 LYS LYS A . n 
A 1 113 MET 113 113 113 MET MET A . n 
A 1 114 VAL 114 114 114 VAL VAL A . n 
A 1 115 MET 115 115 115 MET MET A . n 
A 1 116 THR 116 116 116 THR THR A . n 
A 1 117 LEU 117 117 117 LEU LEU A . n 
A 1 118 THR 118 118 118 THR THR A . n 
A 1 119 PHE 119 119 119 PHE PHE A . n 
A 1 120 GLY 120 120 120 GLY GLY A . n 
A 1 121 ASP 121 121 121 ASP ASP A . n 
A 1 122 VAL 122 122 122 VAL VAL A . n 
A 1 123 VAL 123 123 123 VAL VAL A . n 
A 1 124 ALA 124 124 124 ALA ALA A . n 
A 1 125 VAL 125 125 125 VAL VAL A . n 
A 1 126 ARG 126 126 126 ARG ARG A . n 
A 1 127 HIS 127 127 127 HIS HIS A . n 
A 1 128 TYR 128 128 128 TYR TYR A . n 
A 1 129 GLU 129 129 129 GLU GLU A . n 
A 1 130 LYS 130 130 130 LYS LYS A . n 
A 1 131 ALA 131 131 131 ALA ALA A . n 
# 
_pdbx_nonpoly_scheme.asym_id         B 
_pdbx_nonpoly_scheme.entity_id       2 
_pdbx_nonpoly_scheme.mon_id          OLA 
_pdbx_nonpoly_scheme.ndb_seq_num     1 
_pdbx_nonpoly_scheme.pdb_seq_num     133 
_pdbx_nonpoly_scheme.auth_seq_num    133 
_pdbx_nonpoly_scheme.pdb_mon_id      OLA 
_pdbx_nonpoly_scheme.auth_mon_id     FAT 
_pdbx_nonpoly_scheme.pdb_strand_id   A 
_pdbx_nonpoly_scheme.pdb_ins_code    . 
# 
loop_
_software.name 
_software.classification 
_software.version 
_software.citation_id 
_software.pdbx_ordinal 
X-PLOR 'model building' . ? 1 
TNT    refinement       . ? 2 
X-GEN  'data reduction' . ? 3 
X-GEN  'data scaling'   . ? 4 
X-PLOR phasing          . ? 5 
# 
_cell.entry_id           1FE3 
_cell.length_a           93.60 
_cell.length_b           93.60 
_cell.length_c           46.70 
_cell.angle_alpha        90 
_cell.angle_beta         90 
_cell.angle_gamma        120 
_cell.Z_PDB              6 
_cell.pdbx_unique_axis   ? 
# 
_symmetry.entry_id                         1FE3 
_symmetry.space_group_name_H-M             'P 65' 
_symmetry.pdbx_full_space_group_name_H-M   ? 
_symmetry.cell_setting                     ? 
_symmetry.Int_Tables_number                170 
# 
_exptl.entry_id          1FE3 
_exptl.method            'X-RAY DIFFRACTION' 
_exptl.crystals_number   1 
# 
_exptl_crystal.id                    1 
_exptl_crystal.density_meas          ? 
_exptl_crystal.density_percent_sol   69.22 
_exptl_crystal.density_Matthews      4.00 
_exptl_crystal.description           ? 
# 
_exptl_crystal_grow.crystal_id      1 
_exptl_crystal_grow.method          'VAPOR DIFFUSION, HANGING DROP' 
_exptl_crystal_grow.pH              ? 
_exptl_crystal_grow.temp            ? 
_exptl_crystal_grow.temp_details    ? 
_exptl_crystal_grow.pdbx_details    'VAPOR DIFFUSION, HANGING DROP' 
_exptl_crystal_grow.pdbx_pH_range   . 
# 
_diffrn.id                     1 
_diffrn.ambient_temp           ? 
_diffrn.ambient_temp_details   ? 
_diffrn.crystal_id             1 
# 
_diffrn_detector.diffrn_id              1 
_diffrn_detector.detector               'AREA DETECTOR' 
_diffrn_detector.type                   SIEMENS 
_diffrn_detector.pdbx_collection_date   ? 
_diffrn_detector.details                ? 
# 
_diffrn_radiation.diffrn_id                        1 
_diffrn_radiation.wavelength_id                    1 
_diffrn_radiation.monochromator                    ? 
_diffrn_radiation.pdbx_monochromatic_or_laue_m_l   M 
_diffrn_radiation.pdbx_diffrn_protocol             'SINGLE WAVELENGTH' 
_diffrn_radiation.pdbx_scattering_type             x-ray 
# 
_diffrn_radiation_wavelength.id           1 
_diffrn_radiation_wavelength.wavelength   . 
_diffrn_radiation_wavelength.wt           1.0 
# 
_diffrn_source.diffrn_id                   1 
_diffrn_source.source                      'ROTATING ANODE' 
_diffrn_source.type                        ? 
_diffrn_source.pdbx_wavelength             ? 
_diffrn_source.pdbx_synchrotron_site       ? 
_diffrn_source.pdbx_synchrotron_beamline   ? 
_diffrn_source.pdbx_wavelength_list        ? 
# 
_reflns.entry_id                     1FE3 
_reflns.observed_criterion_sigma_I   ? 
_reflns.observed_criterion_sigma_F   ? 
_reflns.d_resolution_low             20 
_reflns.d_resolution_high            2.8 
_reflns.number_obs                   11489 
_reflns.number_all                   11489 
_reflns.percent_possible_obs         82.5 
_reflns.pdbx_Rmerge_I_obs            ? 
_reflns.pdbx_Rsym_value              0.0720000 
_reflns.pdbx_netI_over_sigmaI        ? 
_reflns.B_iso_Wilson_estimate        ? 
_reflns.pdbx_redundancy              ? 
_reflns.R_free_details               ? 
_reflns.limit_h_max                  ? 
_reflns.limit_h_min                  ? 
_reflns.limit_k_max                  ? 
_reflns.limit_k_min                  ? 
_reflns.limit_l_max                  ? 
_reflns.limit_l_min                  ? 
_reflns.observed_criterion_F_max     ? 
_reflns.observed_criterion_F_min     ? 
_reflns.pdbx_diffrn_id               1 
_reflns.pdbx_ordinal                 1 
# 
_refine.entry_id                                 1FE3 
_refine.ls_number_reflns_obs                     5444 
_refine.ls_number_reflns_all                     ? 
_refine.pdbx_ls_sigma_I                          ? 
_refine.pdbx_ls_sigma_F                          ? 
_refine.pdbx_data_cutoff_high_absF               ? 
_refine.pdbx_data_cutoff_low_absF                ? 
_refine.ls_d_res_low                             15 
_refine.ls_d_res_high                            2.8 
_refine.ls_percent_reflns_obs                    ? 
_refine.ls_R_factor_obs                          ? 
_refine.ls_R_factor_all                          0.2610000 
_refine.ls_R_factor_R_work                       0.2610000 
_refine.ls_R_factor_R_free                       0.2790000 
_refine.ls_R_factor_R_free_error                 ? 
_refine.ls_R_factor_R_free_error_details         ? 
_refine.ls_percent_reflns_R_free                 ? 
_refine.ls_number_reflns_R_free                  ? 
_refine.ls_number_parameters                     ? 
_refine.ls_number_restraints                     ? 
_refine.occupancy_min                            ? 
_refine.occupancy_max                            ? 
_refine.B_iso_mean                               ? 
_refine.aniso_B[1][1]                            ? 
_refine.aniso_B[2][2]                            ? 
_refine.aniso_B[3][3]                            ? 
_refine.aniso_B[1][2]                            ? 
_refine.aniso_B[1][3]                            ? 
_refine.aniso_B[2][3]                            ? 
_refine.solvent_model_details                    ? 
_refine.solvent_model_param_ksol                 ? 
_refine.solvent_model_param_bsol                 ? 
_refine.pdbx_ls_cross_valid_method               ? 
_refine.details                                  ? 
_refine.pdbx_starting_model                      ? 
_refine.pdbx_method_to_determine_struct          'MOLECULAR REPLACEMENT' 
_refine.pdbx_isotropic_thermal_model             ? 
_refine.pdbx_stereochemistry_target_values       ? 
_refine.pdbx_stereochem_target_val_spec_case     ? 
_refine.pdbx_R_Free_selection_details            ? 
_refine.pdbx_overall_ESU_R_Free                  ? 
_refine.overall_SU_B                             ? 
_refine.ls_redundancy_reflns_obs                 ? 
_refine.B_iso_min                                ? 
_refine.B_iso_max                                ? 
_refine.overall_SU_ML                            ? 
_refine.pdbx_overall_ESU_R                       ? 
_refine.pdbx_data_cutoff_high_rms_absF           ? 
_refine.correlation_coeff_Fo_to_Fc               ? 
_refine.correlation_coeff_Fo_to_Fc_free          ? 
_refine.overall_SU_R_Cruickshank_DPI             ? 
_refine.overall_SU_R_free                        ? 
_refine.pdbx_refine_id                           'X-RAY DIFFRACTION' 
_refine.pdbx_diffrn_id                           1 
_refine.pdbx_TLS_residual_ADP_flag               ? 
_refine.pdbx_solvent_vdw_probe_radii             ? 
_refine.pdbx_solvent_ion_probe_radii             ? 
_refine.pdbx_solvent_shrinkage_radii             ? 
_refine.pdbx_overall_phase_error                 ? 
_refine.pdbx_overall_SU_R_free_Cruickshank_DPI   ? 
_refine.pdbx_overall_SU_R_Blow_DPI               ? 
_refine.pdbx_overall_SU_R_free_Blow_DPI          ? 
# 
_refine_hist.pdbx_refine_id                   'X-RAY DIFFRACTION' 
_refine_hist.cycle_id                         LAST 
_refine_hist.pdbx_number_atoms_protein        1037 
_refine_hist.pdbx_number_atoms_nucleic_acid   0 
_refine_hist.pdbx_number_atoms_ligand         20 
_refine_hist.number_atoms_solvent             0 
_refine_hist.number_atoms_total               1057 
_refine_hist.d_res_high                       2.8 
_refine_hist.d_res_low                        15 
# 
_struct.entry_id                  1FE3 
_struct.title                     'CRYSTAL STRUCTURE OF HUMAN BRAIN FATTY ACID BINDING PROTEIN OLEIC ACID' 
_struct.pdbx_model_details        ? 
_struct.pdbx_CASP_flag            ? 
_struct.pdbx_model_type_details   ? 
# 
_struct_keywords.entry_id        1FE3 
_struct_keywords.pdbx_keywords   'LIPID BINDING PROTEIN' 
_struct_keywords.text            'OA, BLBP, LIPID-BINDING PROTEIN, LIPID BINDING PROTEIN' 
# 
loop_
_struct_asym.id 
_struct_asym.pdbx_blank_PDB_chainid_flag 
_struct_asym.pdbx_modified 
_struct_asym.entity_id 
_struct_asym.details 
A N N 1 ? 
B N N 2 ? 
# 
_struct_ref.id                         1 
_struct_ref.db_code                    FABPB_HUMAN 
_struct_ref.db_name                    UNP 
_struct_ref.entity_id                  1 
_struct_ref.pdbx_db_accession          O15540 
_struct_ref.pdbx_align_begin           ? 
_struct_ref.pdbx_seq_one_letter_code   ? 
_struct_ref.pdbx_db_isoform            ? 
# 
_struct_ref_seq.align_id                      1 
_struct_ref_seq.ref_id                        1 
_struct_ref_seq.pdbx_PDB_id_code              1FE3 
_struct_ref_seq.pdbx_strand_id                A 
_struct_ref_seq.seq_align_beg                 1 
_struct_ref_seq.pdbx_seq_align_beg_ins_code   ? 
_struct_ref_seq.seq_align_end                 131 
_struct_ref_seq.pdbx_seq_align_end_ins_code   ? 
_struct_ref_seq.pdbx_db_accession             O15540 
_struct_ref_seq.db_align_beg                  1 
_struct_ref_seq.pdbx_db_align_beg_ins_code    ? 
_struct_ref_seq.db_align_end                  131 
_struct_ref_seq.pdbx_db_align_end_ins_code    ? 
_struct_ref_seq.pdbx_auth_seq_align_beg       1 
_struct_ref_seq.pdbx_auth_seq_align_end       131 
# 
_pdbx_struct_assembly.id                   1 
_pdbx_struct_assembly.details              author_defined_assembly 
_pdbx_struct_assembly.method_details       ? 
_pdbx_struct_assembly.oligomeric_details   monomeric 
_pdbx_struct_assembly.oligomeric_count     1 
# 
_pdbx_struct_assembly_gen.assembly_id       1 
_pdbx_struct_assembly_gen.oper_expression   1 
_pdbx_struct_assembly_gen.asym_id_list      A,B 
# 
_pdbx_struct_oper_list.id                   1 
_pdbx_struct_oper_list.type                 'identity operation' 
_pdbx_struct_oper_list.name                 1_555 
_pdbx_struct_oper_list.symmetry_operation   x,y,z 
_pdbx_struct_oper_list.matrix[1][1]         1.0000000000 
_pdbx_struct_oper_list.matrix[1][2]         0.0000000000 
_pdbx_struct_oper_list.matrix[1][3]         0.0000000000 
_pdbx_struct_oper_list.vector[1]            0.0000000000 
_pdbx_struct_oper_list.matrix[2][1]         0.0000000000 
_pdbx_struct_oper_list.matrix[2][2]         1.0000000000 
_pdbx_struct_oper_list.matrix[2][3]         0.0000000000 
_pdbx_struct_oper_list.vector[2]            0.0000000000 
_pdbx_struct_oper_list.matrix[3][1]         0.0000000000 
_pdbx_struct_oper_list.matrix[3][2]         0.0000000000 
_pdbx_struct_oper_list.matrix[3][3]         1.0000000000 
_pdbx_struct_oper_list.vector[3]            0.0000000000 
# 
_struct_biol.id                    1 
_struct_biol.pdbx_parent_biol_id   ? 
_struct_biol.details               ? 
# 
loop_
_struct_conf.conf_type_id 
_struct_conf.id 
_struct_conf.pdbx_PDB_helix_id 
_struct_conf.beg_label_comp_id 
_struct_conf.beg_label_asym_id 
_struct_conf.beg_label_seq_id 
_struct_conf.pdbx_beg_PDB_ins_code 
_struct_conf.end_label_comp_id 
_struct_conf.end_label_asym_id 
_struct_conf.end_label_seq_id 
_struct_conf.pdbx_end_PDB_ins_code 
_struct_conf.beg_auth_comp_id 
_struct_conf.beg_auth_asym_id 
_struct_conf.beg_auth_seq_id 
_struct_conf.end_auth_comp_id 
_struct_conf.end_auth_asym_id 
_struct_conf.end_auth_seq_id 
_struct_conf.pdbx_PDB_helix_class 
_struct_conf.details 
_struct_conf.pdbx_PDB_helix_length 
HELX_P HELX_P1 1 ASN A 15 ? GLY A 24 ? ASN A 15 GLY A 24 1 ? 10 
HELX_P HELX_P2 2 GLY A 26 ? THR A 36 ? GLY A 26 THR A 36 1 ? 11 
# 
_struct_conf_type.id          HELX_P 
_struct_conf_type.criteria    ? 
_struct_conf_type.reference   ? 
# 
_struct_sheet.id               A 
_struct_sheet.type             ? 
_struct_sheet.number_strands   10 
_struct_sheet.details          ? 
# 
loop_
_struct_sheet_order.sheet_id 
_struct_sheet_order.range_id_1 
_struct_sheet_order.range_id_2 
_struct_sheet_order.offset 
_struct_sheet_order.sense 
A 1 2  ? anti-parallel 
A 2 3  ? anti-parallel 
A 3 4  ? anti-parallel 
A 4 5  ? anti-parallel 
A 5 6  ? anti-parallel 
A 6 7  ? anti-parallel 
A 7 8  ? anti-parallel 
A 8 9  ? anti-parallel 
A 9 10 ? anti-parallel 
# 
loop_
_struct_sheet_range.sheet_id 
_struct_sheet_range.id 
_struct_sheet_range.beg_label_comp_id 
_struct_sheet_range.beg_label_asym_id 
_struct_sheet_range.beg_label_seq_id 
_struct_sheet_range.pdbx_beg_PDB_ins_code 
_struct_sheet_range.end_label_comp_id 
_struct_sheet_range.end_label_asym_id 
_struct_sheet_range.end_label_seq_id 
_struct_sheet_range.pdbx_end_PDB_ins_code 
_struct_sheet_range.beg_auth_comp_id 
_struct_sheet_range.beg_auth_asym_id 
_struct_sheet_range.beg_auth_seq_id 
_struct_sheet_range.end_auth_comp_id 
_struct_sheet_range.end_auth_asym_id 
_struct_sheet_range.end_auth_seq_id 
A 1  THR A 60  ? PHE A 64  ? THR A 60  PHE A 64  
A 2  LYS A 48  ? LEU A 54  ? LYS A 48  LEU A 54  
A 3  THR A 39  ? GLU A 45  ? THR A 39  GLU A 45  
A 4  THR A 7   ? GLN A 14  ? THR A 7   GLN A 14  
A 5  VAL A 122 ? LYS A 130 ? VAL A 122 LYS A 130 
A 6  LYS A 112 ? PHE A 119 ? LYS A 112 PHE A 119 
A 7  LYS A 100 ? LYS A 109 ? LYS A 100 LYS A 109 
A 8  LEU A 91  ? TRP A 97  ? LEU A 91  TRP A 97  
A 9  ASN A 79  ? LEU A 86  ? ASN A 79  LEU A 86  
A 10 PHE A 70  ? THR A 73  ? PHE A 70  THR A 73  
# 
loop_
_pdbx_struct_sheet_hbond.sheet_id 
_pdbx_struct_sheet_hbond.range_id_1 
_pdbx_struct_sheet_hbond.range_id_2 
_pdbx_struct_sheet_hbond.range_1_label_atom_id 
_pdbx_struct_sheet_hbond.range_1_label_comp_id 
_pdbx_struct_sheet_hbond.range_1_label_asym_id 
_pdbx_struct_sheet_hbond.range_1_label_seq_id 
_pdbx_struct_sheet_hbond.range_1_PDB_ins_code 
_pdbx_struct_sheet_hbond.range_1_auth_atom_id 
_pdbx_struct_sheet_hbond.range_1_auth_comp_id 
_pdbx_struct_sheet_hbond.range_1_auth_asym_id 
_pdbx_struct_sheet_hbond.range_1_auth_seq_id 
_pdbx_struct_sheet_hbond.range_2_label_atom_id 
_pdbx_struct_sheet_hbond.range_2_label_comp_id 
_pdbx_struct_sheet_hbond.range_2_label_asym_id 
_pdbx_struct_sheet_hbond.range_2_label_seq_id 
_pdbx_struct_sheet_hbond.range_2_PDB_ins_code 
_pdbx_struct_sheet_hbond.range_2_auth_atom_id 
_pdbx_struct_sheet_hbond.range_2_auth_comp_id 
_pdbx_struct_sheet_hbond.range_2_auth_asym_id 
_pdbx_struct_sheet_hbond.range_2_auth_seq_id 
A 1 2  O PHE A 64  ? O PHE A 64  N VAL A 49  ? N VAL A 49  
A 2 3  N LEU A 54  ? N LEU A 54  O THR A 39  ? O THR A 39  
A 3 4  O VAL A 40  ? O VAL A 40  N TRP A 8   ? N TRP A 8   
A 4 5  O GLN A 14  ? O GLN A 14  N VAL A 125 ? N VAL A 125 
A 5 6  O TYR A 128 ? O TYR A 128 N MET A 113 ? N MET A 113 
A 6 7  N THR A 118 ? N THR A 118 O ASN A 103 ? O ASN A 103 
A 7 8  N ARG A 106 ? N ARG A 106 O LEU A 91  ? O LEU A 91  
A 8 9  N LYS A 96  ? N LYS A 96  O LYS A 81  ? O LYS A 81  
A 9 10 N SER A 82  ? N SER A 82  O PHE A 70  ? O PHE A 70  
# 
_struct_site.id                   AC1 
_struct_site.pdbx_evidence_code   Software 
_struct_site.pdbx_auth_asym_id    A 
_struct_site.pdbx_auth_comp_id    OLA 
_struct_site.pdbx_auth_seq_id     133 
_struct_site.pdbx_auth_ins_code   ? 
_struct_site.pdbx_num_residues    9 
_struct_site.details              'BINDING SITE FOR RESIDUE OLA A 133' 
# 
loop_
_struct_site_gen.id 
_struct_site_gen.site_id 
_struct_site_gen.pdbx_num_res 
_struct_site_gen.label_comp_id 
_struct_site_gen.label_asym_id 
_struct_site_gen.label_seq_id 
_struct_site_gen.pdbx_auth_ins_code 
_struct_site_gen.auth_comp_id 
_struct_site_gen.auth_asym_id 
_struct_site_gen.auth_seq_id 
_struct_site_gen.label_atom_id 
_struct_site_gen.label_alt_id 
_struct_site_gen.symmetry 
_struct_site_gen.details 
1 AC1 9 GLY A 33  ? GLY A 33  . ? 1_555 ? 
2 AC1 9 PRO A 38  ? PRO A 38  . ? 1_555 ? 
3 AC1 9 VAL A 40  ? VAL A 40  . ? 1_555 ? 
4 AC1 9 THR A 53  ? THR A 53  . ? 1_555 ? 
5 AC1 9 SER A 55  ? SER A 55  . ? 1_555 ? 
6 AC1 9 LYS A 58  ? LYS A 58  . ? 1_555 ? 
7 AC1 9 ASP A 76  ? ASP A 76  . ? 1_555 ? 
8 AC1 9 ARG A 126 ? ARG A 126 . ? 1_555 ? 
9 AC1 9 TYR A 128 ? TYR A 128 . ? 1_555 ? 
# 
loop_
_pdbx_validate_torsion.id 
_pdbx_validate_torsion.PDB_model_num 
_pdbx_validate_torsion.auth_comp_id 
_pdbx_validate_torsion.auth_asym_id 
_pdbx_validate_torsion.auth_seq_id 
_pdbx_validate_torsion.PDB_ins_code 
_pdbx_validate_torsion.label_alt_id 
_pdbx_validate_torsion.phi 
_pdbx_validate_torsion.psi 
1 1 SER A 43 ? ? -142.21 -155.59 
2 1 GLU A 45 ? ? -174.59 46.16   
3 1 THR A 56 ? ? -85.25  48.62   
4 1 PHE A 57 ? ? -161.80 -66.42  
5 1 ASP A 77 ? ? 74.83   -14.06  
6 1 ASP A 89 ? ? 44.48   -57.57  
7 1 ASP A 98 ? ? 30.96   71.95   
# 
loop_
_chem_comp_atom.comp_id 
_chem_comp_atom.atom_id 
_chem_comp_atom.type_symbol 
_chem_comp_atom.pdbx_aromatic_flag 
_chem_comp_atom.pdbx_stereo_config 
_chem_comp_atom.pdbx_ordinal 
ALA N    N N N 1   
ALA CA   C N S 2   
ALA C    C N N 3   
ALA O    O N N 4   
ALA CB   C N N 5   
ALA OXT  O N N 6   
ALA H    H N N 7   
ALA H2   H N N 8   
ALA HA   H N N 9   
ALA HB1  H N N 10  
ALA HB2  H N N 11  
ALA HB3  H N N 12  
ALA HXT  H N N 13  
ARG N    N N N 14  
ARG CA   C N S 15  
ARG C    C N N 16  
ARG O    O N N 17  
ARG CB   C N N 18  
ARG CG   C N N 19  
ARG CD   C N N 20  
ARG NE   N N N 21  
ARG CZ   C N N 22  
ARG NH1  N N N 23  
ARG NH2  N N N 24  
ARG OXT  O N N 25  
ARG H    H N N 26  
ARG H2   H N N 27  
ARG HA   H N N 28  
ARG HB2  H N N 29  
ARG HB3  H N N 30  
ARG HG2  H N N 31  
ARG HG3  H N N 32  
ARG HD2  H N N 33  
ARG HD3  H N N 34  
ARG HE   H N N 35  
ARG HH11 H N N 36  
ARG HH12 H N N 37  
ARG HH21 H N N 38  
ARG HH22 H N N 39  
ARG HXT  H N N 40  
ASN N    N N N 41  
ASN CA   C N S 42  
ASN C    C N N 43  
ASN O    O N N 44  
ASN CB   C N N 45  
ASN CG   C N N 46  
ASN OD1  O N N 47  
ASN ND2  N N N 48  
ASN OXT  O N N 49  
ASN H    H N N 50  
ASN H2   H N N 51  
ASN HA   H N N 52  
ASN HB2  H N N 53  
ASN HB3  H N N 54  
ASN HD21 H N N 55  
ASN HD22 H N N 56  
ASN HXT  H N N 57  
ASP N    N N N 58  
ASP CA   C N S 59  
ASP C    C N N 60  
ASP O    O N N 61  
ASP CB   C N N 62  
ASP CG   C N N 63  
ASP OD1  O N N 64  
ASP OD2  O N N 65  
ASP OXT  O N N 66  
ASP H    H N N 67  
ASP H2   H N N 68  
ASP HA   H N N 69  
ASP HB2  H N N 70  
ASP HB3  H N N 71  
ASP HD2  H N N 72  
ASP HXT  H N N 73  
CYS N    N N N 74  
CYS CA   C N R 75  
CYS C    C N N 76  
CYS O    O N N 77  
CYS CB   C N N 78  
CYS SG   S N N 79  
CYS OXT  O N N 80  
CYS H    H N N 81  
CYS H2   H N N 82  
CYS HA   H N N 83  
CYS HB2  H N N 84  
CYS HB3  H N N 85  
CYS HG   H N N 86  
CYS HXT  H N N 87  
GLN N    N N N 88  
GLN CA   C N S 89  
GLN C    C N N 90  
GLN O    O N N 91  
GLN CB   C N N 92  
GLN CG   C N N 93  
GLN CD   C N N 94  
GLN OE1  O N N 95  
GLN NE2  N N N 96  
GLN OXT  O N N 97  
GLN H    H N N 98  
GLN H2   H N N 99  
GLN HA   H N N 100 
GLN HB2  H N N 101 
GLN HB3  H N N 102 
GLN HG2  H N N 103 
GLN HG3  H N N 104 
GLN HE21 H N N 105 
GLN HE22 H N N 106 
GLN HXT  H N N 107 
GLU N    N N N 108 
GLU CA   C N S 109 
GLU C    C N N 110 
GLU O    O N N 111 
GLU CB   C N N 112 
GLU CG   C N N 113 
GLU CD   C N N 114 
GLU OE1  O N N 115 
GLU OE2  O N N 116 
GLU OXT  O N N 117 
GLU H    H N N 118 
GLU H2   H N N 119 
GLU HA   H N N 120 
GLU HB2  H N N 121 
GLU HB3  H N N 122 
GLU HG2  H N N 123 
GLU HG3  H N N 124 
GLU HE2  H N N 125 
GLU HXT  H N N 126 
GLY N    N N N 127 
GLY CA   C N N 128 
GLY C    C N N 129 
GLY O    O N N 130 
GLY OXT  O N N 131 
GLY H    H N N 132 
GLY H2   H N N 133 
GLY HA2  H N N 134 
GLY HA3  H N N 135 
GLY HXT  H N N 136 
HIS N    N N N 137 
HIS CA   C N S 138 
HIS C    C N N 139 
HIS O    O N N 140 
HIS CB   C N N 141 
HIS CG   C Y N 142 
HIS ND1  N Y N 143 
HIS CD2  C Y N 144 
HIS CE1  C Y N 145 
HIS NE2  N Y N 146 
HIS OXT  O N N 147 
HIS H    H N N 148 
HIS H2   H N N 149 
HIS HA   H N N 150 
HIS HB2  H N N 151 
HIS HB3  H N N 152 
HIS HD1  H N N 153 
HIS HD2  H N N 154 
HIS HE1  H N N 155 
HIS HE2  H N N 156 
HIS HXT  H N N 157 
ILE N    N N N 158 
ILE CA   C N S 159 
ILE C    C N N 160 
ILE O    O N N 161 
ILE CB   C N S 162 
ILE CG1  C N N 163 
ILE CG2  C N N 164 
ILE CD1  C N N 165 
ILE OXT  O N N 166 
ILE H    H N N 167 
ILE H2   H N N 168 
ILE HA   H N N 169 
ILE HB   H N N 170 
ILE HG12 H N N 171 
ILE HG13 H N N 172 
ILE HG21 H N N 173 
ILE HG22 H N N 174 
ILE HG23 H N N 175 
ILE HD11 H N N 176 
ILE HD12 H N N 177 
ILE HD13 H N N 178 
ILE HXT  H N N 179 
LEU N    N N N 180 
LEU CA   C N S 181 
LEU C    C N N 182 
LEU O    O N N 183 
LEU CB   C N N 184 
LEU CG   C N N 185 
LEU CD1  C N N 186 
LEU CD2  C N N 187 
LEU OXT  O N N 188 
LEU H    H N N 189 
LEU H2   H N N 190 
LEU HA   H N N 191 
LEU HB2  H N N 192 
LEU HB3  H N N 193 
LEU HG   H N N 194 
LEU HD11 H N N 195 
LEU HD12 H N N 196 
LEU HD13 H N N 197 
LEU HD21 H N N 198 
LEU HD22 H N N 199 
LEU HD23 H N N 200 
LEU HXT  H N N 201 
LYS N    N N N 202 
LYS CA   C N S 203 
LYS C    C N N 204 
LYS O    O N N 205 
LYS CB   C N N 206 
LYS CG   C N N 207 
LYS CD   C N N 208 
LYS CE   C N N 209 
LYS NZ   N N N 210 
LYS OXT  O N N 211 
LYS H    H N N 212 
LYS H2   H N N 213 
LYS HA   H N N 214 
LYS HB2  H N N 215 
LYS HB3  H N N 216 
LYS HG2  H N N 217 
LYS HG3  H N N 218 
LYS HD2  H N N 219 
LYS HD3  H N N 220 
LYS HE2  H N N 221 
LYS HE3  H N N 222 
LYS HZ1  H N N 223 
LYS HZ2  H N N 224 
LYS HZ3  H N N 225 
LYS HXT  H N N 226 
MET N    N N N 227 
MET CA   C N S 228 
MET C    C N N 229 
MET O    O N N 230 
MET CB   C N N 231 
MET CG   C N N 232 
MET SD   S N N 233 
MET CE   C N N 234 
MET OXT  O N N 235 
MET H    H N N 236 
MET H2   H N N 237 
MET HA   H N N 238 
MET HB2  H N N 239 
MET HB3  H N N 240 
MET HG2  H N N 241 
MET HG3  H N N 242 
MET HE1  H N N 243 
MET HE2  H N N 244 
MET HE3  H N N 245 
MET HXT  H N N 246 
OLA C1   C N N 247 
OLA O1   O N N 248 
OLA O2   O N N 249 
OLA C2   C N N 250 
OLA C3   C N N 251 
OLA C4   C N N 252 
OLA C5   C N N 253 
OLA C6   C N N 254 
OLA C7   C N N 255 
OLA C8   C N N 256 
OLA C9   C N N 257 
OLA C10  C N N 258 
OLA C11  C N N 259 
OLA C12  C N N 260 
OLA C13  C N N 261 
OLA C14  C N N 262 
OLA C15  C N N 263 
OLA C16  C N N 264 
OLA C17  C N N 265 
OLA C18  C N N 266 
OLA HO2  H N N 267 
OLA H21  H N N 268 
OLA H22  H N N 269 
OLA H31  H N N 270 
OLA H32  H N N 271 
OLA H41  H N N 272 
OLA H42  H N N 273 
OLA H51  H N N 274 
OLA H52  H N N 275 
OLA H61  H N N 276 
OLA H62  H N N 277 
OLA H71  H N N 278 
OLA H72  H N N 279 
OLA H81  H N N 280 
OLA H82  H N N 281 
OLA H9   H N N 282 
OLA H10  H N N 283 
OLA H111 H N N 284 
OLA H112 H N N 285 
OLA H121 H N N 286 
OLA H122 H N N 287 
OLA H131 H N N 288 
OLA H132 H N N 289 
OLA H141 H N N 290 
OLA H142 H N N 291 
OLA H151 H N N 292 
OLA H152 H N N 293 
OLA H161 H N N 294 
OLA H162 H N N 295 
OLA H171 H N N 296 
OLA H172 H N N 297 
OLA H181 H N N 298 
OLA H182 H N N 299 
OLA H183 H N N 300 
PHE N    N N N 301 
PHE CA   C N S 302 
PHE C    C N N 303 
PHE O    O N N 304 
PHE CB   C N N 305 
PHE CG   C Y N 306 
PHE CD1  C Y N 307 
PHE CD2  C Y N 308 
PHE CE1  C Y N 309 
PHE CE2  C Y N 310 
PHE CZ   C Y N 311 
PHE OXT  O N N 312 
PHE H    H N N 313 
PHE H2   H N N 314 
PHE HA   H N N 315 
PHE HB2  H N N 316 
PHE HB3  H N N 317 
PHE HD1  H N N 318 
PHE HD2  H N N 319 
PHE HE1  H N N 320 
PHE HE2  H N N 321 
PHE HZ   H N N 322 
PHE HXT  H N N 323 
PRO N    N N N 324 
PRO CA   C N S 325 
PRO C    C N N 326 
PRO O    O N N 327 
PRO CB   C N N 328 
PRO CG   C N N 329 
PRO CD   C N N 330 
PRO OXT  O N N 331 
PRO H    H N N 332 
PRO HA   H N N 333 
PRO HB2  H N N 334 
PRO HB3  H N N 335 
PRO HG2  H N N 336 
PRO HG3  H N N 337 
PRO HD2  H N N 338 
PRO HD3  H N N 339 
PRO HXT  H N N 340 
SER N    N N N 341 
SER CA   C N S 342 
SER C    C N N 343 
SER O    O N N 344 
SER CB   C N N 345 
SER OG   O N N 346 
SER OXT  O N N 347 
SER H    H N N 348 
SER H2   H N N 349 
SER HA   H N N 350 
SER HB2  H N N 351 
SER HB3  H N N 352 
SER HG   H N N 353 
SER HXT  H N N 354 
THR N    N N N 355 
THR CA   C N S 356 
THR C    C N N 357 
THR O    O N N 358 
THR CB   C N R 359 
THR OG1  O N N 360 
THR CG2  C N N 361 
THR OXT  O N N 362 
THR H    H N N 363 
THR H2   H N N 364 
THR HA   H N N 365 
THR HB   H N N 366 
THR HG1  H N N 367 
THR HG21 H N N 368 
THR HG22 H N N 369 
THR HG23 H N N 370 
THR HXT  H N N 371 
TRP N    N N N 372 
TRP CA   C N S 373 
TRP C    C N N 374 
TRP O    O N N 375 
TRP CB   C N N 376 
TRP CG   C Y N 377 
TRP CD1  C Y N 378 
TRP CD2  C Y N 379 
TRP NE1  N Y N 380 
TRP CE2  C Y N 381 
TRP CE3  C Y N 382 
TRP CZ2  C Y N 383 
TRP CZ3  C Y N 384 
TRP CH2  C Y N 385 
TRP OXT  O N N 386 
TRP H    H N N 387 
TRP H2   H N N 388 
TRP HA   H N N 389 
TRP HB2  H N N 390 
TRP HB3  H N N 391 
TRP HD1  H N N 392 
TRP HE1  H N N 393 
TRP HE3  H N N 394 
TRP HZ2  H N N 395 
TRP HZ3  H N N 396 
TRP HH2  H N N 397 
TRP HXT  H N N 398 
TYR N    N N N 399 
TYR CA   C N S 400 
TYR C    C N N 401 
TYR O    O N N 402 
TYR CB   C N N 403 
TYR CG   C Y N 404 
TYR CD1  C Y N 405 
TYR CD2  C Y N 406 
TYR CE1  C Y N 407 
TYR CE2  C Y N 408 
TYR CZ   C Y N 409 
TYR OH   O N N 410 
TYR OXT  O N N 411 
TYR H    H N N 412 
TYR H2   H N N 413 
TYR HA   H N N 414 
TYR HB2  H N N 415 
TYR HB3  H N N 416 
TYR HD1  H N N 417 
TYR HD2  H N N 418 
TYR HE1  H N N 419 
TYR HE2  H N N 420 
TYR HH   H N N 421 
TYR HXT  H N N 422 
VAL N    N N N 423 
VAL CA   C N S 424 
VAL C    C N N 425 
VAL O    O N N 426 
VAL CB   C N N 427 
VAL CG1  C N N 428 
VAL CG2  C N N 429 
VAL OXT  O N N 430 
VAL H    H N N 431 
VAL H2   H N N 432 
VAL HA   H N N 433 
VAL HB   H N N 434 
VAL HG11 H N N 435 
VAL HG12 H N N 436 
VAL HG13 H N N 437 
VAL HG21 H N N 438 
VAL HG22 H N N 439 
VAL HG23 H N N 440 
VAL HXT  H N N 441 
# 
loop_
_chem_comp_bond.comp_id 
_chem_comp_bond.atom_id_1 
_chem_comp_bond.atom_id_2 
_chem_comp_bond.value_order 
_chem_comp_bond.pdbx_aromatic_flag 
_chem_comp_bond.pdbx_stereo_config 
_chem_comp_bond.pdbx_ordinal 
ALA N   CA   sing N N 1   
ALA N   H    sing N N 2   
ALA N   H2   sing N N 3   
ALA CA  C    sing N N 4   
ALA CA  CB   sing N N 5   
ALA CA  HA   sing N N 6   
ALA C   O    doub N N 7   
ALA C   OXT  sing N N 8   
ALA CB  HB1  sing N N 9   
ALA CB  HB2  sing N N 10  
ALA CB  HB3  sing N N 11  
ALA OXT HXT  sing N N 12  
ARG N   CA   sing N N 13  
ARG N   H    sing N N 14  
ARG N   H2   sing N N 15  
ARG CA  C    sing N N 16  
ARG CA  CB   sing N N 17  
ARG CA  HA   sing N N 18  
ARG C   O    doub N N 19  
ARG C   OXT  sing N N 20  
ARG CB  CG   sing N N 21  
ARG CB  HB2  sing N N 22  
ARG CB  HB3  sing N N 23  
ARG CG  CD   sing N N 24  
ARG CG  HG2  sing N N 25  
ARG CG  HG3  sing N N 26  
ARG CD  NE   sing N N 27  
ARG CD  HD2  sing N N 28  
ARG CD  HD3  sing N N 29  
ARG NE  CZ   sing N N 30  
ARG NE  HE   sing N N 31  
ARG CZ  NH1  sing N N 32  
ARG CZ  NH2  doub N N 33  
ARG NH1 HH11 sing N N 34  
ARG NH1 HH12 sing N N 35  
ARG NH2 HH21 sing N N 36  
ARG NH2 HH22 sing N N 37  
ARG OXT HXT  sing N N 38  
ASN N   CA   sing N N 39  
ASN N   H    sing N N 40  
ASN N   H2   sing N N 41  
ASN CA  C    sing N N 42  
ASN CA  CB   sing N N 43  
ASN CA  HA   sing N N 44  
ASN C   O    doub N N 45  
ASN C   OXT  sing N N 46  
ASN CB  CG   sing N N 47  
ASN CB  HB2  sing N N 48  
ASN CB  HB3  sing N N 49  
ASN CG  OD1  doub N N 50  
ASN CG  ND2  sing N N 51  
ASN ND2 HD21 sing N N 52  
ASN ND2 HD22 sing N N 53  
ASN OXT HXT  sing N N 54  
ASP N   CA   sing N N 55  
ASP N   H    sing N N 56  
ASP N   H2   sing N N 57  
ASP CA  C    sing N N 58  
ASP CA  CB   sing N N 59  
ASP CA  HA   sing N N 60  
ASP C   O    doub N N 61  
ASP C   OXT  sing N N 62  
ASP CB  CG   sing N N 63  
ASP CB  HB2  sing N N 64  
ASP CB  HB3  sing N N 65  
ASP CG  OD1  doub N N 66  
ASP CG  OD2  sing N N 67  
ASP OD2 HD2  sing N N 68  
ASP OXT HXT  sing N N 69  
CYS N   CA   sing N N 70  
CYS N   H    sing N N 71  
CYS N   H2   sing N N 72  
CYS CA  C    sing N N 73  
CYS CA  CB   sing N N 74  
CYS CA  HA   sing N N 75  
CYS C   O    doub N N 76  
CYS C   OXT  sing N N 77  
CYS CB  SG   sing N N 78  
CYS CB  HB2  sing N N 79  
CYS CB  HB3  sing N N 80  
CYS SG  HG   sing N N 81  
CYS OXT HXT  sing N N 82  
GLN N   CA   sing N N 83  
GLN N   H    sing N N 84  
GLN N   H2   sing N N 85  
GLN CA  C    sing N N 86  
GLN CA  CB   sing N N 87  
GLN CA  HA   sing N N 88  
GLN C   O    doub N N 89  
GLN C   OXT  sing N N 90  
GLN CB  CG   sing N N 91  
GLN CB  HB2  sing N N 92  
GLN CB  HB3  sing N N 93  
GLN CG  CD   sing N N 94  
GLN CG  HG2  sing N N 95  
GLN CG  HG3  sing N N 96  
GLN CD  OE1  doub N N 97  
GLN CD  NE2  sing N N 98  
GLN NE2 HE21 sing N N 99  
GLN NE2 HE22 sing N N 100 
GLN OXT HXT  sing N N 101 
GLU N   CA   sing N N 102 
GLU N   H    sing N N 103 
GLU N   H2   sing N N 104 
GLU CA  C    sing N N 105 
GLU CA  CB   sing N N 106 
GLU CA  HA   sing N N 107 
GLU C   O    doub N N 108 
GLU C   OXT  sing N N 109 
GLU CB  CG   sing N N 110 
GLU CB  HB2  sing N N 111 
GLU CB  HB3  sing N N 112 
GLU CG  CD   sing N N 113 
GLU CG  HG2  sing N N 114 
GLU CG  HG3  sing N N 115 
GLU CD  OE1  doub N N 116 
GLU CD  OE2  sing N N 117 
GLU OE2 HE2  sing N N 118 
GLU OXT HXT  sing N N 119 
GLY N   CA   sing N N 120 
GLY N   H    sing N N 121 
GLY N   H2   sing N N 122 
GLY CA  C    sing N N 123 
GLY CA  HA2  sing N N 124 
GLY CA  HA3  sing N N 125 
GLY C   O    doub N N 126 
GLY C   OXT  sing N N 127 
GLY OXT HXT  sing N N 128 
HIS N   CA   sing N N 129 
HIS N   H    sing N N 130 
HIS N   H2   sing N N 131 
HIS CA  C    sing N N 132 
HIS CA  CB   sing N N 133 
HIS CA  HA   sing N N 134 
HIS C   O    doub N N 135 
HIS C   OXT  sing N N 136 
HIS CB  CG   sing N N 137 
HIS CB  HB2  sing N N 138 
HIS CB  HB3  sing N N 139 
HIS CG  ND1  sing Y N 140 
HIS CG  CD2  doub Y N 141 
HIS ND1 CE1  doub Y N 142 
HIS ND1 HD1  sing N N 143 
HIS CD2 NE2  sing Y N 144 
HIS CD2 HD2  sing N N 145 
HIS CE1 NE2  sing Y N 146 
HIS CE1 HE1  sing N N 147 
HIS NE2 HE2  sing N N 148 
HIS OXT HXT  sing N N 149 
ILE N   CA   sing N N 150 
ILE N   H    sing N N 151 
ILE N   H2   sing N N 152 
ILE CA  C    sing N N 153 
ILE CA  CB   sing N N 154 
ILE CA  HA   sing N N 155 
ILE C   O    doub N N 156 
ILE C   OXT  sing N N 157 
ILE CB  CG1  sing N N 158 
ILE CB  CG2  sing N N 159 
ILE CB  HB   sing N N 160 
ILE CG1 CD1  sing N N 161 
ILE CG1 HG12 sing N N 162 
ILE CG1 HG13 sing N N 163 
ILE CG2 HG21 sing N N 164 
ILE CG2 HG22 sing N N 165 
ILE CG2 HG23 sing N N 166 
ILE CD1 HD11 sing N N 167 
ILE CD1 HD12 sing N N 168 
ILE CD1 HD13 sing N N 169 
ILE OXT HXT  sing N N 170 
LEU N   CA   sing N N 171 
LEU N   H    sing N N 172 
LEU N   H2   sing N N 173 
LEU CA  C    sing N N 174 
LEU CA  CB   sing N N 175 
LEU CA  HA   sing N N 176 
LEU C   O    doub N N 177 
LEU C   OXT  sing N N 178 
LEU CB  CG   sing N N 179 
LEU CB  HB2  sing N N 180 
LEU CB  HB3  sing N N 181 
LEU CG  CD1  sing N N 182 
LEU CG  CD2  sing N N 183 
LEU CG  HG   sing N N 184 
LEU CD1 HD11 sing N N 185 
LEU CD1 HD12 sing N N 186 
LEU CD1 HD13 sing N N 187 
LEU CD2 HD21 sing N N 188 
LEU CD2 HD22 sing N N 189 
LEU CD2 HD23 sing N N 190 
LEU OXT HXT  sing N N 191 
LYS N   CA   sing N N 192 
LYS N   H    sing N N 193 
LYS N   H2   sing N N 194 
LYS CA  C    sing N N 195 
LYS CA  CB   sing N N 196 
LYS CA  HA   sing N N 197 
LYS C   O    doub N N 198 
LYS C   OXT  sing N N 199 
LYS CB  CG   sing N N 200 
LYS CB  HB2  sing N N 201 
LYS CB  HB3  sing N N 202 
LYS CG  CD   sing N N 203 
LYS CG  HG2  sing N N 204 
LYS CG  HG3  sing N N 205 
LYS CD  CE   sing N N 206 
LYS CD  HD2  sing N N 207 
LYS CD  HD3  sing N N 208 
LYS CE  NZ   sing N N 209 
LYS CE  HE2  sing N N 210 
LYS CE  HE3  sing N N 211 
LYS NZ  HZ1  sing N N 212 
LYS NZ  HZ2  sing N N 213 
LYS NZ  HZ3  sing N N 214 
LYS OXT HXT  sing N N 215 
MET N   CA   sing N N 216 
MET N   H    sing N N 217 
MET N   H2   sing N N 218 
MET CA  C    sing N N 219 
MET CA  CB   sing N N 220 
MET CA  HA   sing N N 221 
MET C   O    doub N N 222 
MET C   OXT  sing N N 223 
MET CB  CG   sing N N 224 
MET CB  HB2  sing N N 225 
MET CB  HB3  sing N N 226 
MET CG  SD   sing N N 227 
MET CG  HG2  sing N N 228 
MET CG  HG3  sing N N 229 
MET SD  CE   sing N N 230 
MET CE  HE1  sing N N 231 
MET CE  HE2  sing N N 232 
MET CE  HE3  sing N N 233 
MET OXT HXT  sing N N 234 
OLA C1  O1   doub N N 235 
OLA C1  O2   sing N N 236 
OLA C1  C2   sing N N 237 
OLA O2  HO2  sing N N 238 
OLA C2  C3   sing N N 239 
OLA C2  H21  sing N N 240 
OLA C2  H22  sing N N 241 
OLA C3  C4   sing N N 242 
OLA C3  H31  sing N N 243 
OLA C3  H32  sing N N 244 
OLA C4  C5   sing N N 245 
OLA C4  H41  sing N N 246 
OLA C4  H42  sing N N 247 
OLA C5  C6   sing N N 248 
OLA C5  H51  sing N N 249 
OLA C5  H52  sing N N 250 
OLA C6  C7   sing N N 251 
OLA C6  H61  sing N N 252 
OLA C6  H62  sing N N 253 
OLA C7  C8   sing N N 254 
OLA C7  H71  sing N N 255 
OLA C7  H72  sing N N 256 
OLA C8  C9   sing N N 257 
OLA C8  H81  sing N N 258 
OLA C8  H82  sing N N 259 
OLA C9  C10  doub N Z 260 
OLA C9  H9   sing N N 261 
OLA C10 C11  sing N N 262 
OLA C10 H10  sing N N 263 
OLA C11 C12  sing N N 264 
OLA C11 H111 sing N N 265 
OLA C11 H112 sing N N 266 
OLA C12 C13  sing N N 267 
OLA C12 H121 sing N N 268 
OLA C12 H122 sing N N 269 
OLA C13 C14  sing N N 270 
OLA C13 H131 sing N N 271 
OLA C13 H132 sing N N 272 
OLA C14 C15  sing N N 273 
OLA C14 H141 sing N N 274 
OLA C14 H142 sing N N 275 
OLA C15 C16  sing N N 276 
OLA C15 H151 sing N N 277 
OLA C15 H152 sing N N 278 
OLA C16 C17  sing N N 279 
OLA C16 H161 sing N N 280 
OLA C16 H162 sing N N 281 
OLA C17 C18  sing N N 282 
OLA C17 H171 sing N N 283 
OLA C17 H172 sing N N 284 
OLA C18 H181 sing N N 285 
OLA C18 H182 sing N N 286 
OLA C18 H183 sing N N 287 
PHE N   CA   sing N N 288 
PHE N   H    sing N N 289 
PHE N   H2   sing N N 290 
PHE CA  C    sing N N 291 
PHE CA  CB   sing N N 292 
PHE CA  HA   sing N N 293 
PHE C   O    doub N N 294 
PHE C   OXT  sing N N 295 
PHE CB  CG   sing N N 296 
PHE CB  HB2  sing N N 297 
PHE CB  HB3  sing N N 298 
PHE CG  CD1  doub Y N 299 
PHE CG  CD2  sing Y N 300 
PHE CD1 CE1  sing Y N 301 
PHE CD1 HD1  sing N N 302 
PHE CD2 CE2  doub Y N 303 
PHE CD2 HD2  sing N N 304 
PHE CE1 CZ   doub Y N 305 
PHE CE1 HE1  sing N N 306 
PHE CE2 CZ   sing Y N 307 
PHE CE2 HE2  sing N N 308 
PHE CZ  HZ   sing N N 309 
PHE OXT HXT  sing N N 310 
PRO N   CA   sing N N 311 
PRO N   CD   sing N N 312 
PRO N   H    sing N N 313 
PRO CA  C    sing N N 314 
PRO CA  CB   sing N N 315 
PRO CA  HA   sing N N 316 
PRO C   O    doub N N 317 
PRO C   OXT  sing N N 318 
PRO CB  CG   sing N N 319 
PRO CB  HB2  sing N N 320 
PRO CB  HB3  sing N N 321 
PRO CG  CD   sing N N 322 
PRO CG  HG2  sing N N 323 
PRO CG  HG3  sing N N 324 
PRO CD  HD2  sing N N 325 
PRO CD  HD3  sing N N 326 
PRO OXT HXT  sing N N 327 
SER N   CA   sing N N 328 
SER N   H    sing N N 329 
SER N   H2   sing N N 330 
SER CA  C    sing N N 331 
SER CA  CB   sing N N 332 
SER CA  HA   sing N N 333 
SER C   O    doub N N 334 
SER C   OXT  sing N N 335 
SER CB  OG   sing N N 336 
SER CB  HB2  sing N N 337 
SER CB  HB3  sing N N 338 
SER OG  HG   sing N N 339 
SER OXT HXT  sing N N 340 
THR N   CA   sing N N 341 
THR N   H    sing N N 342 
THR N   H2   sing N N 343 
THR CA  C    sing N N 344 
THR CA  CB   sing N N 345 
THR CA  HA   sing N N 346 
THR C   O    doub N N 347 
THR C   OXT  sing N N 348 
THR CB  OG1  sing N N 349 
THR CB  CG2  sing N N 350 
THR CB  HB   sing N N 351 
THR OG1 HG1  sing N N 352 
THR CG2 HG21 sing N N 353 
THR CG2 HG22 sing N N 354 
THR CG2 HG23 sing N N 355 
THR OXT HXT  sing N N 356 
TRP N   CA   sing N N 357 
TRP N   H    sing N N 358 
TRP N   H2   sing N N 359 
TRP CA  C    sing N N 360 
TRP CA  CB   sing N N 361 
TRP CA  HA   sing N N 362 
TRP C   O    doub N N 363 
TRP C   OXT  sing N N 364 
TRP CB  CG   sing N N 365 
TRP CB  HB2  sing N N 366 
TRP CB  HB3  sing N N 367 
TRP CG  CD1  doub Y N 368 
TRP CG  CD2  sing Y N 369 
TRP CD1 NE1  sing Y N 370 
TRP CD1 HD1  sing N N 371 
TRP CD2 CE2  doub Y N 372 
TRP CD2 CE3  sing Y N 373 
TRP NE1 CE2  sing Y N 374 
TRP NE1 HE1  sing N N 375 
TRP CE2 CZ2  sing Y N 376 
TRP CE3 CZ3  doub Y N 377 
TRP CE3 HE3  sing N N 378 
TRP CZ2 CH2  doub Y N 379 
TRP CZ2 HZ2  sing N N 380 
TRP CZ3 CH2  sing Y N 381 
TRP CZ3 HZ3  sing N N 382 
TRP CH2 HH2  sing N N 383 
TRP OXT HXT  sing N N 384 
TYR N   CA   sing N N 385 
TYR N   H    sing N N 386 
TYR N   H2   sing N N 387 
TYR CA  C    sing N N 388 
TYR CA  CB   sing N N 389 
TYR CA  HA   sing N N 390 
TYR C   O    doub N N 391 
TYR C   OXT  sing N N 392 
TYR CB  CG   sing N N 393 
TYR CB  HB2  sing N N 394 
TYR CB  HB3  sing N N 395 
TYR CG  CD1  doub Y N 396 
TYR CG  CD2  sing Y N 397 
TYR CD1 CE1  sing Y N 398 
TYR CD1 HD1  sing N N 399 
TYR CD2 CE2  doub Y N 400 
TYR CD2 HD2  sing N N 401 
TYR CE1 CZ   doub Y N 402 
TYR CE1 HE1  sing N N 403 
TYR CE2 CZ   sing Y N 404 
TYR CE2 HE2  sing N N 405 
TYR CZ  OH   sing N N 406 
TYR OH  HH   sing N N 407 
TYR OXT HXT  sing N N 408 
VAL N   CA   sing N N 409 
VAL N   H    sing N N 410 
VAL N   H2   sing N N 411 
VAL CA  C    sing N N 412 
VAL CA  CB   sing N N 413 
VAL CA  HA   sing N N 414 
VAL C   O    doub N N 415 
VAL C   OXT  sing N N 416 
VAL CB  CG1  sing N N 417 
VAL CB  CG2  sing N N 418 
VAL CB  HB   sing N N 419 
VAL CG1 HG11 sing N N 420 
VAL CG1 HG12 sing N N 421 
VAL CG1 HG13 sing N N 422 
VAL CG2 HG21 sing N N 423 
VAL CG2 HG22 sing N N 424 
VAL CG2 HG23 sing N N 425 
VAL OXT HXT  sing N N 426 
# 
_atom_sites.entry_id                    1FE3 
_atom_sites.fract_transf_matrix[1][1]   0.01001663 
_atom_sites.fract_transf_matrix[1][2]   0.00151721 
_atom_sites.fract_transf_matrix[1][3]   0.00703970 
_atom_sites.fract_transf_matrix[2][1]   -0.00017120 
_atom_sites.fract_transf_matrix[2][2]   -0.00354206 
_atom_sites.fract_transf_matrix[2][3]   0.01181635 
_atom_sites.fract_transf_matrix[3][1]   0.00696330 
_atom_sites.fract_transf_matrix[3][2]   -0.01942400 
_atom_sites.fract_transf_matrix[3][3]   -0.00572164 
_atom_sites.fract_transf_vector[1]      1.470197 
_atom_sites.fract_transf_vector[2]      0.860929 
_atom_sites.fract_transf_vector[3]      -0.793650 
# 
loop_
_atom_type.symbol 
C 
N 
O 
S 
# 
loop_
_atom_site.group_PDB 
_atom_site.id 
_atom_site.type_symbol 
_atom_site.label_atom_id 
_atom_site.label_alt_id 
_atom_site.label_comp_id 
_atom_site.label_asym_id 
_atom_site.label_entity_id 
_atom_site.label_seq_id 
_atom_site.pdbx_PDB_ins_code 
_atom_site.Cartn_x 
_atom_site.Cartn_y 
_atom_site.Cartn_z 
_atom_site.occupancy 
_atom_site.B_iso_or_equiv 
_atom_site.pdbx_formal_charge 
_atom_site.auth_seq_id 
_atom_site.auth_comp_id 
_atom_site.auth_asym_id 
_atom_site.auth_atom_id 
_atom_site.pdbx_PDB_model_num 
ATOM   1    N N   . VAL A 1 1   ? -0.978  -4.093  -15.891 1.00 11.61 ? 1   VAL A N   1 
ATOM   2    C CA  . VAL A 1 1   ? -1.191  -2.852  -15.086 1.00 16.20 ? 1   VAL A CA  1 
ATOM   3    C C   . VAL A 1 1   ? -2.616  -2.332  -15.351 1.00 17.70 ? 1   VAL A C   1 
ATOM   4    O O   . VAL A 1 1   ? -3.232  -1.675  -14.507 1.00 14.81 ? 1   VAL A O   1 
ATOM   5    C CB  . VAL A 1 1   ? -0.108  -1.726  -15.424 1.00 16.20 ? 1   VAL A CB  1 
ATOM   6    C CG1 . VAL A 1 1   ? -0.584  -0.850  -16.601 1.00 18.40 ? 1   VAL A CG1 1 
ATOM   7    C CG2 . VAL A 1 1   ? 0.190   -0.823  -14.186 1.00 2.00  ? 1   VAL A CG2 1 
ATOM   8    N N   . GLU A 1 2   ? -3.158  -2.677  -16.509 1.00 22.22 ? 2   GLU A N   1 
ATOM   9    C CA  . GLU A 1 2   ? -4.494  -2.211  -16.860 1.00 26.12 ? 2   GLU A CA  1 
ATOM   10   C C   . GLU A 1 2   ? -5.603  -2.822  -16.001 1.00 23.11 ? 2   GLU A C   1 
ATOM   11   O O   . GLU A 1 2   ? -6.741  -2.385  -16.075 1.00 24.05 ? 2   GLU A O   1 
ATOM   12   C CB  . GLU A 1 2   ? -4.768  -2.377  -18.370 1.00 31.50 ? 2   GLU A CB  1 
ATOM   13   C CG  . GLU A 1 2   ? -3.766  -1.599  -19.297 1.00 36.53 ? 2   GLU A CG  1 
ATOM   14   C CD  . GLU A 1 2   ? -2.512  -2.418  -19.689 1.00 38.85 ? 2   GLU A CD  1 
ATOM   15   O OE1 . GLU A 1 2   ? -1.500  -2.407  -18.944 1.00 36.03 ? 2   GLU A OE1 1 
ATOM   16   O OE2 . GLU A 1 2   ? -2.549  -3.076  -20.756 1.00 37.44 ? 2   GLU A OE2 1 
ATOM   17   N N   . ALA A 1 3   ? -5.260  -3.799  -15.165 1.00 18.63 ? 3   ALA A N   1 
ATOM   18   C CA  . ALA A 1 3   ? -6.239  -4.420  -14.278 1.00 11.74 ? 3   ALA A CA  1 
ATOM   19   C C   . ALA A 1 3   ? -6.224  -3.822  -12.864 1.00 9.63  ? 3   ALA A C   1 
ATOM   20   O O   . ALA A 1 3   ? -7.131  -4.054  -12.072 1.00 11.92 ? 3   ALA A O   1 
ATOM   21   C CB  . ALA A 1 3   ? -5.996  -5.894  -14.201 1.00 13.10 ? 3   ALA A CB  1 
ATOM   22   N N   . PHE A 1 4   ? -5.184  -3.075  -12.538 1.00 6.86  ? 4   PHE A N   1 
ATOM   23   C CA  . PHE A 1 4   ? -5.064  -2.472  -11.224 1.00 4.19  ? 4   PHE A CA  1 
ATOM   24   C C   . PHE A 1 4   ? -5.736  -1.131  -11.205 1.00 2.57  ? 4   PHE A C   1 
ATOM   25   O O   . PHE A 1 4   ? -6.075  -0.611  -10.151 1.00 2.00  ? 4   PHE A O   1 
ATOM   26   C CB  . PHE A 1 4   ? -3.595  -2.268  -10.897 1.00 3.52  ? 4   PHE A CB  1 
ATOM   27   C CG  . PHE A 1 4   ? -2.864  -3.532  -10.691 1.00 3.97  ? 4   PHE A CG  1 
ATOM   28   C CD1 . PHE A 1 4   ? -3.096  -4.296  -9.543  1.00 2.05  ? 4   PHE A CD1 1 
ATOM   29   C CD2 . PHE A 1 4   ? -1.949  -3.973  -11.640 1.00 2.00  ? 4   PHE A CD2 1 
ATOM   30   C CE1 . PHE A 1 4   ? -2.424  -5.490  -9.335  1.00 2.00  ? 4   PHE A CE1 1 
ATOM   31   C CE2 . PHE A 1 4   ? -1.269  -5.158  -11.455 1.00 2.00  ? 4   PHE A CE2 1 
ATOM   32   C CZ  . PHE A 1 4   ? -1.508  -5.932  -10.285 1.00 2.90  ? 4   PHE A CZ  1 
ATOM   33   N N   . CYS A 1 5   ? -5.900  -0.560  -12.385 1.00 6.58  ? 5   CYS A N   1 
ATOM   34   C CA  . CYS A 1 5   ? -6.493  0.758   -12.507 1.00 11.65 ? 5   CYS A CA  1 
ATOM   35   C C   . CYS A 1 5   ? -7.982  0.852   -12.256 1.00 10.48 ? 5   CYS A C   1 
ATOM   36   O O   . CYS A 1 5   ? -8.768  0.581   -13.154 1.00 12.75 ? 5   CYS A O   1 
ATOM   37   C CB  . CYS A 1 5   ? -6.119  1.372   -13.853 1.00 11.82 ? 5   CYS A CB  1 
ATOM   38   S SG  . CYS A 1 5   ? -4.387  1.874   -13.866 1.00 16.38 ? 5   CYS A SG  1 
ATOM   39   N N   . ALA A 1 6   ? -8.347  1.281   -11.045 1.00 7.89  ? 6   ALA A N   1 
ATOM   40   C CA  . ALA A 1 6   ? -9.739  1.416   -10.651 1.00 9.73  ? 6   ALA A CA  1 
ATOM   41   C C   . ALA A 1 6   ? -9.908  2.023   -9.254  1.00 12.69 ? 6   ALA A C   1 
ATOM   42   O O   . ALA A 1 6   ? -8.944  2.206   -8.503  1.00 12.99 ? 6   ALA A O   1 
ATOM   43   C CB  . ALA A 1 6   ? -10.422 0.062   -10.691 1.00 6.77  ? 6   ALA A CB  1 
ATOM   44   N N   . THR A 1 7   ? -11.147 2.358   -8.928  1.00 12.34 ? 7   THR A N   1 
ATOM   45   C CA  . THR A 1 7   ? -11.455 2.905   -7.634  1.00 14.47 ? 7   THR A CA  1 
ATOM   46   C C   . THR A 1 7   ? -11.729 1.710   -6.737  1.00 16.24 ? 7   THR A C   1 
ATOM   47   O O   . THR A 1 7   ? -12.689 0.955   -6.970  1.00 17.35 ? 7   THR A O   1 
ATOM   48   C CB  . THR A 1 7   ? -12.695 3.806   -7.702  1.00 16.03 ? 7   THR A CB  1 
ATOM   49   O OG1 . THR A 1 7   ? -12.450 4.867   -8.633  1.00 16.17 ? 7   THR A OG1 1 
ATOM   50   C CG2 . THR A 1 7   ? -13.021 4.400   -6.333  1.00 12.01 ? 7   THR A CG2 1 
ATOM   51   N N   . TRP A 1 8   ? -10.844 1.497   -5.764  1.00 15.04 ? 8   TRP A N   1 
ATOM   52   C CA  . TRP A 1 8   ? -10.983 0.393   -4.828  1.00 12.14 ? 8   TRP A CA  1 
ATOM   53   C C   . TRP A 1 8   ? -11.390 0.910   -3.441  1.00 14.38 ? 8   TRP A C   1 
ATOM   54   O O   . TRP A 1 8   ? -11.068 2.048   -3.059  1.00 11.67 ? 8   TRP A O   1 
ATOM   55   C CB  . TRP A 1 8   ? -9.680  -0.403  -4.715  1.00 8.59  ? 8   TRP A CB  1 
ATOM   56   C CG  . TRP A 1 8   ? -9.052  -0.753  -6.021  1.00 5.97  ? 8   TRP A CG  1 
ATOM   57   C CD1 . TRP A 1 8   ? -8.182  0.021   -6.753  1.00 6.19  ? 8   TRP A CD1 1 
ATOM   58   C CD2 . TRP A 1 8   ? -9.211  -1.972  -6.750  1.00 4.04  ? 8   TRP A CD2 1 
ATOM   59   N NE1 . TRP A 1 8   ? -7.787  -0.650  -7.889  1.00 3.96  ? 8   TRP A NE1 1 
ATOM   60   C CE2 . TRP A 1 8   ? -8.404  -1.871  -7.916  1.00 3.27  ? 8   TRP A CE2 1 
ATOM   61   C CE3 . TRP A 1 8   ? -9.956  -3.137  -6.541  1.00 2.62  ? 8   TRP A CE3 1 
ATOM   62   C CZ2 . TRP A 1 8   ? -8.330  -2.889  -8.860  1.00 2.00  ? 8   TRP A CZ2 1 
ATOM   63   C CZ3 . TRP A 1 8   ? -9.881  -4.153  -7.485  1.00 4.35  ? 8   TRP A CZ3 1 
ATOM   64   C CH2 . TRP A 1 8   ? -9.072  -4.020  -8.633  1.00 3.37  ? 8   TRP A CH2 1 
ATOM   65   N N   . LYS A 1 9   ? -12.142 0.055   -2.738  1.00 14.58 ? 9   LYS A N   1 
ATOM   66   C CA  . LYS A 1 9   ? -12.667 0.267   -1.393  1.00 7.85  ? 9   LYS A CA  1 
ATOM   67   C C   . LYS A 1 9   ? -12.222 -0.988  -0.655  1.00 7.44  ? 9   LYS A C   1 
ATOM   68   O O   . LYS A 1 9   ? -12.244 -2.090  -1.239  1.00 2.89  ? 9   LYS A O   1 
ATOM   69   C CB  . LYS A 1 9   ? -14.208 0.262   -1.406  1.00 12.32 ? 9   LYS A CB  1 
ATOM   70   C CG  . LYS A 1 9   ? -14.931 1.588   -1.049  1.00 21.94 ? 9   LYS A CG  1 
ATOM   71   C CD  . LYS A 1 9   ? -14.226 2.424   0.072   1.00 32.03 ? 9   LYS A CD  1 
ATOM   72   C CE  . LYS A 1 9   ? -13.868 1.643   1.363   1.00 31.71 ? 9   LYS A CE  1 
ATOM   73   N NZ  . LYS A 1 9   ? -15.040 1.080   2.112   1.00 35.91 ? 9   LYS A NZ  1 
ATOM   74   N N   . LEU A 1 10  ? -11.800 -0.823  0.602   1.00 5.65  ? 10  LEU A N   1 
ATOM   75   C CA  . LEU A 1 10  ? -11.375 -1.941  1.437   1.00 3.34  ? 10  LEU A CA  1 
ATOM   76   C C   . LEU A 1 10  ? -12.645 -2.623  1.894   1.00 2.39  ? 10  LEU A C   1 
ATOM   77   O O   . LEU A 1 10  ? -13.652 -1.967  2.091   1.00 2.43  ? 10  LEU A O   1 
ATOM   78   C CB  . LEU A 1 10  ? -10.598 -1.456  2.663   1.00 6.94  ? 10  LEU A CB  1 
ATOM   79   C CG  . LEU A 1 10  ? -10.071 -2.499  3.665   1.00 2.32  ? 10  LEU A CG  1 
ATOM   80   C CD1 . LEU A 1 10  ? -8.887  -3.215  3.066   1.00 2.00  ? 10  LEU A CD1 1 
ATOM   81   C CD2 . LEU A 1 10  ? -9.645  -1.834  4.950   1.00 2.00  ? 10  LEU A CD2 1 
ATOM   82   N N   . THR A 1 11  ? -12.606 -3.945  1.999   1.00 4.55  ? 11  THR A N   1 
ATOM   83   C CA  . THR A 1 11  ? -13.756 -4.723  2.425   1.00 8.32  ? 11  THR A CA  1 
ATOM   84   C C   . THR A 1 11  ? -13.374 -5.549  3.630   1.00 11.40 ? 11  THR A C   1 
ATOM   85   O O   . THR A 1 11  ? -14.120 -5.632  4.605   1.00 15.79 ? 11  THR A O   1 
ATOM   86   C CB  . THR A 1 11  ? -14.219 -5.675  1.324   1.00 8.14  ? 11  THR A CB  1 
ATOM   87   O OG1 . THR A 1 11  ? -13.168 -6.594  0.991   1.00 6.27  ? 11  THR A OG1 1 
ATOM   88   C CG2 . THR A 1 11  ? -14.583 -4.879  0.109   1.00 8.26  ? 11  THR A CG2 1 
ATOM   89   N N   . ASN A 1 12  ? -12.197 -6.149  3.572   1.00 11.73 ? 12  ASN A N   1 
ATOM   90   C CA  . ASN A 1 12  ? -11.738 -6.953  4.678   1.00 15.04 ? 12  ASN A CA  1 
ATOM   91   C C   . ASN A 1 12  ? -10.234 -6.915  4.842   1.00 14.11 ? 12  ASN A C   1 
ATOM   92   O O   . ASN A 1 12  ? -9.485  -7.133  3.888   1.00 20.06 ? 12  ASN A O   1 
ATOM   93   C CB  . ASN A 1 12  ? -12.198 -8.397  4.519   1.00 19.25 ? 12  ASN A CB  1 
ATOM   94   C CG  . ASN A 1 12  ? -11.715 -9.273  5.653   1.00 25.34 ? 12  ASN A CG  1 
ATOM   95   O OD1 . ASN A 1 12  ? -12.398 -9.436  6.681   1.00 24.07 ? 12  ASN A OD1 1 
ATOM   96   N ND2 . ASN A 1 12  ? -10.499 -9.799  5.505   1.00 29.77 ? 12  ASN A ND2 1 
ATOM   97   N N   . SER A 1 13  ? -9.795  -6.650  6.061   1.00 10.60 ? 13  SER A N   1 
ATOM   98   C CA  . SER A 1 13  ? -8.383  -6.590  6.386   1.00 6.59  ? 13  SER A CA  1 
ATOM   99   C C   . SER A 1 13  ? -8.118  -7.740  7.343   1.00 8.96  ? 13  SER A C   1 
ATOM   100  O O   . SER A 1 13  ? -9.046  -8.249  7.983   1.00 11.24 ? 13  SER A O   1 
ATOM   101  C CB  . SER A 1 13  ? -8.069  -5.257  7.048   1.00 2.00  ? 13  SER A CB  1 
ATOM   102  O OG  . SER A 1 13  ? -6.858  -5.312  7.756   1.00 2.00  ? 13  SER A OG  1 
ATOM   103  N N   . GLN A 1 14  ? -6.850  -8.108  7.490   1.00 10.79 ? 14  GLN A N   1 
ATOM   104  C CA  . GLN A 1 14  ? -6.468  -9.219  8.347   1.00 8.23  ? 14  GLN A CA  1 
ATOM   105  C C   . GLN A 1 14  ? -5.033  -9.124  8.821   1.00 8.19  ? 14  GLN A C   1 
ATOM   106  O O   . GLN A 1 14  ? -4.110  -8.903  8.024   1.00 3.59  ? 14  GLN A O   1 
ATOM   107  C CB  . GLN A 1 14  ? -6.689  -10.505 7.576   1.00 10.22 ? 14  GLN A CB  1 
ATOM   108  C CG  . GLN A 1 14  ? -6.017  -11.732 8.087   1.00 12.27 ? 14  GLN A CG  1 
ATOM   109  C CD  . GLN A 1 14  ? -6.550  -12.945 7.333   1.00 22.27 ? 14  GLN A CD  1 
ATOM   110  O OE1 . GLN A 1 14  ? -7.622  -12.876 6.688   1.00 16.15 ? 14  GLN A OE1 1 
ATOM   111  N NE2 . GLN A 1 14  ? -5.814  -14.057 7.395   1.00 24.58 ? 14  GLN A NE2 1 
ATOM   112  N N   . ASN A 1 15  ? -4.876  -9.283  10.138  1.00 8.91  ? 15  ASN A N   1 
ATOM   113  C CA  . ASN A 1 15  ? -3.590  -9.229  10.846  1.00 6.02  ? 15  ASN A CA  1 
ATOM   114  C C   . ASN A 1 15  ? -2.864  -7.884  10.683  1.00 3.20  ? 15  ASN A C   1 
ATOM   115  O O   . ASN A 1 15  ? -1.668  -7.765  10.953  1.00 2.00  ? 15  ASN A O   1 
ATOM   116  C CB  . ASN A 1 15  ? -2.683  -10.399 10.431  1.00 5.94  ? 15  ASN A CB  1 
ATOM   117  C CG  . ASN A 1 15  ? -1.939  -11.005 11.617  1.00 12.45 ? 15  ASN A CG  1 
ATOM   118  O OD1 . ASN A 1 15  ? -0.802  -10.630 11.920  1.00 10.57 ? 15  ASN A OD1 1 
ATOM   119  N ND2 . ASN A 1 15  ? -2.600  -11.923 12.324  1.00 14.44 ? 15  ASN A ND2 1 
ATOM   120  N N   . PHE A 1 16  ? -3.619  -6.848  10.332  1.00 3.78  ? 16  PHE A N   1 
ATOM   121  C CA  . PHE A 1 16  ? -3.019  -5.539  10.114  1.00 7.71  ? 16  PHE A CA  1 
ATOM   122  C C   . PHE A 1 16  ? -2.463  -4.925  11.399  1.00 6.93  ? 16  PHE A C   1 
ATOM   123  O O   . PHE A 1 16  ? -1.392  -4.325  11.384  1.00 3.80  ? 16  PHE A O   1 
ATOM   124  C CB  . PHE A 1 16  ? -4.006  -4.599  9.421   1.00 5.23  ? 16  PHE A CB  1 
ATOM   125  C CG  . PHE A 1 16  ? -3.356  -3.408  8.759   1.00 8.77  ? 16  PHE A CG  1 
ATOM   126  C CD1 . PHE A 1 16  ? -2.381  -3.585  7.768   1.00 2.61  ? 16  PHE A CD1 1 
ATOM   127  C CD2 . PHE A 1 16  ? -3.756  -2.099  9.089   1.00 7.90  ? 16  PHE A CD2 1 
ATOM   128  C CE1 . PHE A 1 16  ? -1.820  -2.465  7.108   1.00 2.00  ? 16  PHE A CE1 1 
ATOM   129  C CE2 . PHE A 1 16  ? -3.198  -0.969  8.429   1.00 2.00  ? 16  PHE A CE2 1 
ATOM   130  C CZ  . PHE A 1 16  ? -2.240  -1.154  7.449   1.00 2.00  ? 16  PHE A CZ  1 
ATOM   131  N N   . ASP A 1 17  ? -3.180  -5.109  12.510  1.00 10.57 ? 17  ASP A N   1 
ATOM   132  C CA  . ASP A 1 17  ? -2.758  -4.594  13.827  1.00 11.43 ? 17  ASP A CA  1 
ATOM   133  C C   . ASP A 1 17  ? -1.389  -5.161  14.208  1.00 9.24  ? 17  ASP A C   1 
ATOM   134  O O   . ASP A 1 17  ? -0.488  -4.432  14.626  1.00 4.70  ? 17  ASP A O   1 
ATOM   135  C CB  . ASP A 1 17  ? -3.779  -4.979  14.894  1.00 15.76 ? 17  ASP A CB  1 
ATOM   136  C CG  . ASP A 1 17  ? -3.446  -4.398  16.256  1.00 22.34 ? 17  ASP A CG  1 
ATOM   137  O OD1 . ASP A 1 17  ? -3.057  -5.186  17.150  1.00 28.54 ? 17  ASP A OD1 1 
ATOM   138  O OD2 . ASP A 1 17  ? -3.575  -3.163  16.436  1.00 20.29 ? 17  ASP A OD2 1 
ATOM   139  N N   . GLU A 1 18  ? -1.234  -6.465  14.028  1.00 6.94  ? 18  GLU A N   1 
ATOM   140  C CA  . GLU A 1 18  ? 0.019   -7.121  14.321  1.00 11.16 ? 18  GLU A CA  1 
ATOM   141  C C   . GLU A 1 18  ? 1.144   -6.550  13.453  1.00 11.12 ? 18  GLU A C   1 
ATOM   142  O O   . GLU A 1 18  ? 2.280   -6.376  13.911  1.00 11.34 ? 18  GLU A O   1 
ATOM   143  C CB  . GLU A 1 18  ? -0.128  -8.623  14.104  1.00 14.79 ? 18  GLU A CB  1 
ATOM   144  C CG  . GLU A 1 18  ? 0.804   -9.456  14.968  1.00 24.32 ? 18  GLU A CG  1 
ATOM   145  C CD  . GLU A 1 18  ? 0.895   -8.940  16.404  1.00 30.01 ? 18  GLU A CD  1 
ATOM   146  O OE1 . GLU A 1 18  ? -0.129  -9.006  17.123  1.00 32.78 ? 18  GLU A OE1 1 
ATOM   147  O OE2 . GLU A 1 18  ? 1.989   -8.450  16.797  1.00 35.34 ? 18  GLU A OE2 1 
ATOM   148  N N   . TYR A 1 19  ? 0.796   -6.217  12.213  1.00 11.88 ? 19  TYR A N   1 
ATOM   149  C CA  . TYR A 1 19  ? 1.733   -5.654  11.246  1.00 7.71  ? 19  TYR A CA  1 
ATOM   150  C C   . TYR A 1 19  ? 2.060   -4.213  11.636  1.00 6.26  ? 19  TYR A C   1 
ATOM   151  O O   . TYR A 1 19  ? 3.213   -3.780  11.592  1.00 5.72  ? 19  TYR A O   1 
ATOM   152  C CB  . TYR A 1 19  ? 1.099   -5.705  9.845   1.00 8.64  ? 19  TYR A CB  1 
ATOM   153  C CG  . TYR A 1 19  ? 1.934   -5.082  8.760   1.00 7.11  ? 19  TYR A CG  1 
ATOM   154  C CD1 . TYR A 1 19  ? 1.797   -3.716  8.435   1.00 7.58  ? 19  TYR A CD1 1 
ATOM   155  C CD2 . TYR A 1 19  ? 2.918   -5.822  8.111   1.00 7.60  ? 19  TYR A CD2 1 
ATOM   156  C CE1 . TYR A 1 19  ? 2.645   -3.101  7.487   1.00 8.54  ? 19  TYR A CE1 1 
ATOM   157  C CE2 . TYR A 1 19  ? 3.780   -5.216  7.165   1.00 8.55  ? 19  TYR A CE2 1 
ATOM   158  C CZ  . TYR A 1 19  ? 3.638   -3.866  6.866   1.00 7.59  ? 19  TYR A CZ  1 
ATOM   159  O OH  . TYR A 1 19  ? 4.520   -3.281  6.002   1.00 2.86  ? 19  TYR A OH  1 
ATOM   160  N N   . MET A 1 20  ? 1.037   -3.474  12.027  1.00 3.36  ? 20  MET A N   1 
ATOM   161  C CA  . MET A 1 20  ? 1.236   -2.100  12.401  1.00 6.80  ? 20  MET A CA  1 
ATOM   162  C C   . MET A 1 20  ? 2.169   -2.012  13.597  1.00 7.16  ? 20  MET A C   1 
ATOM   163  O O   . MET A 1 20  ? 3.037   -1.139  13.664  1.00 6.39  ? 20  MET A O   1 
ATOM   164  C CB  . MET A 1 20  ? -0.100  -1.428  12.698  1.00 7.35  ? 20  MET A CB  1 
ATOM   165  C CG  . MET A 1 20  ? -0.693  -0.722  11.510  1.00 9.94  ? 20  MET A CG  1 
ATOM   166  S SD  . MET A 1 20  ? -1.869  0.516   12.078  1.00 19.87 ? 20  MET A SD  1 
ATOM   167  C CE  . MET A 1 20  ? -3.490  -0.289  11.712  1.00 12.70 ? 20  MET A CE  1 
ATOM   168  N N   . LYS A 1 21  ? 1.979   -2.940  14.529  1.00 8.61  ? 21  LYS A N   1 
ATOM   169  C CA  . LYS A 1 21  ? 2.772   -3.035  15.737  1.00 3.66  ? 21  LYS A CA  1 
ATOM   170  C C   . LYS A 1 21  ? 4.198   -3.288  15.275  1.00 5.00  ? 21  LYS A C   1 
ATOM   171  O O   . LYS A 1 21  ? 5.093   -2.522  15.590  1.00 7.61  ? 21  LYS A O   1 
ATOM   172  C CB  . LYS A 1 21  ? 2.254   -4.201  16.552  1.00 7.13  ? 21  LYS A CB  1 
ATOM   173  C CG  . LYS A 1 21  ? 2.402   -4.039  18.037  1.00 16.60 ? 21  LYS A CG  1 
ATOM   174  C CD  . LYS A 1 21  ? 1.291   -4.810  18.775  1.00 24.43 ? 21  LYS A CD  1 
ATOM   175  C CE  . LYS A 1 21  ? -0.050  -4.091  18.642  1.00 30.16 ? 21  LYS A CE  1 
ATOM   176  N NZ  . LYS A 1 21  ? -1.093  -4.579  19.602  1.00 34.99 ? 21  LYS A NZ  1 
ATOM   177  N N   . ALA A 1 22  ? 4.392   -4.314  14.453  1.00 6.43  ? 22  ALA A N   1 
ATOM   178  C CA  . ALA A 1 22  ? 5.711   -4.649  13.907  1.00 8.05  ? 22  ALA A CA  1 
ATOM   179  C C   . ALA A 1 22  ? 6.401   -3.423  13.307  1.00 8.00  ? 22  ALA A C   1 
ATOM   180  O O   . ALA A 1 22  ? 7.566   -3.154  13.577  1.00 5.33  ? 22  ALA A O   1 
ATOM   181  C CB  . ALA A 1 22  ? 5.571   -5.709  12.827  1.00 8.02  ? 22  ALA A CB  1 
ATOM   182  N N   . LEU A 1 23  ? 5.673   -2.683  12.486  1.00 8.01  ? 23  LEU A N   1 
ATOM   183  C CA  . LEU A 1 23  ? 6.247   -1.510  11.859  1.00 10.16 ? 23  LEU A CA  1 
ATOM   184  C C   . LEU A 1 23  ? 6.638   -0.467  12.901  1.00 9.38  ? 23  LEU A C   1 
ATOM   185  O O   . LEU A 1 23  ? 7.510   0.379   12.668  1.00 11.16 ? 23  LEU A O   1 
ATOM   186  C CB  . LEU A 1 23  ? 5.290   -0.951  10.801  1.00 7.12  ? 23  LEU A CB  1 
ATOM   187  C CG  . LEU A 1 23  ? 5.947   -0.874  9.410   1.00 10.68 ? 23  LEU A CG  1 
ATOM   188  C CD1 . LEU A 1 23  ? 6.898   -2.063  9.184   1.00 7.46  ? 23  LEU A CD1 1 
ATOM   189  C CD2 . LEU A 1 23  ? 4.901   -0.787  8.301   1.00 4.30  ? 23  LEU A CD2 1 
ATOM   190  N N   . GLY A 1 24  ? 6.043   -0.587  14.078  1.00 6.69  ? 24  GLY A N   1 
ATOM   191  C CA  . GLY A 1 24  ? 6.331   0.344   15.141  1.00 6.50  ? 24  GLY A CA  1 
ATOM   192  C C   . GLY A 1 24  ? 5.516   1.601   14.998  1.00 5.47  ? 24  GLY A C   1 
ATOM   193  O O   . GLY A 1 24  ? 5.977   2.692   15.325  1.00 8.42  ? 24  GLY A O   1 
ATOM   194  N N   . VAL A 1 25  ? 4.302   1.450   14.493  1.00 8.04  ? 25  VAL A N   1 
ATOM   195  C CA  . VAL A 1 25  ? 3.391   2.577   14.318  1.00 12.23 ? 25  VAL A CA  1 
ATOM   196  C C   . VAL A 1 25  ? 2.871   3.049   15.688  1.00 12.67 ? 25  VAL A C   1 
ATOM   197  O O   . VAL A 1 25  ? 2.520   2.237   16.565  1.00 10.31 ? 25  VAL A O   1 
ATOM   198  C CB  . VAL A 1 25  ? 2.174   2.200   13.416  1.00 12.49 ? 25  VAL A CB  1 
ATOM   199  C CG1 . VAL A 1 25  ? 1.320   3.436   13.125  1.00 4.69  ? 25  VAL A CG1 1 
ATOM   200  C CG2 . VAL A 1 25  ? 2.656   1.547   12.130  1.00 12.80 ? 25  VAL A CG2 1 
ATOM   201  N N   . GLY A 1 26  ? 2.790   4.369   15.840  1.00 13.49 ? 26  GLY A N   1 
ATOM   202  C CA  . GLY A 1 26  ? 2.333   4.956   17.084  1.00 15.49 ? 26  GLY A CA  1 
ATOM   203  C C   . GLY A 1 26  ? 0.911   4.581   17.413  1.00 16.10 ? 26  GLY A C   1 
ATOM   204  O O   . GLY A 1 26  ? 0.097   4.422   16.506  1.00 19.53 ? 26  GLY A O   1 
ATOM   205  N N   . PHE A 1 27  ? 0.639   4.435   18.711  1.00 15.57 ? 27  PHE A N   1 
ATOM   206  C CA  . PHE A 1 27  ? -0.673  4.094   19.267  1.00 14.73 ? 27  PHE A CA  1 
ATOM   207  C C   . PHE A 1 27  ? -1.821  4.800   18.585  1.00 15.05 ? 27  PHE A C   1 
ATOM   208  O O   . PHE A 1 27  ? -2.746  4.148   18.104  1.00 12.89 ? 27  PHE A O   1 
ATOM   209  C CB  . PHE A 1 27  ? -0.714  4.474   20.735  1.00 15.59 ? 27  PHE A CB  1 
ATOM   210  C CG  . PHE A 1 27  ? -2.028  4.191   21.402  1.00 12.57 ? 27  PHE A CG  1 
ATOM   211  C CD1 . PHE A 1 27  ? -2.367  2.888   21.782  1.00 11.00 ? 27  PHE A CD1 1 
ATOM   212  C CD2 . PHE A 1 27  ? -2.901  5.231   21.701  1.00 7.46  ? 27  PHE A CD2 1 
ATOM   213  C CE1 . PHE A 1 27  ? -3.552  2.630   22.452  1.00 9.30  ? 27  PHE A CE1 1 
ATOM   214  C CE2 . PHE A 1 27  ? -4.089  4.983   22.371  1.00 5.52  ? 27  PHE A CE2 1 
ATOM   215  C CZ  . PHE A 1 27  ? -4.415  3.679   22.748  1.00 8.16  ? 27  PHE A CZ  1 
ATOM   216  N N   . ALA A 1 28  ? -1.783  6.134   18.622  1.00 14.61 ? 28  ALA A N   1 
ATOM   217  C CA  . ALA A 1 28  ? -2.795  6.970   17.979  1.00 14.70 ? 28  ALA A CA  1 
ATOM   218  C C   . ALA A 1 28  ? -3.113  6.459   16.575  1.00 15.53 ? 28  ALA A C   1 
ATOM   219  O O   . ALA A 1 28  ? -4.213  5.970   16.333  1.00 20.18 ? 28  ALA A O   1 
ATOM   220  C CB  . ALA A 1 28  ? -2.319  8.414   17.909  1.00 12.10 ? 28  ALA A CB  1 
ATOM   221  N N   . THR A 1 29  ? -2.138  6.512   15.669  1.00 15.27 ? 29  THR A N   1 
ATOM   222  C CA  . THR A 1 29  ? -2.330  6.049   14.285  1.00 12.58 ? 29  THR A CA  1 
ATOM   223  C C   . THR A 1 29  ? -2.817  4.607   14.173  1.00 10.97 ? 29  THR A C   1 
ATOM   224  O O   . THR A 1 29  ? -3.402  4.226   13.174  1.00 13.26 ? 29  THR A O   1 
ATOM   225  C CB  . THR A 1 29  ? -1.044  6.141   13.493  1.00 14.05 ? 29  THR A CB  1 
ATOM   226  O OG1 . THR A 1 29  ? -0.295  7.287   13.923  1.00 23.29 ? 29  THR A OG1 1 
ATOM   227  C CG2 . THR A 1 29  ? -1.357  6.269   12.044  1.00 14.50 ? 29  THR A CG2 1 
ATOM   228  N N   . ARG A 1 30  ? -2.501  3.785   15.162  1.00 8.81  ? 30  ARG A N   1 
ATOM   229  C CA  . ARG A 1 30  ? -2.933  2.399   15.179  1.00 7.21  ? 30  ARG A CA  1 
ATOM   230  C C   . ARG A 1 30  ? -4.450  2.366   15.427  1.00 6.68  ? 30  ARG A C   1 
ATOM   231  O O   . ARG A 1 30  ? -5.177  1.573   14.828  1.00 6.29  ? 30  ARG A O   1 
ATOM   232  C CB  . ARG A 1 30  ? -2.217  1.664   16.306  1.00 6.17  ? 30  ARG A CB  1 
ATOM   233  C CG  . ARG A 1 30  ? -2.278  0.149   16.252  1.00 3.56  ? 30  ARG A CG  1 
ATOM   234  C CD  . ARG A 1 30  ? -0.871  -0.420  16.176  1.00 7.74  ? 30  ARG A CD  1 
ATOM   235  N NE  . ARG A 1 30  ? 0.021   0.358   17.024  1.00 12.43 ? 30  ARG A NE  1 
ATOM   236  C CZ  . ARG A 1 30  ? 0.035   0.286   18.351  1.00 13.47 ? 30  ARG A CZ  1 
ATOM   237  N NH1 . ARG A 1 30  ? -0.779  -0.565  18.982  1.00 6.96  ? 30  ARG A NH1 1 
ATOM   238  N NH2 . ARG A 1 30  ? 0.747   1.172   19.042  1.00 12.29 ? 30  ARG A NH2 1 
ATOM   239  N N   . GLN A 1 31  ? -4.928  3.231   16.313  1.00 4.33  ? 31  GLN A N   1 
ATOM   240  C CA  . GLN A 1 31  ? -6.348  3.278   16.610  1.00 4.22  ? 31  GLN A CA  1 
ATOM   241  C C   . GLN A 1 31  ? -7.131  3.698   15.363  1.00 6.35  ? 31  GLN A C   1 
ATOM   242  O O   . GLN A 1 31  ? -8.160  3.074   15.040  1.00 5.13  ? 31  GLN A O   1 
ATOM   243  C CB  . GLN A 1 31  ? -6.639  4.225   17.772  1.00 4.69  ? 31  GLN A CB  1 
ATOM   244  C CG  . GLN A 1 31  ? -5.819  3.966   19.012  1.00 6.26  ? 31  GLN A CG  1 
ATOM   245  C CD  . GLN A 1 31  ? -6.233  2.724   19.735  1.00 7.68  ? 31  GLN A CD  1 
ATOM   246  O OE1 . GLN A 1 31  ? -6.801  2.799   20.817  1.00 18.34 ? 31  GLN A OE1 1 
ATOM   247  N NE2 . GLN A 1 31  ? -5.955  1.574   19.157  1.00 8.83  ? 31  GLN A NE2 1 
ATOM   248  N N   . VAL A 1 32  ? -6.660  4.732   14.658  1.00 4.81  ? 32  VAL A N   1 
ATOM   249  C CA  . VAL A 1 32  ? -7.372  5.157   13.441  1.00 8.99  ? 32  VAL A CA  1 
ATOM   250  C C   . VAL A 1 32  ? -7.123  4.131   12.336  1.00 8.48  ? 32  VAL A C   1 
ATOM   251  O O   . VAL A 1 32  ? -8.053  3.646   11.684  1.00 10.39 ? 32  VAL A O   1 
ATOM   252  C CB  . VAL A 1 32  ? -6.955  6.563   12.912  1.00 10.92 ? 32  VAL A CB  1 
ATOM   253  C CG1 . VAL A 1 32  ? -7.073  7.636   14.010  1.00 8.81  ? 32  VAL A CG1 1 
ATOM   254  C CG2 . VAL A 1 32  ? -5.565  6.519   12.348  1.00 12.95 ? 32  VAL A CG2 1 
ATOM   255  N N   . GLY A 1 33  ? -5.874  3.730   12.192  1.00 5.03  ? 33  GLY A N   1 
ATOM   256  C CA  . GLY A 1 33  ? -5.539  2.769   11.170  1.00 5.58  ? 33  GLY A CA  1 
ATOM   257  C C   . GLY A 1 33  ? -6.271  1.453   11.294  1.00 3.95  ? 33  GLY A C   1 
ATOM   258  O O   . GLY A 1 33  ? -6.349  0.709   10.333  1.00 6.14  ? 33  GLY A O   1 
ATOM   259  N N   . ASN A 1 34  ? -6.807  1.141   12.462  1.00 5.59  ? 34  ASN A N   1 
ATOM   260  C CA  . ASN A 1 34  ? -7.497  -0.126  12.594  1.00 10.04 ? 34  ASN A CA  1 
ATOM   261  C C   . ASN A 1 34  ? -8.975  -0.108  12.263  1.00 11.75 ? 34  ASN A C   1 
ATOM   262  O O   . ASN A 1 34  ? -9.534  -1.130  11.886  1.00 13.13 ? 34  ASN A O   1 
ATOM   263  C CB  . ASN A 1 34  ? -7.280  -0.709  13.976  1.00 14.84 ? 34  ASN A CB  1 
ATOM   264  C CG  . ASN A 1 34  ? -5.948  -1.428  14.096  1.00 19.14 ? 34  ASN A CG  1 
ATOM   265  O OD1 . ASN A 1 34  ? -5.600  -2.259  13.257  1.00 20.81 ? 34  ASN A OD1 1 
ATOM   266  N ND2 . ASN A 1 34  ? -5.188  -1.101  15.132  1.00 22.63 ? 34  ASN A ND2 1 
ATOM   267  N N   . VAL A 1 35  ? -9.592  1.062   12.360  1.00 10.53 ? 35  VAL A N   1 
ATOM   268  C CA  . VAL A 1 35  ? -11.012 1.207   12.101  1.00 10.33 ? 35  VAL A CA  1 
ATOM   269  C C   . VAL A 1 35  ? -11.330 1.743   10.713  1.00 10.04 ? 35  VAL A C   1 
ATOM   270  O O   . VAL A 1 35  ? -12.331 1.372   10.107  1.00 8.29  ? 35  VAL A O   1 
ATOM   271  C CB  . VAL A 1 35  ? -11.624 2.143   13.152  1.00 12.60 ? 35  VAL A CB  1 
ATOM   272  C CG1 . VAL A 1 35  ? -13.126 2.333   12.930  1.00 12.51 ? 35  VAL A CG1 1 
ATOM   273  C CG2 . VAL A 1 35  ? -11.367 1.575   14.529  1.00 17.81 ? 35  VAL A CG2 1 
ATOM   274  N N   . THR A 1 36  ? -10.443 2.593   10.215  1.00 10.33 ? 36  THR A N   1 
ATOM   275  C CA  . THR A 1 36  ? -10.578 3.254   8.921   1.00 7.53  ? 36  THR A CA  1 
ATOM   276  C C   . THR A 1 36  ? -10.578 2.349   7.682   1.00 7.89  ? 36  THR A C   1 
ATOM   277  O O   . THR A 1 36  ? -9.640  1.570   7.477   1.00 6.70  ? 36  THR A O   1 
ATOM   278  C CB  . THR A 1 36  ? -9.457  4.324   8.796   1.00 8.33  ? 36  THR A CB  1 
ATOM   279  O OG1 . THR A 1 36  ? -9.872  5.392   7.935   1.00 8.90  ? 36  THR A OG1 1 
ATOM   280  C CG2 . THR A 1 36  ? -8.143  3.704   8.304   1.00 5.40  ? 36  THR A CG2 1 
ATOM   281  N N   . LYS A 1 37  ? -11.632 2.454   6.867   1.00 9.45  ? 37  LYS A N   1 
ATOM   282  C CA  . LYS A 1 37  ? -11.760 1.696   5.600   1.00 12.44 ? 37  LYS A CA  1 
ATOM   283  C C   . LYS A 1 37  ? -11.398 2.684   4.477   1.00 11.93 ? 37  LYS A C   1 
ATOM   284  O O   . LYS A 1 37  ? -12.199 3.544   4.132   1.00 16.20 ? 37  LYS A O   1 
ATOM   285  C CB  . LYS A 1 37  ? -13.200 1.215   5.410   1.00 11.63 ? 37  LYS A CB  1 
ATOM   286  C CG  . LYS A 1 37  ? -13.518 -0.095  6.057   1.00 9.12  ? 37  LYS A CG  1 
ATOM   287  C CD  . LYS A 1 37  ? -15.024 -0.247  6.199   1.00 9.12  ? 37  LYS A CD  1 
ATOM   288  C CE  . LYS A 1 37  ? -15.385 -1.606  6.798   1.00 10.53 ? 37  LYS A CE  1 
ATOM   289  N NZ  . LYS A 1 37  ? -14.893 -2.778  5.968   1.00 9.40  ? 37  LYS A NZ  1 
ATOM   290  N N   . PRO A 1 38  ? -10.192 2.584   3.899   1.00 11.31 ? 38  PRO A N   1 
ATOM   291  C CA  . PRO A 1 38  ? -9.805  3.524   2.836   1.00 11.26 ? 38  PRO A CA  1 
ATOM   292  C C   . PRO A 1 38  ? -10.100 3.188   1.373   1.00 8.48  ? 38  PRO A C   1 
ATOM   293  O O   . PRO A 1 38  ? -10.480 2.074   1.027   1.00 11.08 ? 38  PRO A O   1 
ATOM   294  C CB  . PRO A 1 38  ? -8.300  3.653   3.064   1.00 10.88 ? 38  PRO A CB  1 
ATOM   295  C CG  . PRO A 1 38  ? -7.936  2.267   3.404   1.00 10.41 ? 38  PRO A CG  1 
ATOM   296  C CD  . PRO A 1 38  ? -9.020  1.833   4.372   1.00 9.54  ? 38  PRO A CD  1 
ATOM   297  N N   . THR A 1 39  ? -9.907  4.179   0.520   1.00 2.74  ? 39  THR A N   1 
ATOM   298  C CA  . THR A 1 39  ? -10.096 4.011   -0.898  1.00 4.61  ? 39  THR A CA  1 
ATOM   299  C C   . THR A 1 39  ? -8.759  4.229   -1.574  1.00 8.28  ? 39  THR A C   1 
ATOM   300  O O   . THR A 1 39  ? -8.150  5.300   -1.477  1.00 11.53 ? 39  THR A O   1 
ATOM   301  C CB  . THR A 1 39  ? -11.098 5.021   -1.465  1.00 7.43  ? 39  THR A CB  1 
ATOM   302  O OG1 . THR A 1 39  ? -12.426 4.542   -1.240  1.00 10.77 ? 39  THR A OG1 1 
ATOM   303  C CG2 . THR A 1 39  ? -10.885 5.231   -2.970  1.00 6.47  ? 39  THR A CG2 1 
ATOM   304  N N   . VAL A 1 40  ? -8.304  3.210   -2.276  1.00 7.95  ? 40  VAL A N   1 
ATOM   305  C CA  . VAL A 1 40  ? -7.057  3.290   -2.978  1.00 2.72  ? 40  VAL A CA  1 
ATOM   306  C C   . VAL A 1 40  ? -7.428  3.397   -4.437  1.00 2.00  ? 40  VAL A C   1 
ATOM   307  O O   . VAL A 1 40  ? -8.074  2.500   -4.964  1.00 2.00  ? 40  VAL A O   1 
ATOM   308  C CB  . VAL A 1 40  ? -6.243  2.005   -2.742  1.00 4.08  ? 40  VAL A CB  1 
ATOM   309  C CG1 . VAL A 1 40  ? -5.084  1.909   -3.725  1.00 3.41  ? 40  VAL A CG1 1 
ATOM   310  C CG2 . VAL A 1 40  ? -5.725  1.978   -1.326  1.00 2.00  ? 40  VAL A CG2 1 
ATOM   311  N N   . ILE A 1 41  ? -7.092  4.521   -5.062  1.00 2.87  ? 41  ILE A N   1 
ATOM   312  C CA  . ILE A 1 41  ? -7.360  4.734   -6.488  1.00 5.06  ? 41  ILE A CA  1 
ATOM   313  C C   . ILE A 1 41  ? -6.033  4.684   -7.275  1.00 4.30  ? 41  ILE A C   1 
ATOM   314  O O   . ILE A 1 41  ? -5.121  5.478   -7.032  1.00 5.66  ? 41  ILE A O   1 
ATOM   315  C CB  . ILE A 1 41  ? -8.071  6.090   -6.762  1.00 2.58  ? 41  ILE A CB  1 
ATOM   316  C CG1 . ILE A 1 41  ? -8.614  6.684   -5.472  1.00 8.48  ? 41  ILE A CG1 1 
ATOM   317  C CG2 . ILE A 1 41  ? -9.287  5.872   -7.629  1.00 2.66  ? 41  ILE A CG2 1 
ATOM   318  C CD1 . ILE A 1 41  ? -9.316  8.014   -5.672  1.00 10.44 ? 41  ILE A CD1 1 
ATOM   319  N N   . ILE A 1 42  ? -5.923  3.727   -8.189  1.00 5.63  ? 42  ILE A N   1 
ATOM   320  C CA  . ILE A 1 42  ? -4.728  3.560   -9.023  1.00 6.74  ? 42  ILE A CA  1 
ATOM   321  C C   . ILE A 1 42  ? -5.003  3.924   -10.495 1.00 6.14  ? 42  ILE A C   1 
ATOM   322  O O   . ILE A 1 42  ? -5.859  3.319   -11.116 1.00 5.74  ? 42  ILE A O   1 
ATOM   323  C CB  . ILE A 1 42  ? -4.268  2.099   -9.007  1.00 3.45  ? 42  ILE A CB  1 
ATOM   324  C CG1 . ILE A 1 42  ? -4.060  1.628   -7.571  1.00 2.00  ? 42  ILE A CG1 1 
ATOM   325  C CG2 . ILE A 1 42  ? -3.021  1.936   -9.873  1.00 4.19  ? 42  ILE A CG2 1 
ATOM   326  C CD1 . ILE A 1 42  ? -3.765  0.161   -7.448  1.00 2.03  ? 42  ILE A CD1 1 
ATOM   327  N N   . SER A 1 43  ? -4.256  4.867   -11.063 1.00 9.33  ? 43  SER A N   1 
ATOM   328  C CA  . SER A 1 43  ? -4.435  5.260   -12.468 1.00 8.14  ? 43  SER A CA  1 
ATOM   329  C C   . SER A 1 43  ? -3.100  5.564   -13.171 1.00 10.78 ? 43  SER A C   1 
ATOM   330  O O   . SER A 1 43  ? -2.057  5.097   -12.720 1.00 12.95 ? 43  SER A O   1 
ATOM   331  C CB  . SER A 1 43  ? -5.371  6.464   -12.557 1.00 6.82  ? 43  SER A CB  1 
ATOM   332  O OG  . SER A 1 43  ? -4.795  7.627   -12.005 1.00 2.00  ? 43  SER A OG  1 
ATOM   333  N N   . GLN A 1 44  ? -3.120  6.381   -14.234 1.00 16.16 ? 44  GLN A N   1 
ATOM   334  C CA  . GLN A 1 44  ? -1.907  6.729   -15.014 1.00 15.35 ? 44  GLN A CA  1 
ATOM   335  C C   . GLN A 1 44  ? -1.634  8.233   -15.336 1.00 19.63 ? 44  GLN A C   1 
ATOM   336  O O   . GLN A 1 44  ? -2.346  9.152   -14.886 1.00 16.12 ? 44  GLN A O   1 
ATOM   337  C CB  . GLN A 1 44  ? -1.902  5.939   -16.319 1.00 7.12  ? 44  GLN A CB  1 
ATOM   338  C CG  . GLN A 1 44  ? -2.330  4.482   -16.171 1.00 13.79 ? 44  GLN A CG  1 
ATOM   339  C CD  . GLN A 1 44  ? -1.389  3.507   -16.878 1.00 18.88 ? 44  GLN A CD  1 
ATOM   340  O OE1 . GLN A 1 44  ? -0.198  3.800   -17.059 1.00 28.22 ? 44  GLN A OE1 1 
ATOM   341  N NE2 . GLN A 1 44  ? -1.910  2.349   -17.283 1.00 10.41 ? 44  GLN A NE2 1 
ATOM   342  N N   . GLU A 1 45  ? -0.565  8.450   -16.106 1.00 27.93 ? 45  GLU A N   1 
ATOM   343  C CA  . GLU A 1 45  ? -0.086  9.763   -16.572 1.00 33.29 ? 45  GLU A CA  1 
ATOM   344  C C   . GLU A 1 45  ? 1.084   9.445   -17.530 1.00 34.45 ? 45  GLU A C   1 
ATOM   345  O O   . GLU A 1 45  ? 2.186   9.993   -17.417 1.00 38.73 ? 45  GLU A O   1 
ATOM   346  C CB  . GLU A 1 45  ? 0.376   10.644  -15.372 1.00 38.29 ? 45  GLU A CB  1 
ATOM   347  C CG  . GLU A 1 45  ? 1.220   11.948  -15.672 1.00 41.53 ? 45  GLU A CG  1 
ATOM   348  C CD  . GLU A 1 45  ? 0.404   13.241  -15.962 1.00 45.82 ? 45  GLU A CD  1 
ATOM   349  O OE1 . GLU A 1 45  ? 0.665   13.887  -17.006 1.00 46.70 ? 45  GLU A OE1 1 
ATOM   350  O OE2 . GLU A 1 45  ? -0.446  13.650  -15.132 1.00 45.20 ? 45  GLU A OE2 1 
ATOM   351  N N   . GLY A 1 46  ? 0.871   8.484   -18.423 1.00 32.81 ? 46  GLY A N   1 
ATOM   352  C CA  . GLY A 1 46  ? 1.910   8.141   -19.380 1.00 30.86 ? 46  GLY A CA  1 
ATOM   353  C C   . GLY A 1 46  ? 3.139   7.477   -18.790 1.00 30.61 ? 46  GLY A C   1 
ATOM   354  O O   . GLY A 1 46  ? 3.228   6.252   -18.754 1.00 33.61 ? 46  GLY A O   1 
ATOM   355  N N   . ASP A 1 47  ? 4.127   8.253   -18.372 1.00 27.81 ? 47  ASP A N   1 
ATOM   356  C CA  . ASP A 1 47  ? 5.305   7.609   -17.800 1.00 28.97 ? 47  ASP A CA  1 
ATOM   357  C C   . ASP A 1 47  ? 5.073   7.396   -16.308 1.00 25.77 ? 47  ASP A C   1 
ATOM   358  O O   . ASP A 1 47  ? 5.721   6.562   -15.673 1.00 25.90 ? 47  ASP A O   1 
ATOM   359  C CB  . ASP A 1 47  ? 6.605   8.402   -18.092 1.00 32.00 ? 47  ASP A CB  1 
ATOM   360  C CG  . ASP A 1 47  ? 6.622   9.788   -17.459 1.00 34.38 ? 47  ASP A CG  1 
ATOM   361  O OD1 . ASP A 1 47  ? 5.982   10.708  -18.010 1.00 37.64 ? 47  ASP A OD1 1 
ATOM   362  O OD2 . ASP A 1 47  ? 7.295   9.964   -16.416 1.00 36.15 ? 47  ASP A OD2 1 
ATOM   363  N N   . LYS A 1 48  ? 4.082   8.117   -15.787 1.00 21.61 ? 48  LYS A N   1 
ATOM   364  C CA  . LYS A 1 48  ? 3.702   8.067   -14.390 1.00 15.83 ? 48  LYS A CA  1 
ATOM   365  C C   . LYS A 1 48  ? 2.485   7.184   -14.179 1.00 15.45 ? 48  LYS A C   1 
ATOM   366  O O   . LYS A 1 48  ? 1.596   7.119   -15.022 1.00 15.86 ? 48  LYS A O   1 
ATOM   367  C CB  . LYS A 1 48  ? 3.328   9.469   -13.909 1.00 20.16 ? 48  LYS A CB  1 
ATOM   368  C CG  . LYS A 1 48  ? 4.484   10.437  -13.698 1.00 28.03 ? 48  LYS A CG  1 
ATOM   369  C CD  . LYS A 1 48  ? 5.396   9.952   -12.574 1.00 32.02 ? 48  LYS A CD  1 
ATOM   370  C CE  . LYS A 1 48  ? 6.551   10.914  -12.331 1.00 34.57 ? 48  LYS A CE  1 
ATOM   371  N NZ  . LYS A 1 48  ? 7.808   10.184  -11.923 1.00 34.92 ? 48  LYS A NZ  1 
ATOM   372  N N   . VAL A 1 49  ? 2.439   6.548   -13.016 1.00 14.33 ? 49  VAL A N   1 
ATOM   373  C CA  . VAL A 1 49  ? 1.328   5.716   -12.570 1.00 10.31 ? 49  VAL A CA  1 
ATOM   374  C C   . VAL A 1 49  ? 1.103   6.277   -11.169 1.00 10.48 ? 49  VAL A C   1 
ATOM   375  O O   . VAL A 1 49  ? 2.071   6.477   -10.443 1.00 14.59 ? 49  VAL A O   1 
ATOM   376  C CB  . VAL A 1 49  ? 1.761   4.252   -12.478 1.00 10.01 ? 49  VAL A CB  1 
ATOM   377  C CG1 . VAL A 1 49  ? 3.171   4.190   -11.940 1.00 9.64  ? 49  VAL A CG1 1 
ATOM   378  C CG2 . VAL A 1 49  ? 0.787   3.437   -11.619 1.00 2.00  ? 49  VAL A CG2 1 
ATOM   379  N N   . VAL A 1 50  ? -0.125  6.637   -10.813 1.00 11.37 ? 50  VAL A N   1 
ATOM   380  C CA  . VAL A 1 50  ? -0.362  7.192   -9.475  1.00 8.78  ? 50  VAL A CA  1 
ATOM   381  C C   . VAL A 1 50  ? -1.197  6.299   -8.579  1.00 8.42  ? 50  VAL A C   1 
ATOM   382  O O   . VAL A 1 50  ? -2.003  5.492   -9.061  1.00 13.21 ? 50  VAL A O   1 
ATOM   383  C CB  . VAL A 1 50  ? -1.043  8.553   -9.517  1.00 11.90 ? 50  VAL A CB  1 
ATOM   384  C CG1 . VAL A 1 50  ? -0.315  9.503   -10.490 1.00 6.84  ? 50  VAL A CG1 1 
ATOM   385  C CG2 . VAL A 1 50  ? -2.514  8.378   -9.857  1.00 15.60 ? 50  VAL A CG2 1 
ATOM   386  N N   . ILE A 1 51  ? -1.015  6.462   -7.275  1.00 4.59  ? 51  ILE A N   1 
ATOM   387  C CA  . ILE A 1 51  ? -1.734  5.686   -6.280  1.00 2.00  ? 51  ILE A CA  1 
ATOM   388  C C   . ILE A 1 51  ? -2.192  6.692   -5.222  1.00 3.66  ? 51  ILE A C   1 
ATOM   389  O O   . ILE A 1 51  ? -1.368  7.249   -4.472  1.00 2.01  ? 51  ILE A O   1 
ATOM   390  C CB  . ILE A 1 51  ? -0.801  4.557   -5.679  1.00 4.28  ? 51  ILE A CB  1 
ATOM   391  C CG1 . ILE A 1 51  ? -0.591  3.440   -6.707  1.00 8.89  ? 51  ILE A CG1 1 
ATOM   392  C CG2 . ILE A 1 51  ? -1.391  3.896   -4.445  1.00 2.00  ? 51  ILE A CG2 1 
ATOM   393  C CD1 . ILE A 1 51  ? -0.091  2.123   -6.109  1.00 8.55  ? 51  ILE A CD1 1 
ATOM   394  N N   . ARG A 1 52  ? -3.473  7.053   -5.276  1.00 5.34  ? 52  ARG A N   1 
ATOM   395  C CA  . ARG A 1 52  ? -4.054  7.983   -4.301  1.00 10.10 ? 52  ARG A CA  1 
ATOM   396  C C   . ARG A 1 52  ? -4.780  7.122   -3.290  1.00 9.84  ? 52  ARG A C   1 
ATOM   397  O O   . ARG A 1 52  ? -5.335  6.085   -3.651  1.00 9.68  ? 52  ARG A O   1 
ATOM   398  C CB  . ARG A 1 52  ? -5.083  8.917   -4.934  1.00 14.97 ? 52  ARG A CB  1 
ATOM   399  C CG  . ARG A 1 52  ? -4.529  10.143  -5.643  1.00 28.43 ? 52  ARG A CG  1 
ATOM   400  C CD  . ARG A 1 52  ? -3.941  9.826   -7.032  1.00 38.97 ? 52  ARG A CD  1 
ATOM   401  N NE  . ARG A 1 52  ? -4.849  10.162  -8.135  1.00 43.67 ? 52  ARG A NE  1 
ATOM   402  C CZ  . ARG A 1 52  ? -5.176  11.405  -8.485  1.00 45.19 ? 52  ARG A CZ  1 
ATOM   403  N NH1 . ARG A 1 52  ? -4.671  12.444  -7.818  1.00 43.54 ? 52  ARG A NH1 1 
ATOM   404  N NH2 . ARG A 1 52  ? -6.015  11.607  -9.494  1.00 43.44 ? 52  ARG A NH2 1 
ATOM   405  N N   . THR A 1 53  ? -4.747  7.516   -2.026  1.00 8.12  ? 53  THR A N   1 
ATOM   406  C CA  . THR A 1 53  ? -5.445  6.756   -1.003  1.00 8.28  ? 53  THR A CA  1 
ATOM   407  C C   . THR A 1 53  ? -6.239  7.743   -0.181  1.00 11.03 ? 53  THR A C   1 
ATOM   408  O O   . THR A 1 53  ? -5.709  8.774   0.237   1.00 15.90 ? 53  THR A O   1 
ATOM   409  C CB  . THR A 1 53  ? -4.485  5.962   -0.127  1.00 7.43  ? 53  THR A CB  1 
ATOM   410  O OG1 . THR A 1 53  ? -3.674  5.127   -0.966  1.00 9.62  ? 53  THR A OG1 1 
ATOM   411  C CG2 . THR A 1 53  ? -5.269  5.069   0.814   1.00 5.13  ? 53  THR A CG2 1 
ATOM   412  N N   . LEU A 1 54  ? -7.521  7.464   0.005   1.00 9.34  ? 54  LEU A N   1 
ATOM   413  C CA  . LEU A 1 54  ? -8.386  8.369   0.743   1.00 10.07 ? 54  LEU A CA  1 
ATOM   414  C C   . LEU A 1 54  ? -9.032  7.710   1.962   1.00 9.96  ? 54  LEU A C   1 
ATOM   415  O O   . LEU A 1 54  ? -9.625  6.629   1.861   1.00 9.22  ? 54  LEU A O   1 
ATOM   416  C CB  . LEU A 1 54  ? -9.480  8.913   -0.194  1.00 12.47 ? 54  LEU A CB  1 
ATOM   417  C CG  . LEU A 1 54  ? -9.077  9.381   -1.592  1.00 2.00  ? 54  LEU A CG  1 
ATOM   418  C CD1 . LEU A 1 54  ? -10.290 9.729   -2.395  1.00 2.00  ? 54  LEU A CD1 1 
ATOM   419  C CD2 . LEU A 1 54  ? -8.156  10.565  -1.451  1.00 2.00  ? 54  LEU A CD2 1 
ATOM   420  N N   . SER A 1 55  ? -8.956  8.398   3.099   1.00 12.62 ? 55  SER A N   1 
ATOM   421  C CA  . SER A 1 55  ? -9.517  7.913   4.357   1.00 9.35  ? 55  SER A CA  1 
ATOM   422  C C   . SER A 1 55  ? -9.978  9.094   5.190   1.00 6.79  ? 55  SER A C   1 
ATOM   423  O O   . SER A 1 55  ? -9.667  10.236  4.859   1.00 2.01  ? 55  SER A O   1 
ATOM   424  C CB  . SER A 1 55  ? -8.445  7.166   5.147   1.00 6.32  ? 55  SER A CB  1 
ATOM   425  O OG  . SER A 1 55  ? -7.625  8.063   5.890   1.00 5.26  ? 55  SER A OG  1 
ATOM   426  N N   . THR A 1 56  ? -10.698 8.800   6.280   1.00 11.63 ? 56  THR A N   1 
ATOM   427  C CA  . THR A 1 56  ? -11.173 9.813   7.247   1.00 13.20 ? 56  THR A CA  1 
ATOM   428  C C   . THR A 1 56  ? -10.027 10.049  8.250   1.00 13.60 ? 56  THR A C   1 
ATOM   429  O O   . THR A 1 56  ? -10.222 9.990   9.462   1.00 14.36 ? 56  THR A O   1 
ATOM   430  C CB  . THR A 1 56  ? -12.396 9.323   8.074   1.00 12.66 ? 56  THR A CB  1 
ATOM   431  O OG1 . THR A 1 56  ? -12.850 8.042   7.602   1.00 13.10 ? 56  THR A OG1 1 
ATOM   432  C CG2 . THR A 1 56  ? -13.516 10.339  8.001   1.00 9.94  ? 56  THR A CG2 1 
ATOM   433  N N   . PHE A 1 57  ? -8.825  10.261  7.733   1.00 13.45 ? 57  PHE A N   1 
ATOM   434  C CA  . PHE A 1 57  ? -7.663  10.473  8.566   1.00 12.14 ? 57  PHE A CA  1 
ATOM   435  C C   . PHE A 1 57  ? -6.608  11.119  7.688   1.00 13.93 ? 57  PHE A C   1 
ATOM   436  O O   . PHE A 1 57  ? -6.241  12.265  7.888   1.00 10.97 ? 57  PHE A O   1 
ATOM   437  C CB  . PHE A 1 57  ? -7.175  9.125   9.098   1.00 13.25 ? 57  PHE A CB  1 
ATOM   438  C CG  . PHE A 1 57  ? -5.836  9.182   9.776   1.00 11.77 ? 57  PHE A CG  1 
ATOM   439  C CD1 . PHE A 1 57  ? -4.802  8.330   9.369   1.00 9.98  ? 57  PHE A CD1 1 
ATOM   440  C CD2 . PHE A 1 57  ? -5.603  10.076  10.819  1.00 7.26  ? 57  PHE A CD2 1 
ATOM   441  C CE1 . PHE A 1 57  ? -3.558  8.365   9.994   1.00 8.09  ? 57  PHE A CE1 1 
ATOM   442  C CE2 . PHE A 1 57  ? -4.367  10.122  11.447  1.00 6.60  ? 57  PHE A CE2 1 
ATOM   443  C CZ  . PHE A 1 57  ? -3.341  9.261   11.034  1.00 9.52  ? 57  PHE A CZ  1 
ATOM   444  N N   . LYS A 1 58  ? -6.125  10.373  6.707   1.00 19.16 ? 58  LYS A N   1 
ATOM   445  C CA  . LYS A 1 58  ? -5.116  10.881  5.789   1.00 20.32 ? 58  LYS A CA  1 
ATOM   446  C C   . LYS A 1 58  ? -5.331  10.413  4.351   1.00 19.65 ? 58  LYS A C   1 
ATOM   447  O O   . LYS A 1 58  ? -5.900  9.342   4.088   1.00 17.32 ? 58  LYS A O   1 
ATOM   448  C CB  . LYS A 1 58  ? -3.720  10.498  6.259   1.00 23.60 ? 58  LYS A CB  1 
ATOM   449  C CG  . LYS A 1 58  ? -3.181  11.392  7.368   1.00 30.14 ? 58  LYS A CG  1 
ATOM   450  C CD  . LYS A 1 58  ? -1.786  10.961  7.802   1.00 32.99 ? 58  LYS A CD  1 
ATOM   451  C CE  . LYS A 1 58  ? -1.190  11.936  8.809   1.00 35.30 ? 58  LYS A CE  1 
ATOM   452  N NZ  . LYS A 1 58  ? 0.062   11.388  9.421   1.00 38.11 ? 58  LYS A NZ  1 
ATOM   453  N N   . ASN A 1 59  ? -4.885  11.250  3.430   1.00 18.13 ? 59  ASN A N   1 
ATOM   454  C CA  . ASN A 1 59  ? -4.985  10.968  2.012   1.00 16.48 ? 59  ASN A CA  1 
ATOM   455  C C   . ASN A 1 59  ? -3.572  11.128  1.512   1.00 12.84 ? 59  ASN A C   1 
ATOM   456  O O   . ASN A 1 59  ? -2.963  12.164  1.728   1.00 14.66 ? 59  ASN A O   1 
ATOM   457  C CB  . ASN A 1 59  ? -5.924  11.971  1.351   1.00 17.94 ? 59  ASN A CB  1 
ATOM   458  C CG  . ASN A 1 59  ? -7.335  11.862  1.876   1.00 23.61 ? 59  ASN A CG  1 
ATOM   459  O OD1 . ASN A 1 59  ? -7.765  10.788  2.280   1.00 23.86 ? 59  ASN A OD1 1 
ATOM   460  N ND2 . ASN A 1 59  ? -8.062  12.974  1.888   1.00 27.18 ? 59  ASN A ND2 1 
ATOM   461  N N   . THR A 1 60  ? -3.028  10.094  0.891   1.00 12.09 ? 60  THR A N   1 
ATOM   462  C CA  . THR A 1 60  ? -1.659  10.158  0.408   1.00 12.08 ? 60  THR A CA  1 
ATOM   463  C C   . THR A 1 60  ? -1.500  9.715   -1.031  1.00 10.69 ? 60  THR A C   1 
ATOM   464  O O   . THR A 1 60  ? -1.887  8.603   -1.418  1.00 11.73 ? 60  THR A O   1 
ATOM   465  C CB  . THR A 1 60  ? -0.681  9.363   1.336   1.00 15.66 ? 60  THR A CB  1 
ATOM   466  O OG1 . THR A 1 60  ? -1.178  8.030   1.551   1.00 16.87 ? 60  THR A OG1 1 
ATOM   467  C CG2 . THR A 1 60  ? -0.489  10.085  2.690   1.00 8.08  ? 60  THR A CG2 1 
ATOM   468  N N   . GLU A 1 61  ? -0.830  10.584  -1.780  1.00 12.31 ? 61  GLU A N   1 
ATOM   469  C CA  . GLU A 1 61  ? -0.559  10.456  -3.218  1.00 9.20  ? 61  GLU A CA  1 
ATOM   470  C C   . GLU A 1 61  ? 0.879   10.121  -3.587  1.00 9.07  ? 61  GLU A C   1 
ATOM   471  O O   . GLU A 1 61  ? 1.796   10.862  -3.191  1.00 11.27 ? 61  GLU A O   1 
ATOM   472  C CB  . GLU A 1 61  ? -0.778  11.819  -3.849  1.00 7.64  ? 61  GLU A CB  1 
ATOM   473  C CG  . GLU A 1 61  ? -2.100  12.081  -4.434  1.00 18.80 ? 61  GLU A CG  1 
ATOM   474  C CD  . GLU A 1 61  ? -1.954  12.624  -5.846  1.00 20.95 ? 61  GLU A CD  1 
ATOM   475  O OE1 . GLU A 1 61  ? -1.466  11.856  -6.700  1.00 14.59 ? 61  GLU A OE1 1 
ATOM   476  O OE2 . GLU A 1 61  ? -2.298  13.810  -6.087  1.00 25.09 ? 61  GLU A OE2 1 
ATOM   477  N N   . ILE A 1 62  ? 1.102   9.068   -4.371  1.00 4.58  ? 62  ILE A N   1 
ATOM   478  C CA  . ILE A 1 62  ? 2.466   8.802   -4.831  1.00 4.34  ? 62  ILE A CA  1 
ATOM   479  C C   . ILE A 1 62  ? 2.412   8.656   -6.354  1.00 8.31  ? 62  ILE A C   1 
ATOM   480  O O   . ILE A 1 62  ? 1.505   8.019   -6.886  1.00 12.27 ? 62  ILE A O   1 
ATOM   481  C CB  . ILE A 1 62  ? 3.119   7.521   -4.252  1.00 2.00  ? 62  ILE A CB  1 
ATOM   482  C CG1 . ILE A 1 62  ? 2.361   6.283   -4.720  1.00 2.91  ? 62  ILE A CG1 1 
ATOM   483  C CG2 . ILE A 1 62  ? 3.335   7.618   -2.747  1.00 2.00  ? 62  ILE A CG2 1 
ATOM   484  C CD1 . ILE A 1 62  ? 3.089   5.020   -4.447  1.00 2.01  ? 62  ILE A CD1 1 
ATOM   485  N N   . SER A 1 63  ? 3.337   9.291   -7.056  1.00 6.83  ? 63  SER A N   1 
ATOM   486  C CA  . SER A 1 63  ? 3.386   9.190   -8.505  1.00 8.40  ? 63  SER A CA  1 
ATOM   487  C C   . SER A 1 63  ? 4.808   8.782   -8.832  1.00 10.40 ? 63  SER A C   1 
ATOM   488  O O   . SER A 1 63  ? 5.774   9.412   -8.381  1.00 10.09 ? 63  SER A O   1 
ATOM   489  C CB  . SER A 1 63  ? 3.059   10.525  -9.144  1.00 9.18  ? 63  SER A CB  1 
ATOM   490  O OG  . SER A 1 63  ? 2.976   11.531  -8.155  1.00 13.70 ? 63  SER A OG  1 
ATOM   491  N N   . PHE A 1 64  ? 4.938   7.762   -9.661  1.00 7.18  ? 64  PHE A N   1 
ATOM   492  C CA  . PHE A 1 64  ? 6.242   7.241   -9.969  1.00 5.68  ? 64  PHE A CA  1 
ATOM   493  C C   . PHE A 1 64  ? 6.258   6.585   -11.317 1.00 9.87  ? 64  PHE A C   1 
ATOM   494  O O   . PHE A 1 64  ? 5.206   6.339   -11.935 1.00 9.40  ? 64  PHE A O   1 
ATOM   495  C CB  . PHE A 1 64  ? 6.578   6.167   -8.942  1.00 9.02  ? 64  PHE A CB  1 
ATOM   496  C CG  . PHE A 1 64  ? 5.498   5.107   -8.799  1.00 9.33  ? 64  PHE A CG  1 
ATOM   497  C CD1 . PHE A 1 64  ? 5.560   3.927   -9.519  1.00 8.42  ? 64  PHE A CD1 1 
ATOM   498  C CD2 . PHE A 1 64  ? 4.401   5.317   -7.961  1.00 11.71 ? 64  PHE A CD2 1 
ATOM   499  C CE1 . PHE A 1 64  ? 4.547   2.982   -9.406  1.00 12.11 ? 64  PHE A CE1 1 
ATOM   500  C CE2 . PHE A 1 64  ? 3.389   4.373   -7.846  1.00 7.62  ? 64  PHE A CE2 1 
ATOM   501  C CZ  . PHE A 1 64  ? 3.456   3.211   -8.564  1.00 6.81  ? 64  PHE A CZ  1 
ATOM   502  N N   . GLN A 1 65  ? 7.473   6.237   -11.726 1.00 9.96  ? 65  GLN A N   1 
ATOM   503  C CA  . GLN A 1 65  ? 7.709   5.534   -12.975 1.00 12.81 ? 65  GLN A CA  1 
ATOM   504  C C   . GLN A 1 65  ? 8.110   4.137   -12.497 1.00 10.40 ? 65  GLN A C   1 
ATOM   505  O O   . GLN A 1 65  ? 8.912   3.994   -11.572 1.00 5.44  ? 65  GLN A O   1 
ATOM   506  C CB  . GLN A 1 65  ? 8.857   6.197   -13.762 1.00 18.27 ? 65  GLN A CB  1 
ATOM   507  C CG  . GLN A 1 65  ? 9.005   5.741   -15.215 1.00 19.81 ? 65  GLN A CG  1 
ATOM   508  C CD  . GLN A 1 65  ? 9.605   6.822   -16.117 1.00 24.11 ? 65  GLN A CD  1 
ATOM   509  O OE1 . GLN A 1 65  ? 9.129   7.967   -16.141 1.00 20.51 ? 65  GLN A OE1 1 
ATOM   510  N NE2 . GLN A 1 65  ? 10.655  6.461   -16.864 1.00 26.15 ? 65  GLN A NE2 1 
ATOM   511  N N   . LEU A 1 66  ? 7.499   3.110   -13.074 1.00 9.14  ? 66  LEU A N   1 
ATOM   512  C CA  . LEU A 1 66  ? 7.832   1.758   -12.666 1.00 9.12  ? 66  LEU A CA  1 
ATOM   513  C C   . LEU A 1 66  ? 9.334   1.530   -12.598 1.00 9.32  ? 66  LEU A C   1 
ATOM   514  O O   . LEU A 1 66  ? 10.110  2.172   -13.303 1.00 13.11 ? 66  LEU A O   1 
ATOM   515  C CB  . LEU A 1 66  ? 7.153   0.726   -13.576 1.00 3.91  ? 66  LEU A CB  1 
ATOM   516  C CG  . LEU A 1 66  ? 5.860   0.124   -13.001 1.00 2.00  ? 66  LEU A CG  1 
ATOM   517  C CD1 . LEU A 1 66  ? 4.943   1.188   -12.409 1.00 3.90  ? 66  LEU A CD1 1 
ATOM   518  C CD2 . LEU A 1 66  ? 5.150   -0.622  -14.073 1.00 2.00  ? 66  LEU A CD2 1 
ATOM   519  N N   . GLY A 1 67  ? 9.741   0.714   -11.641 1.00 10.03 ? 67  GLY A N   1 
ATOM   520  C CA  . GLY A 1 67  ? 11.142  0.389   -11.490 1.00 9.60  ? 67  GLY A CA  1 
ATOM   521  C C   . GLY A 1 67  ? 12.038  1.521   -11.048 1.00 8.61  ? 67  GLY A C   1 
ATOM   522  O O   . GLY A 1 67  ? 13.186  1.281   -10.681 1.00 10.01 ? 67  GLY A O   1 
ATOM   523  N N   . GLU A 1 68  ? 11.539  2.746   -11.067 1.00 10.32 ? 68  GLU A N   1 
ATOM   524  C CA  . GLU A 1 68  ? 12.365  3.875   -10.661 1.00 14.43 ? 68  GLU A CA  1 
ATOM   525  C C   . GLU A 1 68  ? 12.227  4.159   -9.171  1.00 10.84 ? 68  GLU A C   1 
ATOM   526  O O   . GLU A 1 68  ? 11.118  4.155   -8.625  1.00 11.34 ? 68  GLU A O   1 
ATOM   527  C CB  . GLU A 1 68  ? 12.053  5.114   -11.528 1.00 21.19 ? 68  GLU A CB  1 
ATOM   528  C CG  . GLU A 1 68  ? 12.320  6.478   -10.878 1.00 29.62 ? 68  GLU A CG  1 
ATOM   529  C CD  . GLU A 1 68  ? 11.022  7.214   -10.450 1.00 35.25 ? 68  GLU A CD  1 
ATOM   530  O OE1 . GLU A 1 68  ? 10.977  8.453   -10.608 1.00 38.06 ? 68  GLU A OE1 1 
ATOM   531  O OE2 . GLU A 1 68  ? 10.050  6.572   -9.967  1.00 35.71 ? 68  GLU A OE2 1 
ATOM   532  N N   . GLU A 1 69  ? 13.369  4.322   -8.510  1.00 9.50  ? 69  GLU A N   1 
ATOM   533  C CA  . GLU A 1 69  ? 13.402  4.607   -7.079  1.00 10.44 ? 69  GLU A CA  1 
ATOM   534  C C   . GLU A 1 69  ? 12.900  6.031   -6.829  1.00 10.94 ? 69  GLU A C   1 
ATOM   535  O O   . GLU A 1 69  ? 12.967  6.879   -7.721  1.00 14.35 ? 69  GLU A O   1 
ATOM   536  C CB  . GLU A 1 69  ? 14.825  4.412   -6.554  1.00 8.32  ? 69  GLU A CB  1 
ATOM   537  C CG  . GLU A 1 69  ? 15.080  5.006   -5.177  1.00 19.34 ? 69  GLU A CG  1 
ATOM   538  C CD  . GLU A 1 69  ? 16.187  4.280   -4.399  1.00 24.75 ? 69  GLU A CD  1 
ATOM   539  O OE1 . GLU A 1 69  ? 17.074  3.640   -5.017  1.00 26.79 ? 69  GLU A OE1 1 
ATOM   540  O OE2 . GLU A 1 69  ? 16.159  4.346   -3.153  1.00 26.24 ? 69  GLU A OE2 1 
ATOM   541  N N   . PHE A 1 70  ? 12.340  6.285   -5.653  1.00 9.38  ? 70  PHE A N   1 
ATOM   542  C CA  . PHE A 1 70  ? 11.843  7.620   -5.334  1.00 9.44  ? 70  PHE A CA  1 
ATOM   543  C C   . PHE A 1 70  ? 11.679  7.758   -3.829  1.00 9.52  ? 70  PHE A C   1 
ATOM   544  O O   . PHE A 1 70  ? 11.842  6.790   -3.092  1.00 11.98 ? 70  PHE A O   1 
ATOM   545  C CB  . PHE A 1 70  ? 10.520  7.923   -6.067  1.00 9.70  ? 70  PHE A CB  1 
ATOM   546  C CG  . PHE A 1 70  ? 9.363   7.029   -5.668  1.00 9.45  ? 70  PHE A CG  1 
ATOM   547  C CD1 . PHE A 1 70  ? 8.292   7.541   -4.936  1.00 10.92 ? 70  PHE A CD1 1 
ATOM   548  C CD2 . PHE A 1 70  ? 9.332   5.689   -6.037  1.00 11.25 ? 70  PHE A CD2 1 
ATOM   549  C CE1 . PHE A 1 70  ? 7.212   6.739   -4.576  1.00 3.85  ? 70  PHE A CE1 1 
ATOM   550  C CE2 . PHE A 1 70  ? 8.253   4.881   -5.678  1.00 11.76 ? 70  PHE A CE2 1 
ATOM   551  C CZ  . PHE A 1 70  ? 7.190   5.416   -4.942  1.00 8.10  ? 70  PHE A CZ  1 
ATOM   552  N N   . ASP A 1 71  ? 11.408  8.968   -3.364  1.00 7.97  ? 71  ASP A N   1 
ATOM   553  C CA  . ASP A 1 71  ? 11.251  9.199   -1.942  1.00 8.21  ? 71  ASP A CA  1 
ATOM   554  C C   . ASP A 1 71  ? 9.765   9.238   -1.674  1.00 7.96  ? 71  ASP A C   1 
ATOM   555  O O   . ASP A 1 71  ? 9.004   9.792   -2.469  1.00 10.66 ? 71  ASP A O   1 
ATOM   556  C CB  . ASP A 1 71  ? 11.866  10.551  -1.517  1.00 11.90 ? 71  ASP A CB  1 
ATOM   557  C CG  . ASP A 1 71  ? 13.154  10.882  -2.260  1.00 14.85 ? 71  ASP A CG  1 
ATOM   558  O OD1 . ASP A 1 71  ? 13.055  11.288  -3.438  1.00 20.00 ? 71  ASP A OD1 1 
ATOM   559  O OD2 . ASP A 1 71  ? 14.254  10.750  -1.675  1.00 11.56 ? 71  ASP A OD2 1 
ATOM   560  N N   . GLU A 1 72  ? 9.340   8.627   -0.582  1.00 4.68  ? 72  GLU A N   1 
ATOM   561  C CA  . GLU A 1 72  ? 7.941   8.664   -0.239  1.00 7.75  ? 72  GLU A CA  1 
ATOM   562  C C   . GLU A 1 72  ? 7.834   8.785   1.268   1.00 13.25 ? 72  GLU A C   1 
ATOM   563  O O   . GLU A 1 72  ? 8.500   8.037   2.004   1.00 16.61 ? 72  GLU A O   1 
ATOM   564  C CB  . GLU A 1 72  ? 7.227   7.417   -0.730  1.00 6.52  ? 72  GLU A CB  1 
ATOM   565  C CG  . GLU A 1 72  ? 7.148   6.273   0.242   1.00 7.61  ? 72  GLU A CG  1 
ATOM   566  C CD  . GLU A 1 72  ? 6.035   5.312   -0.124  1.00 11.51 ? 72  GLU A CD  1 
ATOM   567  O OE1 . GLU A 1 72  ? 6.310   4.108   -0.318  1.00 10.81 ? 72  GLU A OE1 1 
ATOM   568  O OE2 . GLU A 1 72  ? 4.879   5.771   -0.243  1.00 13.57 ? 72  GLU A OE2 1 
ATOM   569  N N   . THR A 1 73  ? 7.107   9.796   1.730   1.00 12.32 ? 73  THR A N   1 
ATOM   570  C CA  . THR A 1 73  ? 6.922   9.979   3.157   1.00 12.33 ? 73  THR A CA  1 
ATOM   571  C C   . THR A 1 73  ? 5.647   9.197   3.446   1.00 13.66 ? 73  THR A C   1 
ATOM   572  O O   . THR A 1 73  ? 4.556   9.633   3.070   1.00 16.10 ? 73  THR A O   1 
ATOM   573  C CB  . THR A 1 73  ? 6.726   11.463  3.529   1.00 12.04 ? 73  THR A CB  1 
ATOM   574  O OG1 . THR A 1 73  ? 7.790   12.252  2.988   1.00 11.80 ? 73  THR A OG1 1 
ATOM   575  C CG2 . THR A 1 73  ? 6.740   11.629  5.024   1.00 17.16 ? 73  THR A CG2 1 
ATOM   576  N N   . THR A 1 74  ? 5.797   8.006   4.028   1.00 12.48 ? 74  THR A N   1 
ATOM   577  C CA  . THR A 1 74  ? 4.666   7.127   4.342   1.00 9.90  ? 74  THR A CA  1 
ATOM   578  C C   . THR A 1 74  ? 3.641   7.821   5.262   1.00 11.96 ? 74  THR A C   1 
ATOM   579  O O   . THR A 1 74  ? 3.997   8.716   6.046   1.00 12.06 ? 74  THR A O   1 
ATOM   580  C CB  . THR A 1 74  ? 5.148   5.803   5.003   1.00 9.38  ? 74  THR A CB  1 
ATOM   581  O OG1 . THR A 1 74  ? 5.672   6.076   6.311   1.00 10.68 ? 74  THR A OG1 1 
ATOM   582  C CG2 . THR A 1 74  ? 6.245   5.123   4.169   1.00 3.04  ? 74  THR A CG2 1 
ATOM   583  N N   . ALA A 1 75  ? 2.375   7.420   5.151   1.00 9.04  ? 75  ALA A N   1 
ATOM   584  C CA  . ALA A 1 75  ? 1.319   8.002   5.970   1.00 11.02 ? 75  ALA A CA  1 
ATOM   585  C C   . ALA A 1 75  ? 1.729   8.082   7.458   1.00 11.09 ? 75  ALA A C   1 
ATOM   586  O O   . ALA A 1 75  ? 1.473   9.087   8.130   1.00 11.03 ? 75  ALA A O   1 
ATOM   587  C CB  . ALA A 1 75  ? 0.026   7.197   5.813   1.00 11.82 ? 75  ALA A CB  1 
ATOM   588  N N   . ASP A 1 76  ? 2.343   7.022   7.975   1.00 5.54  ? 76  ASP A N   1 
ATOM   589  C CA  . ASP A 1 76  ? 2.789   7.031   9.363   1.00 8.89  ? 76  ASP A CA  1 
ATOM   590  C C   . ASP A 1 76  ? 4.143   7.734   9.545   1.00 13.19 ? 76  ASP A C   1 
ATOM   591  O O   . ASP A 1 76  ? 4.929   7.379   10.423  1.00 12.07 ? 76  ASP A O   1 
ATOM   592  C CB  . ASP A 1 76  ? 2.847   5.625   9.931   1.00 4.39  ? 76  ASP A CB  1 
ATOM   593  C CG  . ASP A 1 76  ? 3.680   4.700   9.099   1.00 6.22  ? 76  ASP A CG  1 
ATOM   594  O OD1 . ASP A 1 76  ? 4.136   3.680   9.632   1.00 5.82  ? 76  ASP A OD1 1 
ATOM   595  O OD2 . ASP A 1 76  ? 3.865   4.969   7.898   1.00 8.44  ? 76  ASP A OD2 1 
ATOM   596  N N   . ASP A 1 77  ? 4.432   8.670   8.647   1.00 15.24 ? 77  ASP A N   1 
ATOM   597  C CA  . ASP A 1 77  ? 5.630   9.490   8.692   1.00 17.92 ? 77  ASP A CA  1 
ATOM   598  C C   . ASP A 1 77  ? 6.998   8.952   8.315   1.00 17.25 ? 77  ASP A C   1 
ATOM   599  O O   . ASP A 1 77  ? 7.927   9.747   8.147   1.00 20.75 ? 77  ASP A O   1 
ATOM   600  C CB  . ASP A 1 77  ? 5.725   10.220  10.042  1.00 23.19 ? 77  ASP A CB  1 
ATOM   601  C CG  . ASP A 1 77  ? 4.564   11.166  10.269  1.00 29.14 ? 77  ASP A CG  1 
ATOM   602  O OD1 . ASP A 1 77  ? 3.655   10.798  11.053  1.00 31.89 ? 77  ASP A OD1 1 
ATOM   603  O OD2 . ASP A 1 77  ? 4.552   12.261  9.643   1.00 30.25 ? 77  ASP A OD2 1 
ATOM   604  N N   . ARG A 1 78  ? 7.179   7.646   8.201   1.00 12.51 ? 78  ARG A N   1 
ATOM   605  C CA  . ARG A 1 78  ? 8.515   7.189   7.813   1.00 10.62 ? 78  ARG A CA  1 
ATOM   606  C C   . ARG A 1 78  ? 8.856   7.794   6.432   1.00 10.33 ? 78  ARG A C   1 
ATOM   607  O O   . ARG A 1 78  ? 7.967   8.047   5.622   1.00 9.65  ? 78  ARG A O   1 
ATOM   608  C CB  . ARG A 1 78  ? 8.586   5.657   7.719   1.00 4.36  ? 78  ARG A CB  1 
ATOM   609  C CG  . ARG A 1 78  ? 8.076   4.914   8.930   1.00 4.57  ? 78  ARG A CG  1 
ATOM   610  C CD  . ARG A 1 78  ? 7.044   3.892   8.523   1.00 2.00  ? 78  ARG A CD  1 
ATOM   611  N NE  . ARG A 1 78  ? 7.610   2.929   7.585   1.00 3.75  ? 78  ARG A NE  1 
ATOM   612  C CZ  . ARG A 1 78  ? 6.974   2.370   6.553   1.00 5.45  ? 78  ARG A CZ  1 
ATOM   613  N NH1 . ARG A 1 78  ? 5.702   2.650   6.269   1.00 2.02  ? 78  ARG A NH1 1 
ATOM   614  N NH2 . ARG A 1 78  ? 7.640   1.511   5.786   1.00 7.90  ? 78  ARG A NH2 1 
ATOM   615  N N   . ASN A 1 79  ? 10.115  8.143   6.215   1.00 11.95 ? 79  ASN A N   1 
ATOM   616  C CA  . ASN A 1 79  ? 10.530  8.635   4.909   1.00 12.78 ? 79  ASN A CA  1 
ATOM   617  C C   . ASN A 1 79  ? 11.262  7.459   4.324   1.00 12.31 ? 79  ASN A C   1 
ATOM   618  O O   . ASN A 1 79  ? 12.239  6.979   4.898   1.00 9.71  ? 79  ASN A O   1 
ATOM   619  C CB  . ASN A 1 79  ? 11.447  9.819   5.033   1.00 15.20 ? 79  ASN A CB  1 
ATOM   620  C CG  . ASN A 1 79  ? 10.747  10.985  5.626   1.00 22.43 ? 79  ASN A CG  1 
ATOM   621  O OD1 . ASN A 1 79  ? 10.162  11.795  4.912   1.00 23.67 ? 79  ASN A OD1 1 
ATOM   622  N ND2 . ASN A 1 79  ? 10.722  11.043  6.956   1.00 27.81 ? 79  ASN A ND2 1 
ATOM   623  N N   . CYS A 1 80  ? 10.715  6.894   3.265   1.00 11.70 ? 80  CYS A N   1 
ATOM   624  C CA  . CYS A 1 80  ? 11.360  5.747   2.684   1.00 11.86 ? 80  CYS A CA  1 
ATOM   625  C C   . CYS A 1 80  ? 11.902  6.086   1.313   1.00 11.12 ? 80  CYS A C   1 
ATOM   626  O O   . CYS A 1 80  ? 11.744  7.204   0.814   1.00 11.93 ? 80  CYS A O   1 
ATOM   627  C CB  . CYS A 1 80  ? 10.378  4.574   2.606   1.00 13.62 ? 80  CYS A CB  1 
ATOM   628  S SG  . CYS A 1 80  ? 9.460   4.210   4.157   1.00 21.55 ? 80  CYS A SG  1 
ATOM   629  N N   . LYS A 1 81  ? 12.649  5.139   0.778   1.00 11.31 ? 81  LYS A N   1 
ATOM   630  C CA  . LYS A 1 81  ? 13.222  5.210   -0.545  1.00 12.41 ? 81  LYS A CA  1 
ATOM   631  C C   . LYS A 1 81  ? 12.447  4.032   -1.112  1.00 14.73 ? 81  LYS A C   1 
ATOM   632  O O   . LYS A 1 81  ? 12.647  2.867   -0.724  1.00 14.01 ? 81  LYS A O   1 
ATOM   633  C CB  . LYS A 1 81  ? 14.718  4.882   -0.526  1.00 12.24 ? 81  LYS A CB  1 
ATOM   634  C CG  . LYS A 1 81  ? 15.531  5.729   0.418   1.00 17.43 ? 81  LYS A CG  1 
ATOM   635  C CD  . LYS A 1 81  ? 15.481  7.191   0.021   1.00 24.07 ? 81  LYS A CD  1 
ATOM   636  C CE  . LYS A 1 81  ? 16.196  7.422   -1.288  1.00 27.04 ? 81  LYS A CE  1 
ATOM   637  N NZ  . LYS A 1 81  ? 15.743  8.698   -1.901  1.00 27.42 ? 81  LYS A NZ  1 
ATOM   638  N N   . SER A 1 82  ? 11.440  4.356   -1.899  1.00 13.67 ? 82  SER A N   1 
ATOM   639  C CA  . SER A 1 82  ? 10.624  3.331   -2.465  1.00 11.24 ? 82  SER A CA  1 
ATOM   640  C C   . SER A 1 82  ? 10.882  3.099   -3.937  1.00 11.42 ? 82  SER A C   1 
ATOM   641  O O   . SER A 1 82  ? 11.418  3.942   -4.657  1.00 10.53 ? 82  SER A O   1 
ATOM   642  C CB  . SER A 1 82  ? 9.149   3.643   -2.198  1.00 13.31 ? 82  SER A CB  1 
ATOM   643  O OG  . SER A 1 82  ? 8.825   3.460   -0.824  1.00 8.20  ? 82  SER A OG  1 
ATOM   644  N N   . VAL A 1 83  ? 10.498  1.909   -4.359  1.00 14.07 ? 83  VAL A N   1 
ATOM   645  C CA  . VAL A 1 83  ? 10.618  1.452   -5.727  1.00 12.04 ? 83  VAL A CA  1 
ATOM   646  C C   . VAL A 1 83  ? 9.409   0.558   -5.880  1.00 11.20 ? 83  VAL A C   1 
ATOM   647  O O   . VAL A 1 83  ? 9.086   -0.195  -4.960  1.00 10.00 ? 83  VAL A O   1 
ATOM   648  C CB  . VAL A 1 83  ? 11.846  0.544   -5.892  1.00 9.94  ? 83  VAL A CB  1 
ATOM   649  C CG1 . VAL A 1 83  ? 11.779  -0.188  -7.206  1.00 10.27 ? 83  VAL A CG1 1 
ATOM   650  C CG2 . VAL A 1 83  ? 13.121  1.348   -5.775  1.00 7.71  ? 83  VAL A CG2 1 
ATOM   651  N N   . VAL A 1 84  ? 8.659   0.723   -6.957  1.00 9.05  ? 84  VAL A N   1 
ATOM   652  C CA  . VAL A 1 84  ? 7.546   -0.185  -7.176  1.00 7.39  ? 84  VAL A CA  1 
ATOM   653  C C   . VAL A 1 84  ? 7.696   -0.687  -8.600  1.00 8.25  ? 84  VAL A C   1 
ATOM   654  O O   . VAL A 1 84  ? 8.011   0.087   -9.503  1.00 7.78  ? 84  VAL A O   1 
ATOM   655  C CB  . VAL A 1 84  ? 6.130   0.419   -6.897  1.00 2.16  ? 84  VAL A CB  1 
ATOM   656  C CG1 . VAL A 1 84  ? 6.188   1.900   -6.614  1.00 2.00  ? 84  VAL A CG1 1 
ATOM   657  C CG2 . VAL A 1 84  ? 5.193   0.112   -8.033  1.00 2.00  ? 84  VAL A CG2 1 
ATOM   658  N N   . SER A 1 85  ? 7.591   -1.995  -8.787  1.00 8.04  ? 85  SER A N   1 
ATOM   659  C CA  . SER A 1 85  ? 7.712   -2.528  -10.131 1.00 12.11 ? 85  SER A CA  1 
ATOM   660  C C   . SER A 1 85  ? 6.658   -3.581  -10.384 1.00 9.33  ? 85  SER A C   1 
ATOM   661  O O   . SER A 1 85  ? 5.782   -3.800  -9.556  1.00 9.36  ? 85  SER A O   1 
ATOM   662  C CB  . SER A 1 85  ? 9.119   -3.108  -10.367 1.00 18.67 ? 85  SER A CB  1 
ATOM   663  O OG  . SER A 1 85  ? 9.337   -4.326  -9.671  1.00 20.69 ? 85  SER A OG  1 
ATOM   664  N N   . LEU A 1 86  ? 6.736   -4.211  -11.545 1.00 9.06  ? 86  LEU A N   1 
ATOM   665  C CA  . LEU A 1 86  ? 5.815   -5.263  -11.908 1.00 12.85 ? 86  LEU A CA  1 
ATOM   666  C C   . LEU A 1 86  ? 6.689   -6.488  -12.080 1.00 16.86 ? 86  LEU A C   1 
ATOM   667  O O   . LEU A 1 86  ? 7.480   -6.554  -13.023 1.00 14.98 ? 86  LEU A O   1 
ATOM   668  C CB  . LEU A 1 86  ? 5.131   -4.921  -13.223 1.00 14.76 ? 86  LEU A CB  1 
ATOM   669  C CG  . LEU A 1 86  ? 4.129   -5.938  -13.759 1.00 15.62 ? 86  LEU A CG  1 
ATOM   670  C CD1 . LEU A 1 86  ? 2.796   -5.771  -13.047 1.00 10.29 ? 86  LEU A CD1 1 
ATOM   671  C CD2 . LEU A 1 86  ? 3.978   -5.743  -15.264 1.00 12.70 ? 86  LEU A CD2 1 
ATOM   672  N N   . ASP A 1 87  ? 6.612   -7.410  -11.116 1.00 23.27 ? 87  ASP A N   1 
ATOM   673  C CA  . ASP A 1 87  ? 7.392   -8.661  -11.143 1.00 26.52 ? 87  ASP A CA  1 
ATOM   674  C C   . ASP A 1 87  ? 6.583   -9.637  -11.969 1.00 24.62 ? 87  ASP A C   1 
ATOM   675  O O   . ASP A 1 87  ? 6.736   -10.846 -11.790 1.00 28.36 ? 87  ASP A O   1 
ATOM   676  C CB  . ASP A 1 87  ? 7.512   -9.292  -9.734  1.00 32.95 ? 87  ASP A CB  1 
ATOM   677  C CG  . ASP A 1 87  ? 8.696   -8.759  -8.900  1.00 36.37 ? 87  ASP A CG  1 
ATOM   678  O OD1 . ASP A 1 87  ? 9.093   -9.466  -7.935  1.00 33.80 ? 87  ASP A OD1 1 
ATOM   679  O OD2 . ASP A 1 87  ? 9.211   -7.649  -9.174  1.00 38.46 ? 87  ASP A OD2 1 
ATOM   680  N N   . GLY A 1 88  ? 5.746   -9.105  -12.866 1.00 22.23 ? 88  GLY A N   1 
ATOM   681  C CA  . GLY A 1 88  ? 4.849   -9.904  -13.690 1.00 18.52 ? 88  GLY A CA  1 
ATOM   682  C C   . GLY A 1 88  ? 3.616   -9.976  -12.817 1.00 19.35 ? 88  GLY A C   1 
ATOM   683  O O   . GLY A 1 88  ? 3.778   -9.982  -11.594 1.00 21.54 ? 88  GLY A O   1 
ATOM   684  N N   . ASP A 1 89  ? 2.418   -9.892  -13.397 1.00 16.66 ? 89  ASP A N   1 
ATOM   685  C CA  . ASP A 1 89  ? 1.142   -9.972  -12.647 1.00 15.79 ? 89  ASP A CA  1 
ATOM   686  C C   . ASP A 1 89  ? 0.986   -9.188  -11.331 1.00 13.19 ? 89  ASP A C   1 
ATOM   687  O O   . ASP A 1 89  ? -0.019  -8.513  -11.104 1.00 11.72 ? 89  ASP A O   1 
ATOM   688  C CB  . ASP A 1 89  ? 0.780   -11.426 -12.378 1.00 19.59 ? 89  ASP A CB  1 
ATOM   689  C CG  . ASP A 1 89  ? -0.703  -11.668 -12.503 1.00 26.54 ? 89  ASP A CG  1 
ATOM   690  O OD1 . ASP A 1 89  ? -1.096  -12.526 -13.326 1.00 29.46 ? 89  ASP A OD1 1 
ATOM   691  O OD2 . ASP A 1 89  ? -1.480  -10.966 -11.810 1.00 31.12 ? 89  ASP A OD2 1 
ATOM   692  N N   . LYS A 1 90  ? 1.873   -9.461  -10.390 1.00 11.34 ? 90  LYS A N   1 
ATOM   693  C CA  . LYS A 1 90  ? 1.904   -8.780  -9.110  1.00 7.33  ? 90  LYS A CA  1 
ATOM   694  C C   . LYS A 1 90  ? 2.461   -7.362  -9.282  1.00 4.96  ? 90  LYS A C   1 
ATOM   695  O O   . LYS A 1 90  ? 3.281   -7.104  -10.157 1.00 7.00  ? 90  LYS A O   1 
ATOM   696  C CB  . LYS A 1 90  ? 2.840   -9.559  -8.173  1.00 3.64  ? 90  LYS A CB  1 
ATOM   697  C CG  . LYS A 1 90  ? 2.174   -10.628 -7.362  1.00 8.25  ? 90  LYS A CG  1 
ATOM   698  C CD  . LYS A 1 90  ? 2.856   -11.996 -7.453  1.00 11.04 ? 90  LYS A CD  1 
ATOM   699  C CE  . LYS A 1 90  ? 2.429   -12.755 -8.718  1.00 18.14 ? 90  LYS A CE  1 
ATOM   700  N NZ  . LYS A 1 90  ? 0.951   -12.909 -8.876  1.00 18.39 ? 90  LYS A NZ  1 
ATOM   701  N N   . LEU A 1 91  ? 2.027   -6.447  -8.436  1.00 4.20  ? 91  LEU A N   1 
ATOM   702  C CA  . LEU A 1 91  ? 2.564   -5.102  -8.447  1.00 2.00  ? 91  LEU A CA  1 
ATOM   703  C C   . LEU A 1 91  ? 3.302   -5.072  -7.107  1.00 2.00  ? 91  LEU A C   1 
ATOM   704  O O   . LEU A 1 91  ? 2.665   -5.171  -6.066  1.00 2.00  ? 91  LEU A O   1 
ATOM   705  C CB  . LEU A 1 91  ? 1.428   -4.092  -8.454  1.00 2.00  ? 91  LEU A CB  1 
ATOM   706  C CG  . LEU A 1 91  ? 1.669   -2.764  -9.171  1.00 2.00  ? 91  LEU A CG  1 
ATOM   707  C CD1 . LEU A 1 91  ? 0.392   -1.978  -9.252  1.00 2.02  ? 91  LEU A CD1 1 
ATOM   708  C CD2 . LEU A 1 91  ? 2.701   -1.968  -8.434  1.00 4.54  ? 91  LEU A CD2 1 
ATOM   709  N N   . VAL A 1 92  ? 4.639   -5.081  -7.131  1.00 3.49  ? 92  VAL A N   1 
ATOM   710  C CA  . VAL A 1 92  ? 5.441   -5.043  -5.894  1.00 4.16  ? 92  VAL A CA  1 
ATOM   711  C C   . VAL A 1 92  ? 5.837   -3.622  -5.587  1.00 7.20  ? 92  VAL A C   1 
ATOM   712  O O   . VAL A 1 92  ? 6.203   -2.850  -6.486  1.00 9.75  ? 92  VAL A O   1 
ATOM   713  C CB  . VAL A 1 92  ? 6.720   -5.875  -5.948  1.00 2.00  ? 92  VAL A CB  1 
ATOM   714  C CG1 . VAL A 1 92  ? 6.433   -7.318  -5.601  1.00 2.00  ? 92  VAL A CG1 1 
ATOM   715  C CG2 . VAL A 1 92  ? 7.324   -5.776  -7.327  1.00 11.19 ? 92  VAL A CG2 1 
ATOM   716  N N   . HIS A 1 93  ? 5.786   -3.296  -4.302  1.00 7.58  ? 93  HIS A N   1 
ATOM   717  C CA  . HIS A 1 93  ? 6.078   -1.961  -3.813  1.00 4.58  ? 93  HIS A CA  1 
ATOM   718  C C   . HIS A 1 93  ? 6.994   -2.171  -2.628  1.00 3.85  ? 93  HIS A C   1 
ATOM   719  O O   . HIS A 1 93  ? 6.541   -2.672  -1.606  1.00 2.04  ? 93  HIS A O   1 
ATOM   720  C CB  . HIS A 1 93  ? 4.743   -1.338  -3.387  1.00 4.89  ? 93  HIS A CB  1 
ATOM   721  C CG  . HIS A 1 93  ? 4.839   0.036   -2.802  1.00 3.85  ? 93  HIS A CG  1 
ATOM   722  N ND1 . HIS A 1 93  ? 5.987   0.534   -2.224  1.00 7.42  ? 93  HIS A ND1 1 
ATOM   723  C CD2 . HIS A 1 93  ? 3.915   1.024   -2.715  1.00 2.01  ? 93  HIS A CD2 1 
ATOM   724  C CE1 . HIS A 1 93  ? 5.768   1.772   -1.813  1.00 8.58  ? 93  HIS A CE1 1 
ATOM   725  N NE2 . HIS A 1 93  ? 4.520   2.093   -2.102  1.00 2.00  ? 93  HIS A NE2 1 
ATOM   726  N N   . ILE A 1 94  ? 8.287   -1.867  -2.815  1.00 7.22  ? 94  ILE A N   1 
ATOM   727  C CA  . ILE A 1 94  ? 9.340   -1.983  -1.787  1.00 4.10  ? 94  ILE A CA  1 
ATOM   728  C C   . ILE A 1 94  ? 9.570   -0.628  -1.122  1.00 5.08  ? 94  ILE A C   1 
ATOM   729  O O   . ILE A 1 94  ? 9.653   0.378   -1.809  1.00 5.12  ? 94  ILE A O   1 
ATOM   730  C CB  . ILE A 1 94  ? 10.723  -2.392  -2.391  1.00 4.04  ? 94  ILE A CB  1 
ATOM   731  C CG1 . ILE A 1 94  ? 10.618  -3.677  -3.240  1.00 6.46  ? 94  ILE A CG1 1 
ATOM   732  C CG2 . ILE A 1 94  ? 11.744  -2.612  -1.267  1.00 3.40  ? 94  ILE A CG2 1 
ATOM   733  C CD1 . ILE A 1 94  ? 10.220  -4.951  -2.480  1.00 3.41  ? 94  ILE A CD1 1 
ATOM   734  N N   . GLN A 1 95  ? 9.656   -0.610  0.208   1.00 7.59  ? 95  GLN A N   1 
ATOM   735  C CA  . GLN A 1 95  ? 9.920   0.615   0.983   1.00 9.93  ? 95  GLN A CA  1 
ATOM   736  C C   . GLN A 1 95  ? 11.136  0.423   1.890   1.00 8.15  ? 95  GLN A C   1 
ATOM   737  O O   . GLN A 1 95  ? 11.114  -0.431  2.785   1.00 6.44  ? 95  GLN A O   1 
ATOM   738  C CB  . GLN A 1 95  ? 8.743   0.965   1.909   1.00 13.05 ? 95  GLN A CB  1 
ATOM   739  C CG  . GLN A 1 95  ? 7.508   1.568   1.283   1.00 10.62 ? 95  GLN A CG  1 
ATOM   740  C CD  . GLN A 1 95  ? 6.505   1.963   2.333   1.00 7.28  ? 95  GLN A CD  1 
ATOM   741  O OE1 . GLN A 1 95  ? 5.629   2.792   2.090   1.00 9.04  ? 95  GLN A OE1 1 
ATOM   742  N NE2 . GLN A 1 95  ? 6.618   1.373   3.513   1.00 2.00  ? 95  GLN A NE2 1 
ATOM   743  N N   . LYS A 1 96  ? 12.168  1.241   1.714   1.00 9.87  ? 96  LYS A N   1 
ATOM   744  C CA  . LYS A 1 96  ? 13.362  1.122   2.559   1.00 8.85  ? 96  LYS A CA  1 
ATOM   745  C C   . LYS A 1 96  ? 13.603  2.365   3.396   1.00 8.06  ? 96  LYS A C   1 
ATOM   746  O O   . LYS A 1 96  ? 13.554  3.464   2.871   1.00 9.18  ? 96  LYS A O   1 
ATOM   747  C CB  . LYS A 1 96  ? 14.572  0.776   1.706   1.00 6.26  ? 96  LYS A CB  1 
ATOM   748  C CG  . LYS A 1 96  ? 14.451  -0.626  1.124   1.00 11.01 ? 96  LYS A CG  1 
ATOM   749  C CD  . LYS A 1 96  ? 15.527  -0.985  0.107   1.00 17.07 ? 96  LYS A CD  1 
ATOM   750  C CE  . LYS A 1 96  ? 15.426  -0.137  -1.172  1.00 23.59 ? 96  LYS A CE  1 
ATOM   751  N NZ  . LYS A 1 96  ? 14.095  -0.224  -1.860  1.00 28.34 ? 96  LYS A NZ  1 
ATOM   752  N N   . TRP A 1 97  ? 13.744  2.197   4.712   1.00 10.12 ? 97  TRP A N   1 
ATOM   753  C CA  . TRP A 1 97  ? 13.991  3.323   5.625   1.00 15.35 ? 97  TRP A CA  1 
ATOM   754  C C   . TRP A 1 97  ? 14.923  2.921   6.797   1.00 19.87 ? 97  TRP A C   1 
ATOM   755  O O   . TRP A 1 97  ? 14.627  1.999   7.570   1.00 20.83 ? 97  TRP A O   1 
ATOM   756  C CB  . TRP A 1 97  ? 12.671  3.957   6.107   1.00 15.30 ? 97  TRP A CB  1 
ATOM   757  C CG  . TRP A 1 97  ? 11.871  3.163   7.114   1.00 13.39 ? 97  TRP A CG  1 
ATOM   758  C CD1 . TRP A 1 97  ? 11.520  3.572   8.359   1.00 13.56 ? 97  TRP A CD1 1 
ATOM   759  C CD2 . TRP A 1 97  ? 11.342  1.834   6.964   1.00 14.06 ? 97  TRP A CD2 1 
ATOM   760  N NE1 . TRP A 1 97  ? 10.814  2.588   9.007   1.00 15.84 ? 97  TRP A NE1 1 
ATOM   761  C CE2 . TRP A 1 97  ? 10.691  1.505   8.175   1.00 16.21 ? 97  TRP A CE2 1 
ATOM   762  C CE3 . TRP A 1 97  ? 11.358  0.891   5.927   1.00 9.68  ? 97  TRP A CE3 1 
ATOM   763  C CZ2 . TRP A 1 97  ? 10.056  0.265   8.387   1.00 13.40 ? 97  TRP A CZ2 1 
ATOM   764  C CZ3 . TRP A 1 97  ? 10.725  -0.337  6.135   1.00 16.02 ? 97  TRP A CZ3 1 
ATOM   765  C CH2 . TRP A 1 97  ? 10.082  -0.637  7.361   1.00 13.53 ? 97  TRP A CH2 1 
ATOM   766  N N   . ASP A 1 98  ? 16.031  3.654   6.929   1.00 20.80 ? 98  ASP A N   1 
ATOM   767  C CA  . ASP A 1 98  ? 17.077  3.381   7.917   1.00 22.63 ? 98  ASP A CA  1 
ATOM   768  C C   . ASP A 1 98  ? 17.272  1.897   8.299   1.00 19.73 ? 98  ASP A C   1 
ATOM   769  O O   . ASP A 1 98  ? 16.857  1.436   9.357   1.00 18.02 ? 98  ASP A O   1 
ATOM   770  C CB  . ASP A 1 98  ? 17.085  4.376   9.117   1.00 26.93 ? 98  ASP A CB  1 
ATOM   771  C CG  . ASP A 1 98  ? 15.978  4.128   10.147  1.00 34.65 ? 98  ASP A CG  1 
ATOM   772  O OD1 . ASP A 1 98  ? 15.032  4.962   10.239  1.00 34.79 ? 98  ASP A OD1 1 
ATOM   773  O OD2 . ASP A 1 98  ? 16.091  3.143   10.919  1.00 35.04 ? 98  ASP A OD2 1 
ATOM   774  N N   . GLY A 1 99  ? 17.838  1.146   7.357   1.00 18.45 ? 99  GLY A N   1 
ATOM   775  C CA  . GLY A 1 99  ? 18.124  -0.257  7.578   1.00 17.46 ? 99  GLY A CA  1 
ATOM   776  C C   . GLY A 1 99  ? 16.957  -1.221  7.532   1.00 21.21 ? 99  GLY A C   1 
ATOM   777  O O   . GLY A 1 99  ? 17.122  -2.370  7.110   1.00 23.86 ? 99  GLY A O   1 
ATOM   778  N N   . LYS A 1 100 ? 15.782  -0.801  7.984   1.00 20.59 ? 100 LYS A N   1 
ATOM   779  C CA  . LYS A 1 100 ? 14.635  -1.705  7.957   1.00 17.24 ? 100 LYS A CA  1 
ATOM   780  C C   . LYS A 1 100 ? 14.072  -1.718  6.541   1.00 13.65 ? 100 LYS A C   1 
ATOM   781  O O   . LYS A 1 100 ? 14.264  -0.757  5.800   1.00 13.18 ? 100 LYS A O   1 
ATOM   782  C CB  . LYS A 1 100 ? 13.564  -1.247  8.958   1.00 19.69 ? 100 LYS A CB  1 
ATOM   783  C CG  . LYS A 1 100 ? 14.067  -0.866  10.367  1.00 20.82 ? 100 LYS A CG  1 
ATOM   784  C CD  . LYS A 1 100 ? 14.727  -2.034  11.126  1.00 28.29 ? 100 LYS A CD  1 
ATOM   785  C CE  . LYS A 1 100 ? 16.271  -2.152  10.893  1.00 29.57 ? 100 LYS A CE  1 
ATOM   786  N NZ  . LYS A 1 100 ? 16.906  -3.288  11.662  1.00 21.74 ? 100 LYS A NZ  1 
ATOM   787  N N   . GLU A 1 101 ? 13.409  -2.808  6.158   1.00 12.57 ? 101 GLU A N   1 
ATOM   788  C CA  . GLU A 1 101 ? 12.803  -2.928  4.831   1.00 12.79 ? 101 GLU A CA  1 
ATOM   789  C C   . GLU A 1 101 ? 11.410  -3.557  4.909   1.00 13.64 ? 101 GLU A C   1 
ATOM   790  O O   . GLU A 1 101 ? 11.155  -4.369  5.804   1.00 16.62 ? 101 GLU A O   1 
ATOM   791  C CB  . GLU A 1 101 ? 13.680  -3.795  3.925   1.00 16.98 ? 101 GLU A CB  1 
ATOM   792  C CG  . GLU A 1 101 ? 13.091  -4.016  2.518   1.00 24.19 ? 101 GLU A CG  1 
ATOM   793  C CD  . GLU A 1 101 ? 14.034  -4.760  1.575   1.00 28.37 ? 101 GLU A CD  1 
ATOM   794  O OE1 . GLU A 1 101 ? 14.932  -4.107  0.981   1.00 31.32 ? 101 GLU A OE1 1 
ATOM   795  O OE2 . GLU A 1 101 ? 13.863  -5.994  1.420   1.00 27.45 ? 101 GLU A OE2 1 
ATOM   796  N N   . THR A 1 102 ? 10.508  -3.176  3.997   1.00 11.04 ? 102 THR A N   1 
ATOM   797  C CA  . THR A 1 102 ? 9.160   -3.763  3.949   1.00 9.87  ? 102 THR A CA  1 
ATOM   798  C C   . THR A 1 102 ? 8.588   -3.773  2.536   1.00 12.20 ? 102 THR A C   1 
ATOM   799  O O   . THR A 1 102 ? 8.951   -2.920  1.711   1.00 15.80 ? 102 THR A O   1 
ATOM   800  C CB  . THR A 1 102 ? 8.169   -3.059  4.903   1.00 8.70  ? 102 THR A CB  1 
ATOM   801  O OG1 . THR A 1 102 ? 6.918   -3.747  4.868   1.00 3.53  ? 102 THR A OG1 1 
ATOM   802  C CG2 . THR A 1 102 ? 7.939   -1.633  4.501   1.00 7.15  ? 102 THR A CG2 1 
ATOM   803  N N   . ASN A 1 103 ? 7.689   -4.714  2.243   1.00 10.43 ? 103 ASN A N   1 
ATOM   804  C CA  . ASN A 1 103 ? 7.103   -4.778  0.901   1.00 9.22  ? 103 ASN A CA  1 
ATOM   805  C C   . ASN A 1 103 ? 5.603   -5.054  0.830   1.00 6.50  ? 103 ASN A C   1 
ATOM   806  O O   . ASN A 1 103 ? 5.030   -5.706  1.713   1.00 3.42  ? 103 ASN A O   1 
ATOM   807  C CB  . ASN A 1 103 ? 7.865   -5.775  0.024   1.00 15.20 ? 103 ASN A CB  1 
ATOM   808  C CG  . ASN A 1 103 ? 7.672   -7.207  0.463   1.00 20.72 ? 103 ASN A CG  1 
ATOM   809  O OD1 . ASN A 1 103 ? 6.755   -7.901  -0.003  1.00 24.54 ? 103 ASN A OD1 1 
ATOM   810  N ND2 . ASN A 1 103 ? 8.537   -7.668  1.365   1.00 19.86 ? 103 ASN A ND2 1 
ATOM   811  N N   . PHE A 1 104 ? 4.980   -4.524  -0.224  1.00 6.71  ? 104 PHE A N   1 
ATOM   812  C CA  . PHE A 1 104 ? 3.536   -4.652  -0.488  1.00 8.10  ? 104 PHE A CA  1 
ATOM   813  C C   . PHE A 1 104 ? 3.266   -5.279  -1.869  1.00 10.05 ? 104 PHE A C   1 
ATOM   814  O O   . PHE A 1 104 ? 3.456   -4.636  -2.924  1.00 11.29 ? 104 PHE A O   1 
ATOM   815  C CB  . PHE A 1 104 ? 2.852   -3.272  -0.468  1.00 5.45  ? 104 PHE A CB  1 
ATOM   816  C CG  . PHE A 1 104 ? 3.177   -2.439  0.731   1.00 8.36  ? 104 PHE A CG  1 
ATOM   817  C CD1 . PHE A 1 104 ? 3.124   -2.980  2.015   1.00 6.77  ? 104 PHE A CD1 1 
ATOM   818  C CD2 . PHE A 1 104 ? 3.530   -1.103  0.577   1.00 8.76  ? 104 PHE A CD2 1 
ATOM   819  C CE1 . PHE A 1 104 ? 3.418   -2.205  3.121   1.00 5.72  ? 104 PHE A CE1 1 
ATOM   820  C CE2 . PHE A 1 104 ? 3.827   -0.317  1.678   1.00 9.14  ? 104 PHE A CE2 1 
ATOM   821  C CZ  . PHE A 1 104 ? 3.771   -0.869  2.956   1.00 7.98  ? 104 PHE A CZ  1 
ATOM   822  N N   . VAL A 1 105 ? 2.757   -6.498  -1.880  1.00 7.88  ? 105 VAL A N   1 
ATOM   823  C CA  . VAL A 1 105 ? 2.482   -7.145  -3.148  1.00 8.00  ? 105 VAL A CA  1 
ATOM   824  C C   . VAL A 1 105 ? 0.983   -7.135  -3.447  1.00 7.26  ? 105 VAL A C   1 
ATOM   825  O O   . VAL A 1 105 ? 0.240   -7.934  -2.867  1.00 11.20 ? 105 VAL A O   1 
ATOM   826  C CB  . VAL A 1 105 ? 2.982   -8.595  -3.121  1.00 5.87  ? 105 VAL A CB  1 
ATOM   827  C CG1 . VAL A 1 105 ? 3.075   -9.170  -4.520  1.00 2.00  ? 105 VAL A CG1 1 
ATOM   828  C CG2 . VAL A 1 105 ? 4.309   -8.655  -2.414  1.00 8.50  ? 105 VAL A CG2 1 
ATOM   829  N N   . ARG A 1 106 ? 0.539   -6.223  -4.311  1.00 2.00  ? 106 ARG A N   1 
ATOM   830  C CA  . ARG A 1 106 ? -0.872  -6.143  -4.691  1.00 2.01  ? 106 ARG A CA  1 
ATOM   831  C C   . ARG A 1 106 ? -1.180  -7.071  -5.893  1.00 2.00  ? 106 ARG A C   1 
ATOM   832  O O   . ARG A 1 106 ? -0.445  -7.060  -6.882  1.00 2.00  ? 106 ARG A O   1 
ATOM   833  C CB  . ARG A 1 106 ? -1.257  -4.695  -5.002  1.00 2.00  ? 106 ARG A CB  1 
ATOM   834  C CG  . ARG A 1 106 ? -0.966  -3.726  -3.876  1.00 2.11  ? 106 ARG A CG  1 
ATOM   835  C CD  . ARG A 1 106 ? -1.637  -2.357  -4.057  1.00 2.00  ? 106 ARG A CD  1 
ATOM   836  N NE  . ARG A 1 106 ? -0.709  -1.316  -3.626  1.00 3.10  ? 106 ARG A NE  1 
ATOM   837  C CZ  . ARG A 1 106 ? -0.995  -0.313  -2.804  1.00 4.62  ? 106 ARG A CZ  1 
ATOM   838  N NH1 . ARG A 1 106 ? -2.220  -0.180  -2.292  1.00 2.00  ? 106 ARG A NH1 1 
ATOM   839  N NH2 . ARG A 1 106 ? -0.025  0.557   -2.488  1.00 2.72  ? 106 ARG A NH2 1 
ATOM   840  N N   . GLU A 1 107 ? -2.244  -7.878  -5.782  1.00 2.00  ? 107 GLU A N   1 
ATOM   841  C CA  . GLU A 1 107 ? -2.681  -8.839  -6.811  1.00 2.00  ? 107 GLU A CA  1 
ATOM   842  C C   . GLU A 1 107 ? -4.152  -8.670  -7.081  1.00 2.00  ? 107 GLU A C   1 
ATOM   843  O O   . GLU A 1 107 ? -4.867  -8.015  -6.326  1.00 5.93  ? 107 GLU A O   1 
ATOM   844  C CB  . GLU A 1 107 ? -2.495  -10.285 -6.342  1.00 5.64  ? 107 GLU A CB  1 
ATOM   845  C CG  . GLU A 1 107 ? -1.050  -10.736 -6.249  1.00 20.12 ? 107 GLU A CG  1 
ATOM   846  C CD  . GLU A 1 107 ? -0.850  -12.061 -5.500  1.00 22.45 ? 107 GLU A CD  1 
ATOM   847  O OE1 . GLU A 1 107 ? -0.851  -13.113 -6.167  1.00 25.64 ? 107 GLU A OE1 1 
ATOM   848  O OE2 . GLU A 1 107 ? -0.640  -12.044 -4.258  1.00 24.41 ? 107 GLU A OE2 1 
ATOM   849  N N   . ILE A 1 108 ? -4.622  -9.334  -8.120  1.00 2.75  ? 108 ILE A N   1 
ATOM   850  C CA  . ILE A 1 108 ? -6.021  -9.285  -8.496  1.00 7.05  ? 108 ILE A CA  1 
ATOM   851  C C   . ILE A 1 108 ? -6.510  -10.737 -8.466  1.00 10.41 ? 108 ILE A C   1 
ATOM   852  O O   . ILE A 1 108 ? -6.181  -11.518 -9.361  1.00 13.26 ? 108 ILE A O   1 
ATOM   853  C CB  . ILE A 1 108 ? -6.175  -8.687  -9.919  1.00 6.50  ? 108 ILE A CB  1 
ATOM   854  C CG1 . ILE A 1 108 ? -5.683  -7.237  -9.938  1.00 2.87  ? 108 ILE A CG1 1 
ATOM   855  C CG2 . ILE A 1 108 ? -7.631  -8.717  -10.367 1.00 12.16 ? 108 ILE A CG2 1 
ATOM   856  C CD1 . ILE A 1 108 ? -6.566  -6.262  -9.193  1.00 2.00  ? 108 ILE A CD1 1 
ATOM   857  N N   . LYS A 1 109 ? -7.199  -11.121 -7.390  1.00 9.66  ? 109 LYS A N   1 
ATOM   858  C CA  . LYS A 1 109 ? -7.713  -12.484 -7.246  1.00 9.84  ? 109 LYS A CA  1 
ATOM   859  C C   . LYS A 1 109 ? -9.227  -12.520 -7.412  1.00 11.65 ? 109 LYS A C   1 
ATOM   860  O O   . LYS A 1 109 ? -9.981  -12.038 -6.568  1.00 9.86  ? 109 LYS A O   1 
ATOM   861  C CB  . LYS A 1 109 ? -7.277  -13.096 -5.931  1.00 8.16  ? 109 LYS A CB  1 
ATOM   862  C CG  . LYS A 1 109 ? -5.881  -13.599 -5.974  1.00 14.86 ? 109 LYS A CG  1 
ATOM   863  C CD  . LYS A 1 109 ? -5.847  -15.037 -5.488  1.00 26.72 ? 109 LYS A CD  1 
ATOM   864  C CE  . LYS A 1 109 ? -4.663  -15.813 -6.090  1.00 34.03 ? 109 LYS A CE  1 
ATOM   865  N NZ  . LYS A 1 109 ? -4.809  -17.295 -5.872  1.00 37.43 ? 109 LYS A NZ  1 
ATOM   866  N N   . ASP A 1 110 ? -9.645  -13.172 -8.491  1.00 16.50 ? 110 ASP A N   1 
ATOM   867  C CA  . ASP A 1 110 ? -11.031 -13.248 -8.917  1.00 19.26 ? 110 ASP A CA  1 
ATOM   868  C C   . ASP A 1 110 ? -11.652 -11.852 -8.860  1.00 16.50 ? 110 ASP A C   1 
ATOM   869  O O   . ASP A 1 110 ? -12.609 -11.589 -8.135  1.00 16.59 ? 110 ASP A O   1 
ATOM   870  C CB  . ASP A 1 110 ? -11.856 -14.373 -8.236  1.00 30.09 ? 110 ASP A CB  1 
ATOM   871  C CG  . ASP A 1 110 ? -12.255 -14.062 -6.790  1.00 38.29 ? 110 ASP A CG  1 
ATOM   872  O OD1 . ASP A 1 110 ? -11.438 -14.362 -5.891  1.00 44.92 ? 110 ASP A OD1 1 
ATOM   873  O OD2 . ASP A 1 110 ? -13.399 -13.579 -6.546  1.00 36.90 ? 110 ASP A OD2 1 
ATOM   874  N N   . GLY A 1 111 ? -11.003 -10.938 -9.584  1.00 13.56 ? 111 GLY A N   1 
ATOM   875  C CA  . GLY A 1 111 ? -11.460 -9.563  -9.694  1.00 12.04 ? 111 GLY A CA  1 
ATOM   876  C C   . GLY A 1 111 ? -11.533 -8.738  -8.433  1.00 10.65 ? 111 GLY A C   1 
ATOM   877  O O   . GLY A 1 111 ? -12.207 -7.705  -8.405  1.00 11.85 ? 111 GLY A O   1 
ATOM   878  N N   . LYS A 1 112 ? -10.851 -9.186  -7.390  1.00 11.92 ? 112 LYS A N   1 
ATOM   879  C CA  . LYS A 1 112 ? -10.822 -8.473  -6.119  1.00 13.33 ? 112 LYS A CA  1 
ATOM   880  C C   . LYS A 1 112 ? -9.342  -8.168  -5.912  1.00 11.84 ? 112 LYS A C   1 
ATOM   881  O O   . LYS A 1 112 ? -8.499  -9.025  -6.206  1.00 11.77 ? 112 LYS A O   1 
ATOM   882  C CB  . LYS A 1 112 ? -11.361 -9.385  -5.011  1.00 13.47 ? 112 LYS A CB  1 
ATOM   883  C CG  . LYS A 1 112 ? -11.687 -8.692  -3.698  1.00 21.63 ? 112 LYS A CG  1 
ATOM   884  C CD  . LYS A 1 112 ? -11.935 -9.726  -2.567  1.00 30.09 ? 112 LYS A CD  1 
ATOM   885  C CE  . LYS A 1 112 ? -13.401 -9.792  -2.094  1.00 36.07 ? 112 LYS A CE  1 
ATOM   886  N NZ  . LYS A 1 112 ? -13.686 -9.107  -0.777  1.00 35.46 ? 112 LYS A NZ  1 
ATOM   887  N N   . MET A 1 113 ? -8.991  -6.937  -5.546  1.00 8.70  ? 113 MET A N   1 
ATOM   888  C CA  . MET A 1 113 ? -7.571  -6.679  -5.338  1.00 10.47 ? 113 MET A CA  1 
ATOM   889  C C   . MET A 1 113 ? -7.117  -7.058  -3.923  1.00 9.29  ? 113 MET A C   1 
ATOM   890  O O   . MET A 1 113 ? -7.647  -6.558  -2.917  1.00 9.97  ? 113 MET A O   1 
ATOM   891  C CB  . MET A 1 113 ? -7.176  -5.237  -5.647  1.00 11.32 ? 113 MET A CB  1 
ATOM   892  C CG  . MET A 1 113 ? -5.700  -4.967  -5.262  1.00 9.99  ? 113 MET A CG  1 
ATOM   893  S SD  . MET A 1 113 ? -5.073  -3.346  -5.659  1.00 7.15  ? 113 MET A SD  1 
ATOM   894  C CE  . MET A 1 113 ? -5.713  -2.328  -4.360  1.00 2.00  ? 113 MET A CE  1 
ATOM   895  N N   . VAL A 1 114 ? -6.126  -7.934  -3.849  1.00 3.50  ? 114 VAL A N   1 
ATOM   896  C CA  . VAL A 1 114 ? -5.626  -8.371  -2.564  1.00 2.64  ? 114 VAL A CA  1 
ATOM   897  C C   . VAL A 1 114 ? -4.191  -7.905  -2.365  1.00 2.27  ? 114 VAL A C   1 
ATOM   898  O O   . VAL A 1 114 ? -3.314  -8.139  -3.189  1.00 3.92  ? 114 VAL A O   1 
ATOM   899  C CB  . VAL A 1 114 ? -5.779  -9.903  -2.398  1.00 2.06  ? 114 VAL A CB  1 
ATOM   900  C CG1 . VAL A 1 114 ? -7.209  -10.303 -2.755  1.00 5.41  ? 114 VAL A CG1 1 
ATOM   901  C CG2 . VAL A 1 114 ? -4.831  -10.644 -3.290  1.00 2.00  ? 114 VAL A CG2 1 
ATOM   902  N N   . MET A 1 115 ? -3.977  -7.150  -1.305  1.00 2.99  ? 115 MET A N   1 
ATOM   903  C CA  . MET A 1 115 ? -2.665  -6.636  -0.989  1.00 2.00  ? 115 MET A CA  1 
ATOM   904  C C   . MET A 1 115 ? -2.189  -7.501  0.158   1.00 4.88  ? 115 MET A C   1 
ATOM   905  O O   . MET A 1 115 ? -2.990  -7.946  0.973   1.00 8.47  ? 115 MET A O   1 
ATOM   906  C CB  . MET A 1 115 ? -2.780  -5.162  -0.565  1.00 2.02  ? 115 MET A CB  1 
ATOM   907  C CG  . MET A 1 115 ? -1.497  -4.557  -0.048  1.00 7.01  ? 115 MET A CG  1 
ATOM   908  S SD  . MET A 1 115 ? -1.441  -2.744  0.056   1.00 14.43 ? 115 MET A SD  1 
ATOM   909  C CE  . MET A 1 115 ? -2.696  -2.470  1.296   1.00 3.66  ? 115 MET A CE  1 
ATOM   910  N N   . THR A 1 116 ? -0.908  -7.809  0.199   1.00 5.69  ? 116 THR A N   1 
ATOM   911  C CA  . THR A 1 116 ? -0.404  -8.608  1.300   1.00 6.98  ? 116 THR A CA  1 
ATOM   912  C C   . THR A 1 116 ? 0.862   -7.913  1.865   1.00 8.21  ? 116 THR A C   1 
ATOM   913  O O   . THR A 1 116 ? 1.932   -7.960  1.265   1.00 12.15 ? 116 THR A O   1 
ATOM   914  C CB  . THR A 1 116 ? -0.229  -10.130 0.876   1.00 5.18  ? 116 THR A CB  1 
ATOM   915  O OG1 . THR A 1 116 ? 1.129   -10.545 0.996   1.00 2.00  ? 116 THR A OG1 1 
ATOM   916  C CG2 . THR A 1 116 ? -0.714  -10.384 -0.559  1.00 3.81  ? 116 THR A CG2 1 
ATOM   917  N N   . LEU A 1 117 ? 0.675   -7.161  2.955   1.00 6.40  ? 117 LEU A N   1 
ATOM   918  C CA  . LEU A 1 117 ? 1.743   -6.402  3.627   1.00 2.85  ? 117 LEU A CA  1 
ATOM   919  C C   . LEU A 1 117 ? 2.625   -7.369  4.399   1.00 5.07  ? 117 LEU A C   1 
ATOM   920  O O   . LEU A 1 117 ? 2.119   -8.269  5.092   1.00 2.00  ? 117 LEU A O   1 
ATOM   921  C CB  . LEU A 1 117 ? 1.165   -5.389  4.633   1.00 2.00  ? 117 LEU A CB  1 
ATOM   922  C CG  . LEU A 1 117 ? -0.065  -4.495  4.407   1.00 2.00  ? 117 LEU A CG  1 
ATOM   923  C CD1 . LEU A 1 117 ? 0.120   -3.570  3.246   1.00 2.00  ? 117 LEU A CD1 1 
ATOM   924  C CD2 . LEU A 1 117 ? -1.297  -5.331  4.186   1.00 2.01  ? 117 LEU A CD2 1 
ATOM   925  N N   . THR A 1 118 ? 3.931   -7.111  4.389   1.00 5.57  ? 118 THR A N   1 
ATOM   926  C CA  . THR A 1 118 ? 4.870   -7.998  5.064   1.00 3.96  ? 118 THR A CA  1 
ATOM   927  C C   . THR A 1 118 ? 6.139   -7.356  5.682   1.00 4.57  ? 118 THR A C   1 
ATOM   928  O O   . THR A 1 118 ? 6.788   -6.510  5.070   1.00 7.45  ? 118 THR A O   1 
ATOM   929  C CB  . THR A 1 118 ? 5.210   -9.195  4.111   1.00 4.66  ? 118 THR A CB  1 
ATOM   930  O OG1 . THR A 1 118 ? 6.418   -9.823  4.525   1.00 8.97  ? 118 THR A OG1 1 
ATOM   931  C CG2 . THR A 1 118 ? 5.323   -8.749  2.637   1.00 5.62  ? 118 THR A CG2 1 
ATOM   932  N N   . PHE A 1 119 ? 6.462   -7.734  6.917   1.00 3.84  ? 119 PHE A N   1 
ATOM   933  C CA  . PHE A 1 119 ? 7.645   -7.211  7.601   1.00 6.90  ? 119 PHE A CA  1 
ATOM   934  C C   . PHE A 1 119 ? 8.224   -8.259  8.564   1.00 6.52  ? 119 PHE A C   1 
ATOM   935  O O   . PHE A 1 119 ? 7.551   -8.731  9.480   1.00 7.84  ? 119 PHE A O   1 
ATOM   936  C CB  . PHE A 1 119 ? 7.296   -5.938  8.367   1.00 6.97  ? 119 PHE A CB  1 
ATOM   937  C CG  . PHE A 1 119 ? 8.478   -5.263  9.001   1.00 6.41  ? 119 PHE A CG  1 
ATOM   938  C CD1 . PHE A 1 119 ? 9.372   -4.534  8.231   1.00 12.19 ? 119 PHE A CD1 1 
ATOM   939  C CD2 . PHE A 1 119 ? 8.681   -5.330  10.380  1.00 9.17  ? 119 PHE A CD2 1 
ATOM   940  C CE1 . PHE A 1 119 ? 10.455  -3.875  8.835   1.00 15.98 ? 119 PHE A CE1 1 
ATOM   941  C CE2 . PHE A 1 119 ? 9.758   -4.679  10.994  1.00 4.44  ? 119 PHE A CE2 1 
ATOM   942  C CZ  . PHE A 1 119 ? 10.637  -3.955  10.231  1.00 9.04  ? 119 PHE A CZ  1 
ATOM   943  N N   . GLY A 1 120 ? 9.493   -8.596  8.396   1.00 2.34  ? 120 GLY A N   1 
ATOM   944  C CA  . GLY A 1 120 ? 10.055  -9.599  9.263   1.00 3.80  ? 120 GLY A CA  1 
ATOM   945  C C   . GLY A 1 120 ? 9.235   -10.822 8.953   1.00 3.87  ? 120 GLY A C   1 
ATOM   946  O O   . GLY A 1 120 ? 8.996   -11.125 7.786   1.00 3.09  ? 120 GLY A O   1 
ATOM   947  N N   . ASP A 1 121 ? 8.787   -11.529 9.976   1.00 7.02  ? 121 ASP A N   1 
ATOM   948  C CA  . ASP A 1 121 ? 7.960   -12.679 9.698   1.00 10.92 ? 121 ASP A CA  1 
ATOM   949  C C   . ASP A 1 121 ? 6.527   -12.489 10.173  1.00 12.33 ? 121 ASP A C   1 
ATOM   950  O O   . ASP A 1 121 ? 5.852   -13.437 10.575  1.00 16.84 ? 121 ASP A O   1 
ATOM   951  C CB  . ASP A 1 121 ? 8.594   -14.014 10.134  1.00 15.06 ? 121 ASP A CB  1 
ATOM   952  C CG  . ASP A 1 121 ? 9.339   -13.932 11.452  1.00 24.24 ? 121 ASP A CG  1 
ATOM   953  O OD1 . ASP A 1 121 ? 8.733   -14.282 12.497  1.00 25.36 ? 121 ASP A OD1 1 
ATOM   954  O OD2 . ASP A 1 121 ? 10.542  -13.568 11.436  1.00 29.95 ? 121 ASP A OD2 1 
ATOM   955  N N   . VAL A 1 122 ? 6.056   -11.248 10.073  1.00 10.07 ? 122 VAL A N   1 
ATOM   956  C CA  . VAL A 1 122 ? 4.686   -10.903 10.431  1.00 10.28 ? 122 VAL A CA  1 
ATOM   957  C C   . VAL A 1 122 ? 3.997   -10.327 9.164   1.00 10.69 ? 122 VAL A C   1 
ATOM   958  O O   . VAL A 1 122 ? 4.308   -9.228  8.693   1.00 9.98  ? 122 VAL A O   1 
ATOM   959  C CB  . VAL A 1 122 ? 4.641   -9.950  11.663  1.00 9.69  ? 122 VAL A CB  1 
ATOM   960  C CG1 . VAL A 1 122 ? 5.405   -8.680  11.402  1.00 8.18  ? 122 VAL A CG1 1 
ATOM   961  C CG2 . VAL A 1 122 ? 3.219   -9.650  12.068  1.00 11.87 ? 122 VAL A CG2 1 
ATOM   962  N N   . VAL A 1 123 ? 3.129   -11.141 8.571   1.00 8.51  ? 123 VAL A N   1 
ATOM   963  C CA  . VAL A 1 123 ? 2.411   -10.802 7.351   1.00 8.86  ? 123 VAL A CA  1 
ATOM   964  C C   . VAL A 1 123 ? 0.996   -10.292 7.663   1.00 9.85  ? 123 VAL A C   1 
ATOM   965  O O   . VAL A 1 123 ? 0.379   -10.712 8.650   1.00 11.23 ? 123 VAL A O   1 
ATOM   966  C CB  . VAL A 1 123 ? 2.280   -12.058 6.450   1.00 11.59 ? 123 VAL A CB  1 
ATOM   967  C CG1 . VAL A 1 123 ? 2.114   -11.662 4.994   1.00 14.96 ? 123 VAL A CG1 1 
ATOM   968  C CG2 . VAL A 1 123 ? 3.482   -12.973 6.622   1.00 11.01 ? 123 VAL A CG2 1 
ATOM   969  N N   . ALA A 1 124 ? 0.473   -9.431  6.794   1.00 4.83  ? 124 ALA A N   1 
ATOM   970  C CA  . ALA A 1 124 ? -0.858  -8.865  6.954   1.00 3.08  ? 124 ALA A CA  1 
ATOM   971  C C   . ALA A 1 124 ? -1.493  -8.937  5.570   1.00 5.99  ? 124 ALA A C   1 
ATOM   972  O O   . ALA A 1 124 ? -0.782  -8.908  4.565   1.00 8.31  ? 124 ALA A O   1 
ATOM   973  C CB  . ALA A 1 124 ? -0.765  -7.435  7.434   1.00 2.00  ? 124 ALA A CB  1 
ATOM   974  N N   . VAL A 1 125 ? -2.817  -9.054  5.499   1.00 6.91  ? 125 VAL A N   1 
ATOM   975  C CA  . VAL A 1 125 ? -3.506  -9.165  4.207   1.00 5.05  ? 125 VAL A CA  1 
ATOM   976  C C   . VAL A 1 125 ? -4.735  -8.268  4.108   1.00 4.83  ? 125 VAL A C   1 
ATOM   977  O O   . VAL A 1 125 ? -5.505  -8.166  5.051   1.00 7.70  ? 125 VAL A O   1 
ATOM   978  C CB  . VAL A 1 125 ? -3.871  -10.627 3.917   1.00 2.87  ? 125 VAL A CB  1 
ATOM   979  C CG1 . VAL A 1 125 ? -4.881  -10.736 2.760   1.00 2.00  ? 125 VAL A CG1 1 
ATOM   980  C CG2 . VAL A 1 125 ? -2.598  -11.397 3.593   1.00 2.00  ? 125 VAL A CG2 1 
ATOM   981  N N   . ARG A 1 126 ? -4.930  -7.643  2.950   1.00 2.79  ? 126 ARG A N   1 
ATOM   982  C CA  . ARG A 1 126 ? -6.042  -6.728  2.760   1.00 3.99  ? 126 ARG A CA  1 
ATOM   983  C C   . ARG A 1 126 ? -6.845  -7.085  1.514   1.00 6.90  ? 126 ARG A C   1 
ATOM   984  O O   . ARG A 1 126 ? -6.299  -7.659  0.557   1.00 6.79  ? 126 ARG A O   1 
ATOM   985  C CB  . ARG A 1 126 ? -5.499  -5.302  2.623   1.00 3.66  ? 126 ARG A CB  1 
ATOM   986  C CG  . ARG A 1 126 ? -4.444  -4.915  3.661   1.00 4.56  ? 126 ARG A CG  1 
ATOM   987  C CD  . ARG A 1 126 ? -5.041  -4.222  4.875   1.00 6.58  ? 126 ARG A CD  1 
ATOM   988  N NE  . ARG A 1 126 ? -5.643  -2.956  4.485   1.00 7.14  ? 126 ARG A NE  1 
ATOM   989  C CZ  . ARG A 1 126 ? -5.934  -1.963  5.317   1.00 8.13  ? 126 ARG A CZ  1 
ATOM   990  N NH1 . ARG A 1 126 ? -5.688  -2.068  6.624   1.00 5.02  ? 126 ARG A NH1 1 
ATOM   991  N NH2 . ARG A 1 126 ? -6.446  -0.843  4.827   1.00 7.22  ? 126 ARG A NH2 1 
ATOM   992  N N   . HIS A 1 127 ? -8.136  -6.746  1.539   1.00 7.38  ? 127 HIS A N   1 
ATOM   993  C CA  . HIS A 1 127 ? -9.050  -7.005  0.427   1.00 8.14  ? 127 HIS A CA  1 
ATOM   994  C C   . HIS A 1 127 ? -9.725  -5.737  -0.099  1.00 11.80 ? 127 HIS A C   1 
ATOM   995  O O   . HIS A 1 127 ? -10.082 -4.826  0.670   1.00 11.19 ? 127 HIS A O   1 
ATOM   996  C CB  . HIS A 1 127 ? -10.084 -8.053  0.820   1.00 8.90  ? 127 HIS A CB  1 
ATOM   997  C CG  . HIS A 1 127 ? -9.534  -9.448  0.827   1.00 14.38 ? 127 HIS A CG  1 
ATOM   998  N ND1 . HIS A 1 127 ? -8.818  -9.966  1.892   1.00 17.05 ? 127 HIS A ND1 1 
ATOM   999  C CD2 . HIS A 1 127 ? -9.532  -10.409 -0.131  1.00 8.15  ? 127 HIS A CD2 1 
ATOM   1000 C CE1 . HIS A 1 127 ? -8.396  -11.179 1.586   1.00 15.07 ? 127 HIS A CE1 1 
ATOM   1001 N NE2 . HIS A 1 127 ? -8.817  -11.471 0.369   1.00 12.48 ? 127 HIS A NE2 1 
ATOM   1002 N N   . TYR A 1 128 ? -9.878  -5.669  -1.420  1.00 11.19 ? 128 TYR A N   1 
ATOM   1003 C CA  . TYR A 1 128 ? -10.460 -4.502  -2.054  1.00 10.01 ? 128 TYR A CA  1 
ATOM   1004 C C   . TYR A 1 128 ? -11.513 -4.865  -3.090  1.00 11.20 ? 128 TYR A C   1 
ATOM   1005 O O   . TYR A 1 128 ? -11.340 -5.829  -3.835  1.00 9.33  ? 128 TYR A O   1 
ATOM   1006 C CB  . TYR A 1 128 ? -9.333  -3.677  -2.694  1.00 10.62 ? 128 TYR A CB  1 
ATOM   1007 C CG  . TYR A 1 128 ? -8.422  -3.002  -1.675  1.00 11.14 ? 128 TYR A CG  1 
ATOM   1008 C CD1 . TYR A 1 128 ? -8.747  -1.756  -1.149  1.00 12.04 ? 128 TYR A CD1 1 
ATOM   1009 C CD2 . TYR A 1 128 ? -7.265  -3.627  -1.205  1.00 4.86  ? 128 TYR A CD2 1 
ATOM   1010 C CE1 . TYR A 1 128 ? -7.950  -1.155  -0.188  1.00 12.65 ? 128 TYR A CE1 1 
ATOM   1011 C CE2 . TYR A 1 128 ? -6.463  -3.031  -0.238  1.00 2.01  ? 128 TYR A CE2 1 
ATOM   1012 C CZ  . TYR A 1 128 ? -6.808  -1.795  0.265   1.00 8.53  ? 128 TYR A CZ  1 
ATOM   1013 O OH  . TYR A 1 128 ? -6.015  -1.184  1.220   1.00 12.35 ? 128 TYR A OH  1 
ATOM   1014 N N   . GLU A 1 129 ? -12.611 -4.103  -3.102  1.00 12.09 ? 129 GLU A N   1 
ATOM   1015 C CA  . GLU A 1 129 ? -13.709 -4.292  -4.045  1.00 14.97 ? 129 GLU A CA  1 
ATOM   1016 C C   . GLU A 1 129 ? -13.813 -3.109  -4.985  1.00 17.42 ? 129 GLU A C   1 
ATOM   1017 O O   . GLU A 1 129 ? -13.906 -1.951  -4.545  1.00 13.90 ? 129 GLU A O   1 
ATOM   1018 C CB  . GLU A 1 129 ? -15.025 -4.480  -3.320  1.00 19.76 ? 129 GLU A CB  1 
ATOM   1019 C CG  . GLU A 1 129 ? -15.267 -5.914  -2.953  1.00 29.92 ? 129 GLU A CG  1 
ATOM   1020 C CD  . GLU A 1 129 ? -16.532 -6.423  -3.561  1.00 34.94 ? 129 GLU A CD  1 
ATOM   1021 O OE1 . GLU A 1 129 ? -17.585 -5.828  -3.245  1.00 37.93 ? 129 GLU A OE1 1 
ATOM   1022 O OE2 . GLU A 1 129 ? -16.470 -7.386  -4.366  1.00 38.11 ? 129 GLU A OE2 1 
ATOM   1023 N N   . LYS A 1 130 ? -13.793 -3.407  -6.283  1.00 17.76 ? 130 LYS A N   1 
ATOM   1024 C CA  . LYS A 1 130 ? -13.843 -2.377  -7.309  1.00 16.01 ? 130 LYS A CA  1 
ATOM   1025 C C   . LYS A 1 130 ? -15.193 -1.664  -7.292  1.00 18.56 ? 130 LYS A C   1 
ATOM   1026 O O   . LYS A 1 130 ? -16.216 -2.240  -7.671  1.00 18.97 ? 130 LYS A O   1 
ATOM   1027 C CB  . LYS A 1 130 ? -13.569 -3.015  -8.668  1.00 12.76 ? 130 LYS A CB  1 
ATOM   1028 C CG  . LYS A 1 130 ? -13.122 -2.028  -9.709  1.00 14.23 ? 130 LYS A CG  1 
ATOM   1029 C CD  . LYS A 1 130 ? -13.545 -2.419  -11.119 1.00 13.46 ? 130 LYS A CD  1 
ATOM   1030 C CE  . LYS A 1 130 ? -12.567 -3.344  -11.782 1.00 7.96  ? 130 LYS A CE  1 
ATOM   1031 N NZ  . LYS A 1 130 ? -12.613 -4.681  -11.169 1.00 13.77 ? 130 LYS A NZ  1 
ATOM   1032 N N   . ALA A 1 131 ? -15.201 -0.440  -6.772  1.00 22.22 ? 131 ALA A N   1 
ATOM   1033 C CA  . ALA A 1 131 ? -16.425 0.346   -6.691  1.00 23.68 ? 131 ALA A CA  1 
ATOM   1034 C C   . ALA A 1 131 ? -16.362 1.476   -7.711  1.00 29.73 ? 131 ALA A C   1 
ATOM   1035 O O   . ALA A 1 131 ? -16.333 1.163   -8.933  1.00 33.12 ? 131 ALA A O   1 
ATOM   1036 C CB  . ALA A 1 131 ? -16.599 0.898   -5.295  1.00 19.84 ? 131 ALA A CB  1 
ATOM   1037 O OXT . ALA A 1 131 ? -16.312 2.659   -7.284  1.00 33.75 ? 131 ALA A OXT 1 
HETATM 1038 C C1  . OLA B 2 .   ? -3.888  1.379   2.429   1.00 25.23 ? 133 OLA A C1  1 
HETATM 1039 O O1  . OLA B 2 .   ? -3.626  2.146   1.477   1.00 24.81 ? 133 OLA A O1  1 
HETATM 1040 O O2  . OLA B 2 .   ? -5.056  1.100   2.769   1.00 25.14 ? 133 OLA A O2  1 
HETATM 1041 C C2  . OLA B 2 .   ? -2.742  0.753   3.206   1.00 25.72 ? 133 OLA A C2  1 
HETATM 1042 C C3  . OLA B 2 .   ? -1.602  1.726   3.467   1.00 24.23 ? 133 OLA A C3  1 
HETATM 1043 C C4  . OLA B 2 .   ? -0.467  1.066   4.235   1.00 24.91 ? 133 OLA A C4  1 
HETATM 1044 C C5  . OLA B 2 .   ? 0.685   2.038   4.445   1.00 25.33 ? 133 OLA A C5  1 
HETATM 1045 C C6  . OLA B 2 .   ? 1.835   1.412   5.229   1.00 25.32 ? 133 OLA A C6  1 
HETATM 1046 C C7  . OLA B 2 .   ? 1.444   1.085   6.667   1.00 25.94 ? 133 OLA A C7  1 
HETATM 1047 C C8  . OLA B 2 .   ? 0.989   2.329   7.414   1.00 24.65 ? 133 OLA A C8  1 
HETATM 1048 C C9  . OLA B 2 .   ? 0.531   2.486   8.865   1.00 23.43 ? 133 OLA A C9  1 
HETATM 1049 C C10 . OLA B 2 .   ? -0.066  3.617   9.257   1.00 25.33 ? 133 OLA A C10 1 
HETATM 1050 C C11 . OLA B 2 .   ? -1.553  3.883   9.020   1.00 24.12 ? 133 OLA A C11 1 
HETATM 1051 C C12 . OLA B 2 .   ? -2.604  2.819   8.731   1.00 24.82 ? 133 OLA A C12 1 
HETATM 1052 C C13 . OLA B 2 .   ? -3.825  3.407   8.045   1.00 25.72 ? 133 OLA A C13 1 
HETATM 1053 C C14 . OLA B 2 .   ? -3.536  3.715   6.582   1.00 22.34 ? 133 OLA A C14 1 
HETATM 1054 C C15 . OLA B 2 .   ? -4.742  4.332   5.885   1.00 25.91 ? 133 OLA A C15 1 
HETATM 1055 C C16 . OLA B 2 .   ? -5.015  5.750   6.370   1.00 24.77 ? 133 OLA A C16 1 
HETATM 1056 C C17 . OLA B 2 .   ? -3.886  6.705   5.993   1.00 24.43 ? 133 OLA A C17 1 
HETATM 1057 C C18 . OLA B 2 .   ? -3.740  6.836   4.483   1.00 25.78 ? 133 OLA A C18 1 
# 
